data_2KEY
#
_entry.id   2KEY
#
_entity_poly.entity_id   1
_entity_poly.type   'polypeptide(L)'
_entity_poly.pdbx_seq_one_letter_code
;MNNPSDFKSFHDFVASYMKTYSRRLEIGTFRHHKSCMRKFKEYCEGLQFHELTEDFLRDYLIYMKKTLCNADSTAQRNLS
TIKIYVSAAIKKGYMENDPFKDFGLEHHHHHH
;
_entity_poly.pdbx_strand_id   A
#
# COMPACT_ATOMS: atom_id res chain seq x y z
N MET A 1 11.28 2.32 -23.16
CA MET A 1 11.70 2.13 -21.75
C MET A 1 11.99 0.65 -21.48
N ASN A 2 13.12 0.40 -20.83
CA ASN A 2 13.50 -0.96 -20.45
C ASN A 2 14.12 -0.97 -19.05
N ASN A 3 13.27 -1.17 -18.06
CA ASN A 3 13.70 -1.17 -16.66
C ASN A 3 13.05 -2.32 -15.90
N PRO A 4 13.69 -3.51 -15.92
CA PRO A 4 13.19 -4.69 -15.21
C PRO A 4 13.18 -4.50 -13.71
N SER A 5 12.10 -3.91 -13.20
CA SER A 5 11.91 -3.68 -11.77
C SER A 5 13.03 -2.82 -11.18
N ASP A 6 12.97 -1.53 -11.46
CA ASP A 6 13.95 -0.56 -10.94
C ASP A 6 13.50 -0.05 -9.57
N PHE A 7 12.43 -0.66 -9.08
CA PHE A 7 11.84 -0.28 -7.81
C PHE A 7 12.11 -1.33 -6.75
N LYS A 8 12.89 -0.94 -5.76
CA LYS A 8 13.22 -1.80 -4.65
C LYS A 8 12.27 -1.58 -3.49
N SER A 9 11.58 -0.45 -3.50
CA SER A 9 10.75 -0.06 -2.38
C SER A 9 9.27 -0.09 -2.75
N PHE A 10 8.44 -0.32 -1.75
CA PHE A 10 6.99 -0.38 -1.93
C PHE A 10 6.46 0.88 -2.60
N HIS A 11 6.96 2.05 -2.19
CA HIS A 11 6.45 3.31 -2.71
C HIS A 11 6.90 3.53 -4.15
N ASP A 12 8.01 2.91 -4.51
CA ASP A 12 8.48 2.95 -5.89
C ASP A 12 7.72 1.95 -6.74
N PHE A 13 7.41 0.80 -6.14
CA PHE A 13 6.65 -0.25 -6.81
C PHE A 13 5.27 0.27 -7.17
N VAL A 14 4.61 0.87 -6.20
CA VAL A 14 3.28 1.44 -6.40
C VAL A 14 3.31 2.51 -7.49
N ALA A 15 4.29 3.41 -7.41
CA ALA A 15 4.41 4.50 -8.36
C ALA A 15 4.55 3.99 -9.79
N SER A 16 5.18 2.84 -9.96
CA SER A 16 5.36 2.26 -11.29
C SER A 16 4.13 1.48 -11.71
N TYR A 17 3.67 0.57 -10.86
CA TYR A 17 2.55 -0.30 -11.20
C TYR A 17 1.27 0.52 -11.36
N MET A 18 1.20 1.65 -10.65
CA MET A 18 0.04 2.54 -10.68
C MET A 18 -0.33 2.93 -12.11
N LYS A 19 0.63 2.94 -13.02
CA LYS A 19 0.36 3.25 -14.43
C LYS A 19 -0.79 2.41 -14.98
N THR A 20 -0.95 1.19 -14.44
CA THR A 20 -2.00 0.29 -14.88
C THR A 20 -3.37 0.78 -14.40
N TYR A 21 -3.37 1.57 -13.33
CA TYR A 21 -4.59 2.09 -12.75
C TYR A 21 -4.81 3.53 -13.14
N SER A 22 -3.74 4.30 -13.31
CA SER A 22 -3.85 5.71 -13.67
C SER A 22 -4.40 5.87 -15.08
N ARG A 23 -4.24 4.83 -15.90
CA ARG A 23 -4.80 4.82 -17.24
C ARG A 23 -6.33 4.75 -17.16
N ARG A 24 -6.82 4.34 -16.00
CA ARG A 24 -8.25 4.24 -15.76
C ARG A 24 -8.63 5.01 -14.49
N LEU A 25 -7.79 5.98 -14.13
CA LEU A 25 -8.04 6.83 -12.99
C LEU A 25 -8.02 8.27 -13.45
N GLU A 26 -8.36 9.19 -12.57
CA GLU A 26 -8.16 10.59 -12.85
C GLU A 26 -6.83 11.03 -12.30
N ILE A 27 -6.40 12.21 -12.69
CA ILE A 27 -5.07 12.68 -12.32
C ILE A 27 -5.04 13.16 -10.88
N GLY A 28 -6.20 13.62 -10.39
CA GLY A 28 -6.30 14.20 -9.07
C GLY A 28 -5.67 13.34 -7.98
N THR A 29 -6.15 12.12 -7.82
CA THR A 29 -5.64 11.24 -6.80
C THR A 29 -4.24 10.72 -7.17
N PHE A 30 -4.05 10.37 -8.45
CA PHE A 30 -2.73 9.94 -8.92
C PHE A 30 -1.62 10.92 -8.52
N ARG A 31 -1.80 12.21 -8.85
CA ARG A 31 -0.76 13.21 -8.59
C ARG A 31 -0.59 13.45 -7.10
N HIS A 32 -1.65 13.25 -6.32
CA HIS A 32 -1.59 13.48 -4.89
C HIS A 32 -0.75 12.41 -4.20
N HIS A 33 -0.91 11.15 -4.59
CA HIS A 33 -0.13 10.08 -4.01
C HIS A 33 1.28 10.06 -4.60
N LYS A 34 1.39 10.59 -5.82
CA LYS A 34 2.67 10.64 -6.55
C LYS A 34 3.73 11.40 -5.76
N SER A 35 3.38 12.59 -5.29
CA SER A 35 4.29 13.44 -4.55
C SER A 35 4.63 12.82 -3.20
N CYS A 36 3.64 12.18 -2.60
CA CYS A 36 3.77 11.61 -1.27
C CYS A 36 4.81 10.49 -1.23
N MET A 37 4.62 9.50 -2.09
CA MET A 37 5.46 8.30 -2.08
C MET A 37 6.92 8.61 -2.36
N ARG A 38 7.19 9.69 -3.07
CA ARG A 38 8.55 10.08 -3.41
C ARG A 38 9.30 10.57 -2.18
N LYS A 39 8.71 11.51 -1.46
CA LYS A 39 9.35 12.09 -0.28
C LYS A 39 9.19 11.17 0.93
N PHE A 40 8.42 10.11 0.76
CA PHE A 40 8.18 9.11 1.81
C PHE A 40 9.43 8.27 2.10
N LYS A 41 10.54 8.61 1.46
CA LYS A 41 11.78 7.84 1.57
C LYS A 41 12.51 8.15 2.89
N GLU A 42 11.82 8.73 3.86
CA GLU A 42 12.43 9.07 5.14
C GLU A 42 12.73 7.82 5.94
N TYR A 43 11.86 6.82 5.84
CA TYR A 43 12.07 5.55 6.53
C TYR A 43 12.97 4.63 5.71
N CYS A 44 13.08 4.93 4.42
CA CYS A 44 13.92 4.15 3.51
C CYS A 44 13.46 2.70 3.43
N GLU A 45 14.31 1.83 2.89
CA GLU A 45 14.04 0.39 2.80
C GLU A 45 12.98 0.08 1.74
N GLY A 46 12.98 -1.17 1.27
CA GLY A 46 12.04 -1.58 0.25
C GLY A 46 10.75 -2.11 0.83
N LEU A 47 10.87 -2.98 1.82
CA LEU A 47 9.72 -3.63 2.47
C LEU A 47 9.09 -4.67 1.55
N GLN A 48 9.29 -5.93 1.89
CA GLN A 48 8.80 -7.04 1.06
C GLN A 48 7.47 -7.58 1.57
N PHE A 49 7.07 -8.72 1.03
CA PHE A 49 5.79 -9.36 1.34
C PHE A 49 5.66 -9.63 2.84
N HIS A 50 6.76 -10.04 3.47
CA HIS A 50 6.73 -10.49 4.86
C HIS A 50 6.72 -9.31 5.84
N GLU A 51 7.15 -8.14 5.38
CA GLU A 51 7.19 -6.97 6.24
C GLU A 51 5.84 -6.26 6.21
N LEU A 52 5.05 -6.58 5.21
CA LEU A 52 3.72 -6.00 5.07
C LEU A 52 2.72 -6.81 5.91
N THR A 53 2.44 -6.32 7.10
CA THR A 53 1.55 -7.03 8.02
C THR A 53 0.34 -6.18 8.39
N GLU A 54 -0.66 -6.82 8.99
CA GLU A 54 -1.86 -6.13 9.45
C GLU A 54 -1.50 -5.11 10.51
N ASP A 55 -0.55 -5.48 11.37
CA ASP A 55 -0.09 -4.59 12.44
C ASP A 55 0.66 -3.40 11.84
N PHE A 56 1.36 -3.63 10.73
CA PHE A 56 2.03 -2.55 10.03
C PHE A 56 1.01 -1.52 9.54
N LEU A 57 -0.01 -2.02 8.84
CA LEU A 57 -1.10 -1.18 8.37
C LEU A 57 -1.77 -0.46 9.54
N ARG A 58 -1.92 -1.18 10.64
CA ARG A 58 -2.48 -0.63 11.86
C ARG A 58 -1.61 0.51 12.40
N ASP A 59 -0.33 0.22 12.59
CA ASP A 59 0.61 1.18 13.17
C ASP A 59 0.77 2.40 12.29
N TYR A 60 0.87 2.18 10.98
CA TYR A 60 1.08 3.28 10.05
C TYR A 60 -0.20 4.08 9.88
N LEU A 61 -1.35 3.43 10.05
CA LEU A 61 -2.61 4.13 10.10
C LEU A 61 -2.59 5.15 11.23
N ILE A 62 -2.23 4.67 12.41
CA ILE A 62 -2.09 5.53 13.58
C ILE A 62 -1.04 6.61 13.33
N TYR A 63 0.12 6.21 12.83
CA TYR A 63 1.21 7.15 12.56
C TYR A 63 0.77 8.27 11.61
N MET A 64 0.07 7.89 10.55
CA MET A 64 -0.36 8.85 9.53
C MET A 64 -1.44 9.79 10.07
N LYS A 65 -2.36 9.23 10.84
CA LYS A 65 -3.44 10.00 11.42
C LYS A 65 -2.95 10.86 12.58
N LYS A 66 -2.06 10.30 13.39
CA LYS A 66 -1.58 10.95 14.61
C LYS A 66 -0.40 11.88 14.34
N THR A 67 0.72 11.30 13.90
CA THR A 67 1.94 12.06 13.73
C THR A 67 1.88 12.97 12.50
N LEU A 68 1.46 12.41 11.37
CA LEU A 68 1.32 13.18 10.15
C LEU A 68 0.07 14.06 10.22
N CYS A 69 -0.90 13.60 11.01
CA CYS A 69 -2.14 14.34 11.24
C CYS A 69 -2.94 14.48 9.95
N ASN A 70 -3.74 13.46 9.66
CA ASN A 70 -4.58 13.45 8.47
C ASN A 70 -5.94 12.86 8.80
N ALA A 71 -6.89 13.03 7.91
CA ALA A 71 -8.24 12.52 8.11
C ALA A 71 -8.30 11.02 7.81
N ASP A 72 -9.35 10.36 8.28
CA ASP A 72 -9.52 8.92 8.06
C ASP A 72 -9.57 8.60 6.58
N SER A 73 -10.25 9.43 5.81
CA SER A 73 -10.37 9.24 4.37
C SER A 73 -8.99 9.31 3.71
N THR A 74 -8.19 10.28 4.16
CA THR A 74 -6.85 10.46 3.63
C THR A 74 -5.98 9.25 3.99
N ALA A 75 -6.09 8.81 5.24
CA ALA A 75 -5.31 7.69 5.73
C ALA A 75 -5.70 6.39 5.02
N GLN A 76 -7.01 6.12 4.94
CA GLN A 76 -7.52 4.92 4.32
C GLN A 76 -7.13 4.88 2.84
N ARG A 77 -7.20 6.05 2.19
CA ARG A 77 -6.82 6.15 0.79
C ARG A 77 -5.34 5.87 0.58
N ASN A 78 -4.50 6.42 1.44
CA ASN A 78 -3.07 6.25 1.32
C ASN A 78 -2.67 4.81 1.61
N LEU A 79 -3.33 4.20 2.57
CA LEU A 79 -3.08 2.80 2.91
C LEU A 79 -3.54 1.87 1.80
N SER A 80 -4.67 2.20 1.18
CA SER A 80 -5.18 1.41 0.07
C SER A 80 -4.31 1.61 -1.17
N THR A 81 -3.48 2.65 -1.15
CA THR A 81 -2.50 2.85 -2.21
C THR A 81 -1.40 1.79 -2.11
N ILE A 82 -1.00 1.51 -0.87
CA ILE A 82 -0.08 0.41 -0.61
C ILE A 82 -0.78 -0.92 -0.91
N LYS A 83 -2.05 -0.98 -0.53
CA LYS A 83 -2.90 -2.15 -0.79
C LYS A 83 -2.92 -2.47 -2.28
N ILE A 84 -2.76 -1.45 -3.12
CA ILE A 84 -2.71 -1.64 -4.57
C ILE A 84 -1.59 -2.61 -4.97
N TYR A 85 -0.35 -2.32 -4.56
CA TYR A 85 0.77 -3.16 -4.96
C TYR A 85 0.71 -4.50 -4.24
N VAL A 86 0.21 -4.47 -3.01
CA VAL A 86 -0.01 -5.69 -2.25
C VAL A 86 -0.97 -6.61 -2.98
N SER A 87 -2.10 -6.03 -3.37
CA SER A 87 -3.14 -6.75 -4.10
C SER A 87 -2.63 -7.25 -5.44
N ALA A 88 -1.80 -6.46 -6.10
CA ALA A 88 -1.17 -6.88 -7.34
C ALA A 88 -0.28 -8.09 -7.10
N ALA A 89 0.48 -8.03 -6.01
CA ALA A 89 1.35 -9.11 -5.61
C ALA A 89 0.55 -10.33 -5.17
N ILE A 90 -0.69 -10.11 -4.78
CA ILE A 90 -1.57 -11.21 -4.44
C ILE A 90 -2.18 -11.83 -5.70
N LYS A 91 -2.60 -10.97 -6.63
CA LYS A 91 -3.34 -11.41 -7.79
C LYS A 91 -2.47 -12.23 -8.75
N LYS A 92 -1.25 -11.77 -9.00
CA LYS A 92 -0.37 -12.44 -9.93
C LYS A 92 1.06 -12.46 -9.40
N GLY A 93 1.21 -12.25 -8.11
CA GLY A 93 2.54 -12.21 -7.54
C GLY A 93 2.87 -13.44 -6.74
N TYR A 94 2.98 -13.29 -5.43
CA TYR A 94 3.39 -14.38 -4.56
C TYR A 94 2.68 -14.31 -3.21
N MET A 95 1.89 -13.27 -3.00
CA MET A 95 1.20 -13.08 -1.73
C MET A 95 -0.16 -13.77 -1.78
N GLU A 96 -0.54 -14.42 -0.70
CA GLU A 96 -1.76 -15.22 -0.68
C GLU A 96 -2.95 -14.39 -0.23
N ASN A 97 -2.75 -13.63 0.83
CA ASN A 97 -3.83 -12.85 1.43
C ASN A 97 -3.38 -11.44 1.72
N ASP A 98 -4.31 -10.51 1.64
CA ASP A 98 -4.05 -9.12 1.95
C ASP A 98 -4.23 -8.89 3.46
N PRO A 99 -3.50 -7.92 4.02
CA PRO A 99 -3.58 -7.61 5.45
C PRO A 99 -4.98 -7.16 5.87
N PHE A 100 -5.65 -6.43 4.98
CA PHE A 100 -6.97 -5.86 5.27
C PHE A 100 -8.05 -6.95 5.35
N LYS A 101 -7.72 -8.15 4.91
CA LYS A 101 -8.66 -9.24 4.95
C LYS A 101 -8.86 -9.73 6.39
N ASP A 102 -7.77 -9.76 7.15
CA ASP A 102 -7.83 -10.13 8.56
C ASP A 102 -7.95 -8.89 9.44
N PHE A 103 -7.37 -7.81 8.96
CA PHE A 103 -7.35 -6.55 9.71
C PHE A 103 -8.70 -5.84 9.64
N GLY A 104 -9.37 -5.95 8.51
CA GLY A 104 -10.64 -5.26 8.33
C GLY A 104 -11.83 -6.17 8.54
N LEU A 105 -11.76 -7.39 8.04
CA LEU A 105 -12.89 -8.30 8.10
C LEU A 105 -12.67 -9.41 9.11
N GLU A 106 -13.16 -9.21 10.33
CA GLU A 106 -13.22 -10.29 11.29
C GLU A 106 -14.42 -11.16 10.94
N HIS A 107 -14.17 -12.46 10.79
CA HIS A 107 -15.18 -13.39 10.30
C HIS A 107 -16.43 -13.37 11.18
N HIS A 108 -16.21 -13.36 12.50
CA HIS A 108 -17.30 -13.32 13.48
C HIS A 108 -18.07 -14.64 13.50
N HIS A 109 -18.68 -14.98 12.37
CA HIS A 109 -19.45 -16.20 12.24
C HIS A 109 -18.81 -17.13 11.23
N HIS A 110 -18.38 -18.29 11.70
CA HIS A 110 -17.84 -19.34 10.83
C HIS A 110 -18.42 -20.68 11.24
N HIS A 111 -19.64 -20.94 10.80
CA HIS A 111 -20.41 -22.10 11.24
C HIS A 111 -20.49 -22.10 12.77
N HIS A 112 -19.68 -22.95 13.40
CA HIS A 112 -19.47 -22.94 14.86
C HIS A 112 -18.73 -24.21 15.26
N MET A 1 6.80 -6.82 -19.30
CA MET A 1 7.11 -6.01 -18.11
C MET A 1 8.60 -5.81 -17.98
N ASN A 2 9.08 -4.65 -18.42
CA ASN A 2 10.47 -4.28 -18.28
C ASN A 2 10.58 -2.84 -17.83
N ASN A 3 11.16 -2.66 -16.66
CA ASN A 3 11.35 -1.34 -16.07
C ASN A 3 12.55 -1.40 -15.14
N PRO A 4 13.34 -0.32 -15.08
CA PRO A 4 14.50 -0.23 -14.18
C PRO A 4 14.17 -0.66 -12.74
N SER A 5 12.93 -0.39 -12.32
CA SER A 5 12.47 -0.72 -10.97
C SER A 5 13.38 -0.04 -9.96
N ASP A 6 13.67 1.23 -10.23
CA ASP A 6 14.63 2.00 -9.44
C ASP A 6 13.97 2.60 -8.21
N PHE A 7 12.75 2.15 -7.95
CA PHE A 7 12.01 2.59 -6.81
C PHE A 7 12.48 1.83 -5.57
N LYS A 8 12.96 2.58 -4.59
CA LYS A 8 13.60 1.99 -3.43
C LYS A 8 12.63 1.67 -2.31
N SER A 9 11.35 1.77 -2.61
CA SER A 9 10.31 1.32 -1.70
C SER A 9 9.13 0.81 -2.48
N PHE A 10 8.40 -0.13 -1.91
CA PHE A 10 7.17 -0.63 -2.51
C PHE A 10 6.15 0.50 -2.61
N HIS A 11 6.25 1.46 -1.68
CA HIS A 11 5.33 2.59 -1.65
C HIS A 11 5.51 3.45 -2.89
N ASP A 12 6.76 3.64 -3.29
CA ASP A 12 7.11 4.44 -4.46
C ASP A 12 6.86 3.64 -5.73
N PHE A 13 7.13 2.33 -5.64
CA PHE A 13 6.91 1.40 -6.75
C PHE A 13 5.42 1.35 -7.12
N VAL A 14 4.56 1.39 -6.11
CA VAL A 14 3.11 1.36 -6.33
C VAL A 14 2.67 2.48 -7.26
N ALA A 15 3.26 3.65 -7.11
CA ALA A 15 2.90 4.80 -7.92
C ALA A 15 3.12 4.53 -9.40
N SER A 16 4.16 3.77 -9.72
CA SER A 16 4.49 3.45 -11.10
C SER A 16 3.46 2.48 -11.68
N TYR A 17 3.06 1.50 -10.88
CA TYR A 17 2.07 0.53 -11.34
C TYR A 17 0.69 1.18 -11.41
N MET A 18 0.41 2.02 -10.41
CA MET A 18 -0.82 2.79 -10.36
C MET A 18 -0.98 3.59 -11.64
N LYS A 19 0.08 4.29 -12.02
CA LYS A 19 0.11 5.13 -13.21
C LYS A 19 -0.37 4.37 -14.45
N THR A 20 -0.04 3.09 -14.51
CA THR A 20 -0.40 2.24 -15.65
C THR A 20 -1.90 2.29 -15.93
N TYR A 21 -2.72 2.02 -14.93
CA TYR A 21 -4.17 2.03 -15.13
C TYR A 21 -4.76 3.40 -14.77
N SER A 22 -3.96 4.27 -14.20
CA SER A 22 -4.38 5.65 -13.95
C SER A 22 -4.48 6.43 -15.26
N ARG A 23 -4.02 5.80 -16.33
CA ARG A 23 -4.12 6.37 -17.67
C ARG A 23 -5.57 6.71 -18.01
N ARG A 24 -6.51 5.97 -17.42
CA ARG A 24 -7.94 6.19 -17.66
C ARG A 24 -8.45 7.35 -16.81
N LEU A 25 -7.66 7.75 -15.84
CA LEU A 25 -8.01 8.84 -14.95
C LEU A 25 -7.47 10.15 -15.49
N GLU A 26 -8.13 11.23 -15.13
CA GLU A 26 -7.66 12.56 -15.45
C GLU A 26 -6.42 12.88 -14.63
N ILE A 27 -5.60 13.78 -15.14
CA ILE A 27 -4.39 14.20 -14.44
C ILE A 27 -4.74 14.78 -13.08
N GLY A 28 -5.89 15.46 -13.02
CA GLY A 28 -6.36 16.04 -11.79
C GLY A 28 -6.56 15.01 -10.69
N THR A 29 -7.01 13.82 -11.06
CA THR A 29 -7.23 12.76 -10.09
C THR A 29 -5.91 12.10 -9.73
N PHE A 30 -5.12 11.78 -10.75
CA PHE A 30 -3.84 11.09 -10.59
C PHE A 30 -2.88 11.85 -9.67
N ARG A 31 -2.78 13.16 -9.86
CA ARG A 31 -1.83 13.99 -9.09
C ARG A 31 -2.10 13.95 -7.59
N HIS A 32 -3.32 13.56 -7.20
CA HIS A 32 -3.71 13.54 -5.78
C HIS A 32 -2.73 12.70 -4.94
N HIS A 33 -2.47 11.48 -5.38
CA HIS A 33 -1.64 10.56 -4.60
C HIS A 33 -0.30 10.33 -5.28
N LYS A 34 -0.11 10.96 -6.42
CA LYS A 34 1.12 10.81 -7.19
C LYS A 34 2.31 11.40 -6.46
N SER A 35 2.17 12.65 -6.04
CA SER A 35 3.28 13.41 -5.47
C SER A 35 3.43 13.20 -3.96
N CYS A 36 2.79 12.15 -3.43
CA CYS A 36 2.84 11.87 -2.00
C CYS A 36 4.17 11.22 -1.61
N MET A 37 4.38 9.98 -2.08
CA MET A 37 5.55 9.21 -1.70
C MET A 37 6.84 9.83 -2.21
N ARG A 38 6.75 10.52 -3.34
CA ARG A 38 7.90 11.15 -3.97
C ARG A 38 8.42 12.34 -3.14
N LYS A 39 7.51 13.09 -2.54
CA LYS A 39 7.89 14.25 -1.78
C LYS A 39 8.51 13.86 -0.44
N PHE A 40 7.83 12.96 0.26
CA PHE A 40 8.26 12.54 1.60
C PHE A 40 9.51 11.68 1.52
N LYS A 41 9.74 11.09 0.35
CA LYS A 41 10.82 10.14 0.12
C LYS A 41 10.57 8.86 0.90
N GLU A 42 9.59 8.09 0.44
CA GLU A 42 9.26 6.82 1.05
C GLU A 42 10.36 5.79 0.77
N TYR A 43 10.93 5.25 1.82
CA TYR A 43 11.98 4.24 1.69
C TYR A 43 11.61 2.99 2.46
N CYS A 44 11.83 1.84 1.83
CA CYS A 44 11.57 0.56 2.46
C CYS A 44 12.65 -0.42 2.05
N GLU A 45 13.70 -0.52 2.87
CA GLU A 45 14.81 -1.42 2.57
C GLU A 45 14.55 -2.77 3.21
N GLY A 46 13.34 -3.27 3.02
CA GLY A 46 12.94 -4.52 3.59
C GLY A 46 11.49 -4.80 3.28
N LEU A 47 10.72 -5.09 4.34
CA LEU A 47 9.32 -5.47 4.23
C LEU A 47 9.19 -6.82 3.53
N GLN A 48 8.62 -7.78 4.22
CA GLN A 48 8.53 -9.12 3.73
C GLN A 48 7.08 -9.48 3.42
N PHE A 49 6.87 -10.59 2.73
CA PHE A 49 5.54 -10.99 2.33
C PHE A 49 4.65 -11.26 3.54
N HIS A 50 5.23 -11.87 4.58
CA HIS A 50 4.51 -12.16 5.80
C HIS A 50 4.66 -11.02 6.82
N GLU A 51 5.27 -9.93 6.38
CA GLU A 51 5.44 -8.77 7.24
C GLU A 51 4.31 -7.78 7.02
N LEU A 52 3.77 -7.79 5.81
CA LEU A 52 2.64 -6.93 5.48
C LEU A 52 1.36 -7.55 6.03
N THR A 53 1.10 -7.29 7.29
CA THR A 53 -0.03 -7.89 7.98
C THR A 53 -0.89 -6.83 8.68
N GLU A 54 -1.91 -7.28 9.40
CA GLU A 54 -2.81 -6.39 10.11
C GLU A 54 -2.03 -5.50 11.08
N ASP A 55 -1.05 -6.09 11.76
CA ASP A 55 -0.23 -5.37 12.73
C ASP A 55 0.52 -4.22 12.05
N PHE A 56 1.10 -4.49 10.89
CA PHE A 56 1.84 -3.48 10.16
C PHE A 56 0.92 -2.34 9.73
N LEU A 57 -0.24 -2.70 9.19
CA LEU A 57 -1.22 -1.71 8.76
C LEU A 57 -1.67 -0.85 9.94
N ARG A 58 -1.97 -1.50 11.06
CA ARG A 58 -2.43 -0.80 12.25
C ARG A 58 -1.39 0.20 12.75
N ASP A 59 -0.15 -0.27 12.86
CA ASP A 59 0.94 0.57 13.39
C ASP A 59 1.24 1.72 12.44
N TYR A 60 1.30 1.43 11.15
CA TYR A 60 1.65 2.42 10.14
C TYR A 60 0.53 3.46 10.00
N LEU A 61 -0.70 2.99 10.17
CA LEU A 61 -1.87 3.87 10.16
C LEU A 61 -1.75 4.92 11.26
N ILE A 62 -1.43 4.47 12.46
CA ILE A 62 -1.23 5.37 13.60
C ILE A 62 -0.08 6.35 13.31
N TYR A 63 1.01 5.83 12.76
CA TYR A 63 2.17 6.66 12.42
C TYR A 63 1.78 7.71 11.39
N MET A 64 0.91 7.32 10.47
CA MET A 64 0.42 8.22 9.42
C MET A 64 -0.40 9.35 10.01
N LYS A 65 -1.22 9.03 11.00
CA LYS A 65 -2.11 10.01 11.62
C LYS A 65 -1.37 10.84 12.67
N LYS A 66 -0.45 10.22 13.38
CA LYS A 66 0.30 10.88 14.45
C LYS A 66 1.46 11.70 13.88
N THR A 67 2.42 11.02 13.28
CA THR A 67 3.65 11.66 12.84
C THR A 67 3.42 12.43 11.54
N LEU A 68 2.80 11.78 10.56
CA LEU A 68 2.55 12.40 9.28
C LEU A 68 1.36 13.36 9.37
N CYS A 69 0.54 13.15 10.39
CA CYS A 69 -0.58 14.05 10.71
C CYS A 69 -1.59 14.12 9.57
N ASN A 70 -1.75 13.03 8.83
CA ASN A 70 -2.76 12.97 7.78
C ASN A 70 -4.04 12.35 8.33
N ALA A 71 -5.16 12.70 7.72
CA ALA A 71 -6.45 12.18 8.15
C ALA A 71 -6.60 10.73 7.71
N ASP A 72 -7.42 9.97 8.43
CA ASP A 72 -7.62 8.56 8.14
C ASP A 72 -8.16 8.34 6.73
N SER A 73 -8.90 9.30 6.21
CA SER A 73 -9.41 9.23 4.85
C SER A 73 -8.26 9.17 3.85
N THR A 74 -7.18 9.87 4.15
CA THR A 74 -5.98 9.85 3.32
C THR A 74 -5.11 8.66 3.69
N ALA A 75 -4.96 8.44 5.00
CA ALA A 75 -4.12 7.36 5.51
C ALA A 75 -4.54 6.01 4.94
N GLN A 76 -5.84 5.76 4.92
CA GLN A 76 -6.38 4.51 4.43
C GLN A 76 -6.09 4.33 2.93
N ARG A 77 -6.09 5.43 2.19
CA ARG A 77 -5.75 5.38 0.77
C ARG A 77 -4.27 5.12 0.57
N ASN A 78 -3.45 5.73 1.41
CA ASN A 78 -2.01 5.50 1.37
C ASN A 78 -1.70 4.03 1.61
N LEU A 79 -2.44 3.43 2.54
CA LEU A 79 -2.29 2.01 2.84
C LEU A 79 -2.92 1.16 1.75
N SER A 80 -4.04 1.63 1.21
CA SER A 80 -4.77 0.91 0.17
C SER A 80 -3.93 0.76 -1.10
N THR A 81 -3.13 1.77 -1.41
CA THR A 81 -2.27 1.70 -2.59
C THR A 81 -1.20 0.61 -2.41
N ILE A 82 -0.77 0.41 -1.18
CA ILE A 82 0.15 -0.68 -0.87
C ILE A 82 -0.58 -2.01 -0.99
N LYS A 83 -1.82 -1.99 -0.51
CA LYS A 83 -2.71 -3.16 -0.55
C LYS A 83 -2.89 -3.66 -1.97
N ILE A 84 -2.97 -2.73 -2.93
CA ILE A 84 -3.09 -3.11 -4.33
C ILE A 84 -1.90 -3.95 -4.79
N TYR A 85 -0.70 -3.54 -4.38
CA TYR A 85 0.51 -4.28 -4.72
C TYR A 85 0.55 -5.63 -4.01
N VAL A 86 0.24 -5.60 -2.72
CA VAL A 86 0.23 -6.82 -1.90
C VAL A 86 -0.81 -7.81 -2.42
N SER A 87 -2.00 -7.30 -2.70
CA SER A 87 -3.09 -8.11 -3.22
C SER A 87 -2.74 -8.69 -4.60
N ALA A 88 -2.03 -7.91 -5.42
CA ALA A 88 -1.57 -8.40 -6.72
C ALA A 88 -0.53 -9.49 -6.52
N ALA A 89 0.28 -9.33 -5.50
CA ALA A 89 1.29 -10.32 -5.13
C ALA A 89 0.65 -11.63 -4.71
N ILE A 90 -0.60 -11.57 -4.31
CA ILE A 90 -1.33 -12.79 -3.94
C ILE A 90 -1.77 -13.55 -5.19
N LYS A 91 -2.07 -12.80 -6.26
CA LYS A 91 -2.57 -13.39 -7.50
C LYS A 91 -1.52 -14.24 -8.17
N LYS A 92 -0.30 -13.73 -8.24
CA LYS A 92 0.80 -14.42 -8.87
C LYS A 92 2.12 -13.86 -8.40
N GLY A 93 2.34 -13.87 -7.10
CA GLY A 93 3.58 -13.34 -6.56
C GLY A 93 4.13 -14.13 -5.40
N TYR A 94 3.87 -13.64 -4.19
CA TYR A 94 4.50 -14.18 -3.01
C TYR A 94 3.53 -14.22 -1.83
N MET A 95 2.55 -13.33 -1.85
CA MET A 95 1.60 -13.22 -0.74
C MET A 95 0.47 -14.23 -0.90
N GLU A 96 -0.36 -14.35 0.12
CA GLU A 96 -1.42 -15.34 0.11
C GLU A 96 -2.60 -14.87 0.95
N ASN A 97 -2.31 -14.30 2.11
CA ASN A 97 -3.35 -13.94 3.06
C ASN A 97 -3.51 -12.44 3.13
N ASP A 98 -4.69 -11.95 2.72
CA ASP A 98 -4.97 -10.53 2.79
C ASP A 98 -4.92 -10.02 4.23
N PRO A 99 -4.38 -8.82 4.44
CA PRO A 99 -4.30 -8.21 5.77
C PRO A 99 -5.65 -7.68 6.24
N PHE A 100 -6.47 -7.23 5.29
CA PHE A 100 -7.77 -6.66 5.61
C PHE A 100 -8.76 -7.73 6.08
N LYS A 101 -8.38 -8.98 5.90
CA LYS A 101 -9.20 -10.08 6.36
C LYS A 101 -9.19 -10.12 7.88
N ASP A 102 -8.05 -9.78 8.47
CA ASP A 102 -7.94 -9.70 9.92
C ASP A 102 -8.13 -8.27 10.39
N PHE A 103 -7.84 -7.33 9.50
CA PHE A 103 -7.95 -5.91 9.80
C PHE A 103 -9.41 -5.50 10.00
N GLY A 104 -10.29 -6.03 9.14
CA GLY A 104 -11.70 -5.74 9.27
C GLY A 104 -12.33 -6.47 10.43
N LEU A 105 -11.77 -7.64 10.76
CA LEU A 105 -12.21 -8.46 11.89
C LEU A 105 -13.56 -9.12 11.62
N GLU A 106 -14.16 -8.78 10.48
CA GLU A 106 -15.51 -9.25 10.11
C GLU A 106 -16.57 -8.62 11.02
N HIS A 107 -17.65 -8.18 10.41
CA HIS A 107 -18.73 -7.53 11.15
C HIS A 107 -19.93 -8.46 11.26
N HIS A 108 -19.83 -9.61 10.60
CA HIS A 108 -20.89 -10.62 10.65
C HIS A 108 -20.53 -11.71 11.64
N HIS A 109 -21.45 -12.63 11.86
CA HIS A 109 -21.18 -13.79 12.70
C HIS A 109 -21.46 -15.06 11.90
N HIS A 110 -20.39 -15.78 11.60
CA HIS A 110 -20.47 -16.98 10.79
C HIS A 110 -20.27 -18.22 11.66
N HIS A 111 -21.22 -19.15 11.65
CA HIS A 111 -21.10 -20.36 12.46
C HIS A 111 -20.04 -21.27 11.85
N HIS A 112 -18.97 -21.47 12.59
CA HIS A 112 -17.83 -22.23 12.10
C HIS A 112 -17.17 -22.97 13.25
N MET A 1 5.87 -9.24 -20.50
CA MET A 1 6.70 -8.42 -19.60
C MET A 1 6.37 -6.94 -19.79
N ASN A 2 6.80 -6.11 -18.83
CA ASN A 2 6.40 -4.71 -18.81
C ASN A 2 7.60 -3.77 -18.89
N ASN A 3 8.53 -3.93 -17.96
CA ASN A 3 9.59 -2.95 -17.76
C ASN A 3 10.89 -3.64 -17.31
N PRO A 4 12.06 -3.04 -17.63
CA PRO A 4 13.37 -3.49 -17.12
C PRO A 4 13.34 -3.88 -15.64
N SER A 5 12.49 -3.18 -14.87
CA SER A 5 12.24 -3.52 -13.48
C SER A 5 13.48 -3.26 -12.63
N ASP A 6 13.93 -2.02 -12.60
CA ASP A 6 15.05 -1.62 -11.75
C ASP A 6 14.54 -1.17 -10.38
N PHE A 7 13.25 -1.34 -10.19
CA PHE A 7 12.60 -0.98 -8.94
C PHE A 7 11.94 -2.20 -8.31
N LYS A 8 12.40 -2.55 -7.13
CA LYS A 8 11.81 -3.62 -6.36
C LYS A 8 10.95 -3.04 -5.26
N SER A 9 11.14 -1.76 -5.05
CA SER A 9 10.50 -1.06 -3.94
C SER A 9 9.00 -0.86 -4.20
N PHE A 10 8.23 -1.03 -3.14
CA PHE A 10 6.77 -0.88 -3.19
C PHE A 10 6.41 0.47 -3.80
N HIS A 11 6.91 1.53 -3.18
CA HIS A 11 6.62 2.90 -3.60
C HIS A 11 7.09 3.15 -5.04
N ASP A 12 8.06 2.40 -5.49
CA ASP A 12 8.63 2.57 -6.82
C ASP A 12 7.75 1.89 -7.87
N PHE A 13 7.43 0.63 -7.63
CA PHE A 13 6.61 -0.14 -8.56
C PHE A 13 5.23 0.49 -8.70
N VAL A 14 4.65 0.90 -7.58
CA VAL A 14 3.32 1.49 -7.58
C VAL A 14 3.31 2.82 -8.32
N ALA A 15 4.35 3.61 -8.14
CA ALA A 15 4.45 4.91 -8.79
C ALA A 15 4.45 4.78 -10.30
N SER A 16 5.12 3.74 -10.79
CA SER A 16 5.21 3.50 -12.22
C SER A 16 3.88 2.95 -12.75
N TYR A 17 3.28 2.02 -12.02
CA TYR A 17 2.03 1.39 -12.43
C TYR A 17 0.87 2.39 -12.34
N MET A 18 0.89 3.23 -11.32
CA MET A 18 -0.18 4.21 -11.10
C MET A 18 -0.27 5.19 -12.27
N LYS A 19 0.88 5.42 -12.91
CA LYS A 19 0.94 6.28 -14.09
C LYS A 19 0.00 5.76 -15.18
N THR A 20 -0.06 4.43 -15.32
CA THR A 20 -0.93 3.80 -16.30
C THR A 20 -2.35 3.68 -15.73
N TYR A 21 -2.44 3.54 -14.41
CA TYR A 21 -3.73 3.42 -13.74
C TYR A 21 -4.52 4.72 -13.88
N SER A 22 -3.82 5.80 -14.23
CA SER A 22 -4.43 7.12 -14.42
C SER A 22 -5.48 7.10 -15.54
N ARG A 23 -5.52 6.03 -16.33
CA ARG A 23 -6.53 5.87 -17.37
C ARG A 23 -7.93 5.74 -16.74
N ARG A 24 -7.97 5.45 -15.45
CA ARG A 24 -9.23 5.38 -14.72
C ARG A 24 -9.12 6.17 -13.42
N LEU A 25 -8.14 7.06 -13.35
CA LEU A 25 -7.90 7.83 -12.15
C LEU A 25 -7.61 9.29 -12.51
N GLU A 26 -8.42 10.19 -11.97
CA GLU A 26 -8.24 11.62 -12.21
C GLU A 26 -6.91 12.09 -11.64
N ILE A 27 -6.43 13.20 -12.18
CA ILE A 27 -5.15 13.76 -11.76
C ILE A 27 -5.20 14.19 -10.29
N GLY A 28 -6.34 14.72 -9.86
CA GLY A 28 -6.50 15.15 -8.49
C GLY A 28 -6.21 14.04 -7.49
N THR A 29 -6.82 12.88 -7.70
CA THR A 29 -6.61 11.75 -6.82
C THR A 29 -5.27 11.06 -7.12
N PHE A 30 -4.94 10.92 -8.41
CA PHE A 30 -3.66 10.36 -8.83
C PHE A 30 -2.51 11.05 -8.11
N ARG A 31 -2.47 12.37 -8.18
CA ARG A 31 -1.41 13.16 -7.59
C ARG A 31 -1.46 13.13 -6.06
N HIS A 32 -2.67 13.04 -5.51
CA HIS A 32 -2.86 13.11 -4.05
C HIS A 32 -2.34 11.85 -3.36
N HIS A 33 -1.91 10.88 -4.14
CA HIS A 33 -1.23 9.71 -3.59
C HIS A 33 -0.13 9.26 -4.55
N LYS A 34 0.44 10.23 -5.26
CA LYS A 34 1.52 9.97 -6.19
C LYS A 34 2.88 10.21 -5.53
N SER A 35 3.19 11.49 -5.32
CA SER A 35 4.48 11.89 -4.82
C SER A 35 4.63 11.60 -3.32
N CYS A 36 3.49 11.35 -2.65
CA CYS A 36 3.47 11.10 -1.22
C CYS A 36 4.55 10.12 -0.78
N MET A 37 4.54 8.94 -1.40
CA MET A 37 5.45 7.86 -1.08
C MET A 37 6.92 8.30 -1.16
N ARG A 38 7.30 8.87 -2.30
CA ARG A 38 8.69 9.22 -2.54
C ARG A 38 9.11 10.50 -1.82
N LYS A 39 8.23 11.49 -1.81
CA LYS A 39 8.57 12.80 -1.31
C LYS A 39 8.89 12.81 0.18
N PHE A 40 7.93 12.38 0.99
CA PHE A 40 8.10 12.44 2.43
C PHE A 40 9.22 11.51 2.89
N LYS A 41 9.17 10.28 2.41
CA LYS A 41 10.10 9.25 2.82
C LYS A 41 9.77 7.94 2.11
N GLU A 42 10.56 7.63 1.09
CA GLU A 42 10.35 6.43 0.31
C GLU A 42 10.45 5.17 1.17
N TYR A 43 11.56 5.02 1.90
CA TYR A 43 11.69 4.00 2.94
C TYR A 43 11.50 2.59 2.37
N CYS A 44 11.22 1.63 3.26
CA CYS A 44 10.95 0.23 2.91
C CYS A 44 12.23 -0.54 2.58
N GLU A 45 12.79 -0.26 1.41
CA GLU A 45 13.98 -0.98 0.90
C GLU A 45 13.66 -2.46 0.66
N GLY A 46 13.56 -3.24 1.73
CA GLY A 46 13.33 -4.66 1.60
C GLY A 46 12.41 -5.19 2.67
N LEU A 47 11.28 -4.51 2.88
CA LEU A 47 10.28 -4.96 3.83
C LEU A 47 9.68 -6.28 3.39
N GLN A 48 9.66 -7.25 4.28
CA GLN A 48 9.24 -8.60 3.92
C GLN A 48 7.77 -8.85 4.23
N PHE A 49 7.28 -10.00 3.80
CA PHE A 49 5.88 -10.40 4.00
C PHE A 49 5.53 -10.45 5.49
N HIS A 50 6.53 -10.75 6.30
CA HIS A 50 6.35 -10.87 7.74
C HIS A 50 5.95 -9.53 8.36
N GLU A 51 6.39 -8.43 7.75
CA GLU A 51 6.10 -7.10 8.27
C GLU A 51 4.76 -6.59 7.74
N LEU A 52 4.33 -7.15 6.62
CA LEU A 52 3.10 -6.71 5.98
C LEU A 52 1.90 -7.42 6.60
N THR A 53 1.34 -6.79 7.62
CA THR A 53 0.21 -7.36 8.34
C THR A 53 -0.94 -6.37 8.46
N GLU A 54 -2.02 -6.80 9.11
CA GLU A 54 -3.11 -5.90 9.46
C GLU A 54 -2.60 -4.80 10.36
N ASP A 55 -1.75 -5.20 11.31
CA ASP A 55 -1.17 -4.28 12.27
C ASP A 55 -0.36 -3.21 11.55
N PHE A 56 0.41 -3.61 10.55
CA PHE A 56 1.21 -2.66 9.78
C PHE A 56 0.32 -1.58 9.17
N LEU A 57 -0.72 -2.03 8.47
CA LEU A 57 -1.67 -1.13 7.84
C LEU A 57 -2.39 -0.27 8.88
N ARG A 58 -2.74 -0.90 9.99
CA ARG A 58 -3.42 -0.23 11.10
C ARG A 58 -2.51 0.80 11.76
N ASP A 59 -1.26 0.42 12.00
CA ASP A 59 -0.28 1.27 12.67
C ASP A 59 0.15 2.42 11.76
N TYR A 60 0.27 2.13 10.47
CA TYR A 60 0.64 3.15 9.49
C TYR A 60 -0.41 4.26 9.46
N LEU A 61 -1.67 3.86 9.58
CA LEU A 61 -2.78 4.81 9.66
C LEU A 61 -2.70 5.63 10.93
N ILE A 62 -2.47 4.96 12.04
CA ILE A 62 -2.30 5.64 13.32
C ILE A 62 -1.15 6.65 13.25
N TYR A 63 -0.03 6.22 12.67
CA TYR A 63 1.15 7.07 12.51
C TYR A 63 0.81 8.26 11.63
N MET A 64 0.02 8.01 10.59
CA MET A 64 -0.48 9.05 9.69
C MET A 64 -1.27 10.09 10.45
N LYS A 65 -2.12 9.61 11.35
CA LYS A 65 -3.03 10.46 12.11
C LYS A 65 -2.30 11.21 13.22
N LYS A 66 -1.38 10.52 13.89
CA LYS A 66 -0.65 11.09 15.01
C LYS A 66 0.51 11.97 14.56
N THR A 67 1.47 11.36 13.89
CA THR A 67 2.72 12.03 13.59
C THR A 67 2.60 12.98 12.39
N LEU A 68 1.76 12.63 11.42
CA LEU A 68 1.65 13.44 10.22
C LEU A 68 0.54 14.47 10.33
N CYS A 69 -0.68 14.10 9.92
CA CYS A 69 -1.79 15.06 9.78
C CYS A 69 -3.06 14.36 9.29
N ASN A 70 -2.89 13.47 8.32
CA ASN A 70 -4.02 12.92 7.57
C ASN A 70 -4.87 12.00 8.43
N ALA A 71 -6.15 11.92 8.08
CA ALA A 71 -7.11 11.10 8.82
C ALA A 71 -7.32 9.73 8.14
N ASP A 72 -8.31 9.00 8.62
CA ASP A 72 -8.60 7.64 8.16
C ASP A 72 -8.76 7.55 6.64
N SER A 73 -9.81 8.15 6.10
CA SER A 73 -10.10 8.08 4.67
C SER A 73 -8.92 8.61 3.85
N THR A 74 -8.31 9.69 4.31
CA THR A 74 -7.18 10.28 3.63
C THR A 74 -6.03 9.28 3.49
N ALA A 75 -5.77 8.55 4.58
CA ALA A 75 -4.73 7.53 4.58
C ALA A 75 -5.15 6.33 3.73
N GLN A 76 -6.43 5.98 3.77
CA GLN A 76 -6.97 4.89 2.98
C GLN A 76 -6.76 5.15 1.48
N ARG A 77 -6.92 6.41 1.09
CA ARG A 77 -6.67 6.81 -0.29
C ARG A 77 -5.22 6.52 -0.68
N ASN A 78 -4.31 6.76 0.25
CA ASN A 78 -2.90 6.54 0.03
C ASN A 78 -2.54 5.06 0.14
N LEU A 79 -3.15 4.38 1.10
CA LEU A 79 -2.87 2.95 1.35
C LEU A 79 -3.25 2.08 0.16
N SER A 80 -4.16 2.59 -0.67
CA SER A 80 -4.53 1.90 -1.91
C SER A 80 -3.30 1.56 -2.77
N THR A 81 -2.23 2.36 -2.64
CA THR A 81 -1.01 2.13 -3.39
C THR A 81 -0.37 0.80 -3.03
N ILE A 82 -0.13 0.61 -1.73
CA ILE A 82 0.47 -0.60 -1.21
C ILE A 82 -0.40 -1.82 -1.54
N LYS A 83 -1.71 -1.62 -1.45
CA LYS A 83 -2.68 -2.66 -1.78
C LYS A 83 -2.47 -3.18 -3.18
N ILE A 84 -2.19 -2.30 -4.13
CA ILE A 84 -1.95 -2.72 -5.51
C ILE A 84 -0.77 -3.69 -5.61
N TYR A 85 0.34 -3.34 -4.95
CA TYR A 85 1.54 -4.16 -5.03
C TYR A 85 1.35 -5.47 -4.27
N VAL A 86 0.84 -5.37 -3.06
CA VAL A 86 0.60 -6.54 -2.23
C VAL A 86 -0.41 -7.46 -2.90
N SER A 87 -1.45 -6.87 -3.48
CA SER A 87 -2.48 -7.62 -4.20
C SER A 87 -1.89 -8.47 -5.31
N ALA A 88 -0.94 -7.90 -6.06
CA ALA A 88 -0.28 -8.63 -7.14
C ALA A 88 0.49 -9.83 -6.59
N ALA A 89 1.12 -9.62 -5.44
CA ALA A 89 1.89 -10.68 -4.79
C ALA A 89 0.99 -11.76 -4.24
N ILE A 90 -0.18 -11.36 -3.75
CA ILE A 90 -1.14 -12.32 -3.21
C ILE A 90 -1.71 -13.19 -4.33
N LYS A 91 -1.98 -12.55 -5.47
CA LYS A 91 -2.54 -13.26 -6.61
C LYS A 91 -1.61 -14.36 -7.10
N LYS A 92 -0.31 -14.10 -7.07
CA LYS A 92 0.67 -15.10 -7.43
C LYS A 92 0.86 -16.10 -6.29
N GLY A 93 0.92 -15.58 -5.08
CA GLY A 93 1.04 -16.46 -3.92
C GLY A 93 2.28 -16.17 -3.09
N TYR A 94 2.88 -15.00 -3.28
CA TYR A 94 4.02 -14.60 -2.47
C TYR A 94 3.53 -14.09 -1.13
N MET A 95 2.42 -13.36 -1.17
CA MET A 95 1.72 -12.95 0.03
C MET A 95 0.55 -13.89 0.26
N GLU A 96 0.60 -14.61 1.36
CA GLU A 96 -0.37 -15.68 1.62
C GLU A 96 -1.67 -15.14 2.19
N ASN A 97 -1.56 -14.05 2.93
CA ASN A 97 -2.72 -13.45 3.57
C ASN A 97 -2.83 -11.97 3.25
N ASP A 98 -4.04 -11.53 2.93
CA ASP A 98 -4.30 -10.10 2.75
C ASP A 98 -4.18 -9.37 4.08
N PRO A 99 -3.62 -8.17 4.07
CA PRO A 99 -3.53 -7.34 5.28
C PRO A 99 -4.90 -6.74 5.63
N PHE A 100 -5.72 -6.53 4.61
CA PHE A 100 -7.03 -5.94 4.81
C PHE A 100 -8.07 -7.00 5.14
N LYS A 101 -7.67 -8.26 5.04
CA LYS A 101 -8.55 -9.38 5.29
C LYS A 101 -8.98 -9.42 6.76
N ASP A 102 -8.11 -8.95 7.64
CA ASP A 102 -8.40 -8.97 9.06
C ASP A 102 -8.91 -7.62 9.57
N PHE A 103 -9.20 -6.71 8.65
CA PHE A 103 -9.85 -5.45 9.02
C PHE A 103 -11.36 -5.66 9.15
N GLY A 104 -11.79 -6.87 8.81
CA GLY A 104 -13.18 -7.22 8.84
C GLY A 104 -13.54 -8.07 7.65
N LEU A 105 -14.10 -7.43 6.62
CA LEU A 105 -14.42 -8.07 5.35
C LEU A 105 -15.44 -9.21 5.51
N GLU A 106 -14.94 -10.38 5.90
CA GLU A 106 -15.76 -11.56 6.05
C GLU A 106 -14.95 -12.67 6.73
N HIS A 107 -15.03 -12.74 8.04
CA HIS A 107 -14.31 -13.77 8.80
C HIS A 107 -15.09 -15.07 8.85
N HIS A 108 -15.86 -15.31 7.79
CA HIS A 108 -16.67 -16.52 7.65
C HIS A 108 -15.79 -17.68 7.17
N HIS A 109 -14.47 -17.51 7.34
CA HIS A 109 -13.48 -18.44 6.81
C HIS A 109 -13.49 -18.42 5.29
N HIS A 110 -14.38 -19.19 4.69
CA HIS A 110 -14.57 -19.19 3.24
C HIS A 110 -15.99 -19.61 2.90
N HIS A 111 -16.24 -20.91 2.92
CA HIS A 111 -17.55 -21.46 2.63
C HIS A 111 -17.63 -22.90 3.12
N HIS A 112 -16.61 -23.67 2.78
CA HIS A 112 -16.53 -25.06 3.18
C HIS A 112 -15.09 -25.41 3.51
N MET A 1 11.89 2.33 -13.83
CA MET A 1 12.82 2.35 -14.98
C MET A 1 13.08 0.94 -15.50
N ASN A 2 13.58 0.07 -14.62
CA ASN A 2 13.90 -1.31 -15.01
C ASN A 2 13.82 -2.21 -13.77
N ASN A 3 13.85 -3.53 -14.00
CA ASN A 3 13.81 -4.52 -12.93
C ASN A 3 12.43 -4.55 -12.27
N PRO A 4 11.48 -5.29 -12.86
CA PRO A 4 10.10 -5.34 -12.40
C PRO A 4 9.88 -6.36 -11.28
N SER A 5 8.89 -6.07 -10.43
CA SER A 5 8.48 -6.96 -9.34
C SER A 5 9.63 -7.22 -8.36
N ASP A 6 10.60 -6.32 -8.36
CA ASP A 6 11.78 -6.47 -7.51
C ASP A 6 12.08 -5.17 -6.78
N PHE A 7 11.12 -4.25 -6.87
CA PHE A 7 11.26 -2.92 -6.34
C PHE A 7 11.50 -2.94 -4.84
N LYS A 8 12.26 -1.96 -4.40
CA LYS A 8 12.76 -1.92 -3.03
C LYS A 8 11.82 -1.18 -2.10
N SER A 9 11.00 -0.32 -2.66
CA SER A 9 10.13 0.53 -1.86
C SER A 9 8.66 0.36 -2.23
N PHE A 10 7.78 0.83 -1.36
CA PHE A 10 6.34 0.67 -1.53
C PHE A 10 5.89 1.52 -2.70
N HIS A 11 6.20 2.80 -2.64
CA HIS A 11 5.81 3.75 -3.68
C HIS A 11 6.63 3.50 -4.92
N ASP A 12 7.78 2.88 -4.73
CA ASP A 12 8.66 2.51 -5.84
C ASP A 12 7.96 1.47 -6.71
N PHE A 13 7.39 0.46 -6.06
CA PHE A 13 6.59 -0.55 -6.74
C PHE A 13 5.33 0.08 -7.32
N VAL A 14 4.68 0.94 -6.52
CA VAL A 14 3.48 1.63 -6.93
C VAL A 14 3.71 2.45 -8.20
N ALA A 15 4.79 3.23 -8.22
CA ALA A 15 5.06 4.14 -9.33
C ALA A 15 5.18 3.39 -10.66
N SER A 16 5.94 2.31 -10.65
CA SER A 16 6.16 1.54 -11.87
C SER A 16 4.87 0.91 -12.37
N TYR A 17 4.07 0.39 -11.45
CA TYR A 17 2.81 -0.25 -11.79
C TYR A 17 1.79 0.81 -12.22
N MET A 18 1.73 1.89 -11.46
CA MET A 18 0.77 2.96 -11.72
C MET A 18 1.11 3.69 -13.02
N LYS A 19 2.38 3.71 -13.38
CA LYS A 19 2.80 4.29 -14.66
C LYS A 19 1.99 3.69 -15.82
N THR A 20 1.78 2.38 -15.77
CA THR A 20 0.96 1.71 -16.77
C THR A 20 -0.51 1.76 -16.38
N TYR A 21 -0.76 1.58 -15.09
CA TYR A 21 -2.12 1.54 -14.52
C TYR A 21 -2.84 2.89 -14.69
N SER A 22 -2.09 3.94 -14.97
CA SER A 22 -2.63 5.28 -15.15
C SER A 22 -3.61 5.34 -16.32
N ARG A 23 -3.53 4.36 -17.21
CA ARG A 23 -4.45 4.28 -18.35
C ARG A 23 -5.87 3.93 -17.89
N ARG A 24 -5.99 3.55 -16.64
CA ARG A 24 -7.30 3.28 -16.05
C ARG A 24 -7.65 4.36 -15.03
N LEU A 25 -6.78 5.35 -14.92
CA LEU A 25 -6.93 6.40 -13.92
C LEU A 25 -7.02 7.77 -14.57
N GLU A 26 -8.00 8.55 -14.13
CA GLU A 26 -8.07 9.95 -14.48
C GLU A 26 -7.06 10.72 -13.65
N ILE A 27 -6.71 11.93 -14.10
CA ILE A 27 -5.71 12.74 -13.43
C ILE A 27 -6.19 13.14 -12.03
N GLY A 28 -7.50 13.39 -11.91
CA GLY A 28 -8.08 13.77 -10.64
C GLY A 28 -7.80 12.78 -9.52
N THR A 29 -8.00 11.50 -9.81
CA THR A 29 -7.76 10.46 -8.82
C THR A 29 -6.27 10.15 -8.70
N PHE A 30 -5.55 10.24 -9.82
CA PHE A 30 -4.12 9.97 -9.86
C PHE A 30 -3.35 10.91 -8.91
N ARG A 31 -3.60 12.20 -9.07
CA ARG A 31 -2.91 13.23 -8.28
C ARG A 31 -3.27 13.14 -6.80
N HIS A 32 -4.44 12.56 -6.52
CA HIS A 32 -5.00 12.51 -5.18
C HIS A 32 -4.13 11.68 -4.23
N HIS A 33 -3.23 10.88 -4.81
CA HIS A 33 -2.34 10.04 -4.02
C HIS A 33 -0.95 9.99 -4.65
N LYS A 34 -0.56 11.09 -5.26
CA LYS A 34 0.72 11.16 -5.96
C LYS A 34 1.82 11.76 -5.07
N SER A 35 1.54 12.93 -4.50
CA SER A 35 2.57 13.70 -3.79
C SER A 35 2.98 13.06 -2.46
N CYS A 36 2.03 12.41 -1.80
CA CYS A 36 2.21 11.93 -0.42
C CYS A 36 3.49 11.11 -0.22
N MET A 37 3.53 9.91 -0.79
CA MET A 37 4.66 9.00 -0.59
C MET A 37 5.93 9.55 -1.24
N ARG A 38 5.77 10.37 -2.27
CA ARG A 38 6.89 10.98 -2.96
C ARG A 38 7.69 11.85 -1.99
N LYS A 39 6.99 12.74 -1.32
CA LYS A 39 7.58 13.68 -0.40
C LYS A 39 8.18 12.95 0.80
N PHE A 40 7.46 11.93 1.24
CA PHE A 40 7.87 11.13 2.41
C PHE A 40 9.29 10.56 2.26
N LYS A 41 9.67 10.26 1.02
CA LYS A 41 10.97 9.64 0.73
C LYS A 41 11.01 8.20 1.24
N GLU A 42 10.88 7.28 0.29
CA GLU A 42 10.84 5.84 0.59
C GLU A 42 12.11 5.36 1.27
N TYR A 43 13.14 5.13 0.45
CA TYR A 43 14.40 4.55 0.90
C TYR A 43 14.17 3.22 1.64
N CYS A 44 13.24 2.43 1.13
CA CYS A 44 13.00 1.11 1.67
C CYS A 44 13.91 0.10 0.96
N GLU A 45 14.34 -0.93 1.67
CA GLU A 45 15.36 -1.82 1.16
C GLU A 45 14.78 -3.20 0.82
N GLY A 46 13.52 -3.23 0.42
CA GLY A 46 12.90 -4.49 0.03
C GLY A 46 11.59 -4.73 0.73
N LEU A 47 10.60 -5.18 -0.03
CA LEU A 47 9.30 -5.49 0.52
C LEU A 47 8.96 -6.96 0.27
N GLN A 48 8.61 -7.66 1.33
CA GLN A 48 8.28 -9.09 1.26
C GLN A 48 6.82 -9.30 1.62
N PHE A 49 6.41 -10.55 1.63
CA PHE A 49 5.04 -10.91 1.99
C PHE A 49 4.79 -10.61 3.46
N HIS A 50 5.59 -11.21 4.33
CA HIS A 50 5.44 -10.96 5.75
C HIS A 50 6.27 -9.75 6.15
N GLU A 51 5.84 -8.60 5.67
CA GLU A 51 6.41 -7.33 6.03
C GLU A 51 5.32 -6.26 5.90
N LEU A 52 4.65 -6.28 4.76
CA LEU A 52 3.46 -5.47 4.57
C LEU A 52 2.26 -6.26 5.10
N THR A 53 2.07 -6.19 6.40
CA THR A 53 1.06 -7.00 7.07
C THR A 53 0.06 -6.14 7.83
N GLU A 54 -0.86 -6.78 8.52
CA GLU A 54 -1.85 -6.12 9.35
C GLU A 54 -1.16 -5.17 10.34
N ASP A 55 -0.02 -5.63 10.85
CA ASP A 55 0.74 -4.87 11.82
C ASP A 55 1.33 -3.62 11.18
N PHE A 56 1.78 -3.75 9.93
CA PHE A 56 2.34 -2.61 9.23
C PHE A 56 1.25 -1.60 8.91
N LEU A 57 0.09 -2.11 8.52
CA LEU A 57 -1.07 -1.26 8.25
C LEU A 57 -1.44 -0.42 9.45
N ARG A 58 -1.57 -1.07 10.61
CA ARG A 58 -1.95 -0.36 11.83
C ARG A 58 -0.83 0.57 12.28
N ASP A 59 0.42 0.13 12.13
CA ASP A 59 1.57 0.93 12.54
C ASP A 59 1.67 2.19 11.70
N TYR A 60 1.48 2.05 10.40
CA TYR A 60 1.52 3.19 9.48
C TYR A 60 0.34 4.11 9.75
N LEU A 61 -0.80 3.51 10.07
CA LEU A 61 -1.99 4.25 10.47
C LEU A 61 -1.69 5.08 11.72
N ILE A 62 -1.19 4.42 12.75
CA ILE A 62 -0.85 5.10 14.01
C ILE A 62 0.15 6.22 13.78
N TYR A 63 1.21 5.94 13.04
CA TYR A 63 2.25 6.92 12.78
C TYR A 63 1.68 8.13 12.06
N MET A 64 0.88 7.88 11.04
CA MET A 64 0.31 8.94 10.23
C MET A 64 -0.76 9.74 10.98
N LYS A 65 -1.61 9.02 11.69
CA LYS A 65 -2.69 9.64 12.45
C LYS A 65 -2.14 10.38 13.68
N LYS A 66 -1.30 9.71 14.45
CA LYS A 66 -0.81 10.26 15.71
C LYS A 66 0.38 11.18 15.49
N THR A 67 1.48 10.63 14.98
CA THR A 67 2.72 11.38 14.83
C THR A 67 2.59 12.46 13.75
N LEU A 68 2.09 12.09 12.58
CA LEU A 68 1.94 13.05 11.49
C LEU A 68 0.70 13.91 11.71
N CYS A 69 -0.09 13.53 12.71
CA CYS A 69 -1.24 14.32 13.16
C CYS A 69 -2.32 14.44 12.08
N ASN A 70 -2.39 13.46 11.19
CA ASN A 70 -3.40 13.47 10.13
C ASN A 70 -4.68 12.81 10.60
N ALA A 71 -5.73 12.95 9.81
CA ALA A 71 -7.01 12.31 10.09
C ALA A 71 -7.10 10.96 9.39
N ASP A 72 -8.09 10.15 9.75
CA ASP A 72 -8.22 8.82 9.19
C ASP A 72 -8.61 8.87 7.72
N SER A 73 -9.32 9.92 7.31
CA SER A 73 -9.67 10.11 5.90
C SER A 73 -8.42 10.13 5.03
N THR A 74 -7.40 10.85 5.50
CA THR A 74 -6.14 10.93 4.79
C THR A 74 -5.41 9.59 4.86
N ALA A 75 -5.42 8.99 6.05
CA ALA A 75 -4.75 7.73 6.29
C ALA A 75 -5.34 6.62 5.41
N GLN A 76 -6.66 6.56 5.35
CA GLN A 76 -7.35 5.54 4.57
C GLN A 76 -7.04 5.67 3.08
N ARG A 77 -6.90 6.91 2.62
CA ARG A 77 -6.56 7.17 1.23
C ARG A 77 -5.14 6.69 0.93
N ASN A 78 -4.22 7.02 1.82
CA ASN A 78 -2.82 6.60 1.68
C ASN A 78 -2.71 5.07 1.74
N LEU A 79 -3.41 4.48 2.69
CA LEU A 79 -3.42 3.02 2.83
C LEU A 79 -4.04 2.36 1.61
N SER A 80 -5.03 3.02 1.02
CA SER A 80 -5.68 2.51 -0.19
C SER A 80 -4.74 2.59 -1.38
N THR A 81 -3.77 3.51 -1.33
CA THR A 81 -2.78 3.63 -2.38
C THR A 81 -1.79 2.48 -2.26
N ILE A 82 -1.40 2.18 -1.04
CA ILE A 82 -0.58 1.01 -0.74
C ILE A 82 -1.33 -0.25 -1.13
N LYS A 83 -2.63 -0.25 -0.86
CA LYS A 83 -3.51 -1.37 -1.19
C LYS A 83 -3.41 -1.72 -2.67
N ILE A 84 -3.17 -0.72 -3.51
CA ILE A 84 -3.11 -0.94 -4.95
C ILE A 84 -1.97 -1.89 -5.31
N TYR A 85 -0.75 -1.60 -4.84
CA TYR A 85 0.39 -2.42 -5.20
C TYR A 85 0.33 -3.76 -4.46
N VAL A 86 -0.24 -3.73 -3.25
CA VAL A 86 -0.44 -4.95 -2.49
C VAL A 86 -1.42 -5.88 -3.20
N SER A 87 -2.57 -5.32 -3.57
CA SER A 87 -3.60 -6.06 -4.29
C SER A 87 -3.07 -6.63 -5.60
N ALA A 88 -2.21 -5.87 -6.28
CA ALA A 88 -1.58 -6.33 -7.50
C ALA A 88 -0.60 -7.47 -7.20
N ALA A 89 0.17 -7.30 -6.13
CA ALA A 89 1.16 -8.29 -5.74
C ALA A 89 0.50 -9.58 -5.24
N ILE A 90 -0.71 -9.46 -4.72
CA ILE A 90 -1.45 -10.63 -4.28
C ILE A 90 -2.08 -11.34 -5.47
N LYS A 91 -2.44 -10.57 -6.49
CA LYS A 91 -3.12 -11.11 -7.65
C LYS A 91 -2.11 -11.84 -8.53
N LYS A 92 -0.95 -11.24 -8.72
CA LYS A 92 0.16 -11.91 -9.37
C LYS A 92 1.43 -11.08 -9.23
N GLY A 93 2.01 -11.09 -8.04
CA GLY A 93 3.22 -10.34 -7.81
C GLY A 93 4.16 -11.00 -6.83
N TYR A 94 3.73 -11.15 -5.58
CA TYR A 94 4.60 -11.65 -4.53
C TYR A 94 3.78 -12.15 -3.34
N MET A 95 2.87 -11.30 -2.87
CA MET A 95 2.03 -11.62 -1.71
C MET A 95 0.94 -12.61 -2.08
N GLU A 96 0.34 -13.21 -1.07
CA GLU A 96 -0.68 -14.23 -1.29
C GLU A 96 -1.96 -13.93 -0.50
N ASN A 97 -1.78 -13.40 0.70
CA ASN A 97 -2.90 -13.13 1.58
C ASN A 97 -3.04 -11.63 1.79
N ASP A 98 -4.27 -11.16 1.83
CA ASP A 98 -4.55 -9.75 2.05
C ASP A 98 -4.40 -9.40 3.53
N PRO A 99 -3.83 -8.21 3.83
CA PRO A 99 -3.66 -7.74 5.20
C PRO A 99 -4.99 -7.50 5.91
N PHE A 100 -5.86 -6.69 5.31
CA PHE A 100 -7.08 -6.26 5.98
C PHE A 100 -8.03 -7.42 6.20
N LYS A 101 -7.90 -8.45 5.37
CA LYS A 101 -8.70 -9.65 5.47
C LYS A 101 -8.40 -10.35 6.79
N ASP A 102 -7.13 -10.36 7.18
CA ASP A 102 -6.69 -11.02 8.39
C ASP A 102 -6.50 -10.00 9.50
N PHE A 103 -7.04 -8.80 9.27
CA PHE A 103 -6.87 -7.67 10.17
C PHE A 103 -8.17 -7.36 10.89
N GLY A 104 -8.45 -8.10 11.95
CA GLY A 104 -9.65 -7.88 12.73
C GLY A 104 -10.86 -8.55 12.11
N LEU A 105 -10.67 -9.75 11.58
CA LEU A 105 -11.75 -10.49 10.95
C LEU A 105 -11.52 -11.99 11.14
N GLU A 106 -12.19 -12.57 12.12
CA GLU A 106 -11.99 -13.98 12.42
C GLU A 106 -13.32 -14.72 12.32
N HIS A 107 -13.34 -15.76 11.51
CA HIS A 107 -14.52 -16.60 11.33
C HIS A 107 -14.10 -17.94 10.76
N HIS A 108 -14.14 -18.97 11.59
CA HIS A 108 -13.70 -20.30 11.17
C HIS A 108 -14.84 -21.30 11.26
N HIS A 109 -15.70 -21.30 10.22
CA HIS A 109 -16.88 -22.17 10.19
C HIS A 109 -17.70 -21.96 11.47
N HIS A 110 -17.80 -23.03 12.26
CA HIS A 110 -18.41 -22.99 13.59
C HIS A 110 -18.35 -24.39 14.20
N HIS A 111 -18.44 -25.39 13.35
CA HIS A 111 -18.24 -26.78 13.75
C HIS A 111 -16.92 -27.26 13.16
N HIS A 112 -15.87 -27.20 13.97
CA HIS A 112 -14.50 -27.50 13.53
C HIS A 112 -14.07 -26.50 12.45
N MET A 1 19.92 1.31 -14.51
CA MET A 1 18.59 0.83 -14.12
C MET A 1 17.81 0.34 -15.34
N ASN A 2 17.94 -0.95 -15.63
CA ASN A 2 17.24 -1.57 -16.75
C ASN A 2 17.13 -3.07 -16.52
N ASN A 3 17.31 -3.46 -15.26
CA ASN A 3 17.38 -4.86 -14.88
C ASN A 3 16.02 -5.34 -14.40
N PRO A 4 15.84 -6.67 -14.28
CA PRO A 4 14.68 -7.25 -13.61
C PRO A 4 14.69 -6.92 -12.12
N SER A 5 13.75 -6.08 -11.70
CA SER A 5 13.65 -5.62 -10.32
C SER A 5 14.81 -4.69 -9.96
N ASP A 6 14.68 -3.42 -10.31
CA ASP A 6 15.65 -2.41 -9.89
C ASP A 6 15.10 -1.60 -8.72
N PHE A 7 13.96 -2.05 -8.23
CA PHE A 7 13.28 -1.38 -7.15
C PHE A 7 13.70 -1.99 -5.83
N LYS A 8 14.07 -1.14 -4.89
CA LYS A 8 14.53 -1.60 -3.60
C LYS A 8 13.41 -1.58 -2.56
N SER A 9 12.35 -0.86 -2.85
CA SER A 9 11.29 -0.65 -1.87
C SER A 9 9.92 -0.56 -2.53
N PHE A 10 8.88 -0.56 -1.70
CA PHE A 10 7.50 -0.54 -2.19
C PHE A 10 7.23 0.72 -3.00
N HIS A 11 7.79 1.84 -2.57
CA HIS A 11 7.55 3.11 -3.25
C HIS A 11 8.07 3.08 -4.68
N ASP A 12 9.06 2.22 -4.92
CA ASP A 12 9.61 2.05 -6.24
C ASP A 12 8.73 1.13 -7.08
N PHE A 13 8.32 0.03 -6.48
CA PHE A 13 7.47 -0.94 -7.14
C PHE A 13 6.12 -0.35 -7.51
N VAL A 14 5.50 0.32 -6.54
CA VAL A 14 4.19 0.94 -6.75
C VAL A 14 4.26 1.95 -7.89
N ALA A 15 5.34 2.74 -7.93
CA ALA A 15 5.49 3.79 -8.92
C ALA A 15 5.56 3.23 -10.33
N SER A 16 6.07 2.01 -10.47
CA SER A 16 6.20 1.38 -11.77
C SER A 16 4.88 0.75 -12.20
N TYR A 17 4.18 0.14 -11.27
CA TYR A 17 2.95 -0.57 -11.55
C TYR A 17 1.80 0.42 -11.76
N MET A 18 1.80 1.49 -10.95
CA MET A 18 0.74 2.49 -10.97
C MET A 18 0.62 3.16 -12.34
N LYS A 19 1.74 3.24 -13.06
CA LYS A 19 1.75 3.86 -14.40
C LYS A 19 0.64 3.31 -15.29
N THR A 20 0.36 2.02 -15.15
CA THR A 20 -0.69 1.37 -15.91
C THR A 20 -2.07 1.68 -15.32
N TYR A 21 -2.14 1.69 -13.99
CA TYR A 21 -3.41 1.92 -13.29
C TYR A 21 -3.88 3.36 -13.45
N SER A 22 -2.94 4.29 -13.54
CA SER A 22 -3.26 5.70 -13.68
C SER A 22 -3.92 5.99 -15.02
N ARG A 23 -3.86 5.03 -15.93
CA ARG A 23 -4.50 5.18 -17.23
C ARG A 23 -6.00 4.98 -17.11
N ARG A 24 -6.42 4.18 -16.14
CA ARG A 24 -7.83 3.92 -15.91
C ARG A 24 -8.32 4.63 -14.64
N LEU A 25 -7.49 5.53 -14.15
CA LEU A 25 -7.86 6.39 -13.04
C LEU A 25 -7.90 7.82 -13.54
N GLU A 26 -8.91 8.57 -13.18
CA GLU A 26 -8.98 9.96 -13.56
C GLU A 26 -7.78 10.71 -12.98
N ILE A 27 -7.30 11.70 -13.72
CA ILE A 27 -6.10 12.41 -13.33
C ILE A 27 -6.34 13.25 -12.09
N GLY A 28 -7.59 13.65 -11.90
CA GLY A 28 -7.96 14.45 -10.74
C GLY A 28 -7.54 13.82 -9.43
N THR A 29 -7.85 12.55 -9.26
CA THR A 29 -7.50 11.84 -8.04
C THR A 29 -6.03 11.43 -8.03
N PHE A 30 -5.58 10.82 -9.14
CA PHE A 30 -4.18 10.40 -9.28
C PHE A 30 -3.20 11.53 -8.97
N ARG A 31 -3.47 12.72 -9.49
CA ARG A 31 -2.56 13.86 -9.37
C ARG A 31 -2.43 14.32 -7.91
N HIS A 32 -3.43 14.00 -7.08
CA HIS A 32 -3.42 14.43 -5.68
C HIS A 32 -2.33 13.72 -4.89
N HIS A 33 -2.00 12.51 -5.30
CA HIS A 33 -1.06 11.68 -4.57
C HIS A 33 -0.15 10.98 -5.54
N LYS A 34 0.42 11.74 -6.45
CA LYS A 34 1.15 11.20 -7.59
C LYS A 34 2.64 10.99 -7.27
N SER A 35 3.27 12.02 -6.74
CA SER A 35 4.72 11.96 -6.52
C SER A 35 5.04 11.73 -5.04
N CYS A 36 4.00 11.55 -4.24
CA CYS A 36 4.14 11.43 -2.79
C CYS A 36 4.98 10.22 -2.38
N MET A 37 4.52 9.03 -2.75
CA MET A 37 5.10 7.77 -2.28
C MET A 37 6.61 7.71 -2.48
N ARG A 38 7.08 8.24 -3.60
CA ARG A 38 8.50 8.14 -3.96
C ARG A 38 9.37 8.94 -3.00
N LYS A 39 8.94 10.15 -2.71
CA LYS A 39 9.73 11.06 -1.90
C LYS A 39 9.39 10.96 -0.41
N PHE A 40 8.15 10.62 -0.11
CA PHE A 40 7.69 10.54 1.27
C PHE A 40 8.42 9.42 2.00
N LYS A 41 8.89 8.44 1.23
CA LYS A 41 9.61 7.33 1.81
C LYS A 41 10.96 7.17 1.11
N GLU A 42 11.96 7.86 1.63
CA GLU A 42 13.29 7.85 1.06
C GLU A 42 14.15 6.77 1.70
N TYR A 43 13.60 6.11 2.71
CA TYR A 43 14.31 5.06 3.42
C TYR A 43 13.48 3.78 3.42
N CYS A 44 13.96 2.78 4.16
CA CYS A 44 13.31 1.47 4.25
C CYS A 44 13.42 0.71 2.92
N GLU A 45 14.47 -0.09 2.81
CA GLU A 45 14.72 -0.88 1.60
C GLU A 45 14.71 -2.37 1.94
N GLY A 46 14.71 -3.20 0.92
CA GLY A 46 14.69 -4.64 1.13
C GLY A 46 13.42 -5.10 1.81
N LEU A 47 12.29 -4.63 1.30
CA LEU A 47 11.00 -4.91 1.90
C LEU A 47 10.38 -6.14 1.23
N GLN A 48 10.28 -7.22 1.99
CA GLN A 48 9.62 -8.43 1.52
C GLN A 48 8.18 -8.47 1.99
N PHE A 49 7.46 -9.49 1.55
CA PHE A 49 6.04 -9.64 1.85
C PHE A 49 5.76 -9.68 3.35
N HIS A 50 6.69 -10.24 4.11
CA HIS A 50 6.52 -10.38 5.55
C HIS A 50 6.51 -9.03 6.27
N GLU A 51 6.86 -7.96 5.56
CA GLU A 51 6.83 -6.62 6.15
C GLU A 51 5.48 -5.97 5.94
N LEU A 52 4.75 -6.42 4.93
CA LEU A 52 3.47 -5.84 4.59
C LEU A 52 2.34 -6.70 5.17
N THR A 53 1.93 -6.37 6.39
CA THR A 53 0.88 -7.09 7.05
C THR A 53 -0.21 -6.13 7.52
N GLU A 54 -1.29 -6.67 8.07
CA GLU A 54 -2.34 -5.84 8.67
C GLU A 54 -1.74 -5.02 9.81
N ASP A 55 -0.78 -5.62 10.51
CA ASP A 55 -0.09 -4.96 11.61
C ASP A 55 0.57 -3.68 11.12
N PHE A 56 1.20 -3.76 9.95
CA PHE A 56 1.85 -2.61 9.33
C PHE A 56 0.83 -1.52 9.00
N LEU A 57 -0.28 -1.92 8.38
CA LEU A 57 -1.35 -1.00 8.05
C LEU A 57 -1.90 -0.34 9.30
N ARG A 58 -2.08 -1.14 10.34
CA ARG A 58 -2.55 -0.66 11.62
C ARG A 58 -1.57 0.35 12.22
N ASP A 59 -0.30 -0.03 12.22
CA ASP A 59 0.76 0.81 12.76
C ASP A 59 0.87 2.12 11.99
N TYR A 60 0.75 2.04 10.68
CA TYR A 60 0.81 3.21 9.82
C TYR A 60 -0.39 4.12 10.11
N LEU A 61 -1.54 3.51 10.38
CA LEU A 61 -2.74 4.24 10.77
C LEU A 61 -2.51 5.00 12.06
N ILE A 62 -1.98 4.30 13.04
CA ILE A 62 -1.64 4.91 14.33
C ILE A 62 -0.62 6.03 14.15
N TYR A 63 0.43 5.75 13.39
CA TYR A 63 1.46 6.72 13.07
C TYR A 63 0.85 7.95 12.40
N MET A 64 -0.12 7.69 11.52
CA MET A 64 -0.80 8.76 10.80
C MET A 64 -1.60 9.63 11.75
N LYS A 65 -2.50 9.00 12.49
CA LYS A 65 -3.43 9.72 13.35
C LYS A 65 -2.70 10.45 14.48
N LYS A 66 -1.67 9.81 15.00
CA LYS A 66 -0.89 10.35 16.10
C LYS A 66 0.09 11.42 15.61
N THR A 67 1.03 11.01 14.78
CA THR A 67 2.12 11.88 14.36
C THR A 67 1.70 12.84 13.23
N LEU A 68 1.00 12.34 12.23
CA LEU A 68 0.71 13.12 11.04
C LEU A 68 -0.66 13.80 11.12
N CYS A 69 -1.31 13.66 12.28
CA CYS A 69 -2.64 14.26 12.51
C CYS A 69 -3.68 13.57 11.62
N ASN A 70 -4.85 14.20 11.48
CA ASN A 70 -5.95 13.68 10.66
C ASN A 70 -6.62 12.49 11.33
N ALA A 71 -7.53 11.84 10.63
CA ALA A 71 -8.22 10.68 11.15
C ALA A 71 -8.10 9.51 10.17
N ASP A 72 -8.82 8.42 10.48
CA ASP A 72 -8.78 7.19 9.68
C ASP A 72 -9.12 7.46 8.21
N SER A 73 -10.08 8.34 7.97
CA SER A 73 -10.51 8.67 6.61
C SER A 73 -9.33 9.10 5.74
N THR A 74 -8.48 9.96 6.28
CA THR A 74 -7.34 10.48 5.54
C THR A 74 -6.21 9.45 5.48
N ALA A 75 -6.14 8.59 6.48
CA ALA A 75 -5.14 7.54 6.49
C ALA A 75 -5.46 6.47 5.46
N GLN A 76 -6.73 6.10 5.40
CA GLN A 76 -7.19 5.05 4.51
C GLN A 76 -6.95 5.40 3.05
N ARG A 77 -7.26 6.64 2.67
CA ARG A 77 -7.09 7.08 1.29
C ARG A 77 -5.62 7.08 0.89
N ASN A 78 -4.73 7.24 1.88
CA ASN A 78 -3.31 7.17 1.66
C ASN A 78 -2.87 5.72 1.51
N LEU A 79 -3.30 4.90 2.46
CA LEU A 79 -2.95 3.48 2.50
C LEU A 79 -3.41 2.76 1.24
N SER A 80 -4.52 3.23 0.67
CA SER A 80 -5.11 2.64 -0.53
C SER A 80 -4.13 2.64 -1.70
N THR A 81 -3.22 3.60 -1.76
CA THR A 81 -2.27 3.67 -2.86
C THR A 81 -1.31 2.49 -2.84
N ILE A 82 -0.81 2.18 -1.64
CA ILE A 82 0.03 1.00 -1.45
C ILE A 82 -0.83 -0.26 -1.55
N LYS A 83 -2.05 -0.17 -1.05
CA LYS A 83 -3.00 -1.27 -1.09
C LYS A 83 -3.19 -1.80 -2.50
N ILE A 84 -3.40 -0.91 -3.47
CA ILE A 84 -3.65 -1.32 -4.85
C ILE A 84 -2.52 -2.21 -5.37
N TYR A 85 -1.28 -1.86 -5.04
CA TYR A 85 -0.14 -2.65 -5.47
C TYR A 85 -0.11 -3.97 -4.71
N VAL A 86 -0.26 -3.89 -3.40
CA VAL A 86 -0.26 -5.07 -2.55
C VAL A 86 -1.39 -6.02 -2.94
N SER A 87 -2.60 -5.49 -2.95
CA SER A 87 -3.79 -6.26 -3.30
C SER A 87 -3.65 -6.93 -4.66
N ALA A 88 -3.16 -6.19 -5.64
CA ALA A 88 -2.95 -6.74 -6.98
C ALA A 88 -1.87 -7.82 -6.94
N ALA A 89 -0.80 -7.56 -6.20
CA ALA A 89 0.32 -8.49 -6.09
C ALA A 89 -0.10 -9.78 -5.42
N ILE A 90 -1.15 -9.71 -4.63
CA ILE A 90 -1.68 -10.89 -3.96
C ILE A 90 -2.21 -11.88 -4.99
N LYS A 91 -3.08 -11.39 -5.86
CA LYS A 91 -3.69 -12.24 -6.87
C LYS A 91 -2.71 -12.50 -8.01
N LYS A 92 -1.82 -11.54 -8.25
CA LYS A 92 -0.82 -11.64 -9.30
C LYS A 92 0.16 -12.77 -9.02
N GLY A 93 0.61 -12.86 -7.77
CA GLY A 93 1.47 -13.97 -7.38
C GLY A 93 2.66 -13.55 -6.55
N TYR A 94 2.43 -12.80 -5.49
CA TYR A 94 3.48 -12.48 -4.53
C TYR A 94 2.94 -12.50 -3.10
N MET A 95 2.11 -11.51 -2.78
CA MET A 95 1.53 -11.40 -1.46
C MET A 95 0.58 -12.55 -1.19
N GLU A 96 0.61 -13.07 0.02
CA GLU A 96 -0.19 -14.23 0.39
C GLU A 96 -1.66 -13.85 0.57
N ASN A 97 -1.89 -12.78 1.32
CA ASN A 97 -3.26 -12.39 1.68
C ASN A 97 -3.39 -10.88 1.78
N ASP A 98 -4.62 -10.41 1.68
CA ASP A 98 -4.91 -8.99 1.79
C ASP A 98 -4.74 -8.53 3.23
N PRO A 99 -4.21 -7.31 3.43
CA PRO A 99 -3.96 -6.77 4.77
C PRO A 99 -5.25 -6.33 5.47
N PHE A 100 -6.17 -5.77 4.71
CA PHE A 100 -7.43 -5.28 5.27
C PHE A 100 -8.36 -6.44 5.62
N LYS A 101 -8.07 -7.59 5.06
CA LYS A 101 -8.84 -8.80 5.30
C LYS A 101 -8.56 -9.33 6.70
N ASP A 102 -7.39 -8.98 7.25
CA ASP A 102 -6.95 -9.53 8.52
C ASP A 102 -7.29 -8.60 9.68
N PHE A 103 -8.05 -7.55 9.38
CA PHE A 103 -8.39 -6.54 10.39
C PHE A 103 -9.40 -7.06 11.42
N GLY A 104 -8.88 -7.83 12.36
CA GLY A 104 -9.62 -8.19 13.55
C GLY A 104 -10.61 -9.31 13.34
N LEU A 105 -11.82 -8.91 12.99
CA LEU A 105 -12.99 -9.82 12.93
C LEU A 105 -13.26 -10.38 14.33
N GLU A 106 -14.15 -9.75 15.07
CA GLU A 106 -14.38 -10.12 16.45
C GLU A 106 -15.79 -10.69 16.67
N HIS A 107 -15.84 -11.91 17.19
CA HIS A 107 -17.09 -12.57 17.58
C HIS A 107 -16.76 -13.83 18.36
N HIS A 108 -17.13 -13.86 19.63
CA HIS A 108 -16.79 -15.00 20.49
C HIS A 108 -18.03 -15.71 21.00
N HIS A 109 -17.96 -17.03 20.96
CA HIS A 109 -18.99 -17.90 21.53
C HIS A 109 -18.32 -19.16 22.06
N HIS A 110 -18.13 -19.22 23.37
CA HIS A 110 -17.43 -20.36 23.96
C HIS A 110 -17.97 -20.67 25.37
N HIS A 111 -17.39 -20.03 26.39
CA HIS A 111 -17.58 -20.43 27.78
C HIS A 111 -17.13 -21.88 27.99
N HIS A 112 -17.97 -22.82 27.58
CA HIS A 112 -17.64 -24.24 27.60
C HIS A 112 -18.29 -24.91 26.39
N MET A 1 6.20 -11.64 -18.38
CA MET A 1 7.35 -10.87 -18.91
C MET A 1 6.98 -9.39 -19.04
N ASN A 2 5.87 -8.99 -18.43
CA ASN A 2 5.37 -7.63 -18.57
C ASN A 2 5.92 -6.73 -17.46
N ASN A 3 6.72 -7.31 -16.58
CA ASN A 3 7.27 -6.57 -15.46
C ASN A 3 8.71 -6.15 -15.76
N PRO A 4 9.10 -4.91 -15.44
CA PRO A 4 10.49 -4.44 -15.59
C PRO A 4 11.42 -5.12 -14.58
N SER A 5 10.83 -5.53 -13.45
CA SER A 5 11.53 -6.31 -12.42
C SER A 5 12.71 -5.55 -11.82
N ASP A 6 12.75 -4.23 -11.97
CA ASP A 6 13.87 -3.45 -11.47
C ASP A 6 13.52 -2.74 -10.17
N PHE A 7 12.33 -2.98 -9.68
CA PHE A 7 11.91 -2.41 -8.42
C PHE A 7 12.04 -3.38 -7.28
N LYS A 8 12.59 -2.87 -6.20
CA LYS A 8 12.88 -3.65 -5.01
C LYS A 8 11.75 -3.52 -3.99
N SER A 9 11.15 -2.34 -3.91
CA SER A 9 10.24 -2.04 -2.80
C SER A 9 8.88 -1.55 -3.30
N PHE A 10 7.94 -1.47 -2.36
CA PHE A 10 6.57 -1.04 -2.67
C PHE A 10 6.53 0.33 -3.32
N HIS A 11 7.33 1.28 -2.82
CA HIS A 11 7.31 2.64 -3.35
C HIS A 11 7.81 2.68 -4.79
N ASP A 12 8.64 1.71 -5.15
CA ASP A 12 9.13 1.59 -6.51
C ASP A 12 8.09 0.90 -7.38
N PHE A 13 7.53 -0.19 -6.87
CA PHE A 13 6.52 -0.96 -7.58
C PHE A 13 5.29 -0.12 -7.88
N VAL A 14 4.75 0.52 -6.85
CA VAL A 14 3.53 1.31 -6.99
C VAL A 14 3.75 2.46 -7.97
N ALA A 15 4.97 3.01 -7.99
CA ALA A 15 5.29 4.09 -8.91
C ALA A 15 5.11 3.64 -10.37
N SER A 16 5.55 2.43 -10.65
CA SER A 16 5.46 1.89 -12.01
C SER A 16 4.04 1.39 -12.28
N TYR A 17 3.42 0.77 -11.29
CA TYR A 17 2.10 0.18 -11.45
C TYR A 17 1.03 1.27 -11.57
N MET A 18 1.19 2.34 -10.79
CA MET A 18 0.29 3.49 -10.85
C MET A 18 0.33 4.08 -12.25
N LYS A 19 1.52 4.12 -12.83
CA LYS A 19 1.72 4.67 -14.16
C LYS A 19 1.15 3.71 -15.22
N THR A 20 1.04 2.44 -14.85
CA THR A 20 0.51 1.42 -15.75
C THR A 20 -0.95 1.71 -16.11
N TYR A 21 -1.81 1.83 -15.10
CA TYR A 21 -3.21 2.12 -15.35
C TYR A 21 -3.47 3.62 -15.42
N SER A 22 -2.42 4.41 -15.18
CA SER A 22 -2.48 5.87 -15.36
C SER A 22 -2.92 6.22 -16.78
N ARG A 23 -2.80 5.26 -17.69
CA ARG A 23 -3.26 5.41 -19.06
C ARG A 23 -4.72 5.88 -19.11
N ARG A 24 -5.51 5.39 -18.17
CA ARG A 24 -6.91 5.75 -18.09
C ARG A 24 -7.22 6.60 -16.86
N LEU A 25 -6.17 7.01 -16.15
CA LEU A 25 -6.33 7.88 -15.00
C LEU A 25 -6.35 9.32 -15.45
N GLU A 26 -7.43 10.01 -15.14
CA GLU A 26 -7.53 11.41 -15.44
C GLU A 26 -6.57 12.21 -14.57
N ILE A 27 -6.36 13.46 -14.93
CA ILE A 27 -5.40 14.31 -14.26
C ILE A 27 -5.78 14.50 -12.78
N GLY A 28 -7.08 14.57 -12.52
CA GLY A 28 -7.57 14.81 -11.17
C GLY A 28 -7.03 13.82 -10.15
N THR A 29 -7.32 12.54 -10.34
CA THR A 29 -6.90 11.52 -9.38
C THR A 29 -5.37 11.37 -9.36
N PHE A 30 -4.75 11.48 -10.54
CA PHE A 30 -3.31 11.27 -10.66
C PHE A 30 -2.52 12.31 -9.86
N ARG A 31 -2.90 13.58 -9.99
CA ARG A 31 -2.19 14.67 -9.33
C ARG A 31 -2.48 14.71 -7.84
N HIS A 32 -3.57 14.08 -7.43
CA HIS A 32 -4.01 14.12 -6.04
C HIS A 32 -3.07 13.35 -5.12
N HIS A 33 -2.91 12.05 -5.39
CA HIS A 33 -2.15 11.18 -4.49
C HIS A 33 -0.72 10.94 -4.99
N LYS A 34 -0.22 11.85 -5.81
CA LYS A 34 1.10 11.73 -6.38
C LYS A 34 2.18 12.02 -5.34
N SER A 35 2.01 13.12 -4.61
CA SER A 35 3.03 13.59 -3.66
C SER A 35 3.09 12.70 -2.42
N CYS A 36 2.00 11.98 -2.14
CA CYS A 36 1.89 11.18 -0.92
C CYS A 36 3.04 10.17 -0.81
N MET A 37 3.13 9.29 -1.80
CA MET A 37 4.16 8.26 -1.80
C MET A 37 5.53 8.88 -2.11
N ARG A 38 5.53 9.99 -2.83
CA ARG A 38 6.77 10.60 -3.27
C ARG A 38 7.54 11.26 -2.14
N LYS A 39 6.86 11.71 -1.10
CA LYS A 39 7.57 12.29 0.03
C LYS A 39 8.30 11.19 0.81
N PHE A 40 7.82 9.96 0.66
CA PHE A 40 8.44 8.81 1.30
C PHE A 40 9.52 8.23 0.39
N LYS A 41 9.72 8.86 -0.76
CA LYS A 41 10.66 8.38 -1.76
C LYS A 41 12.11 8.65 -1.36
N GLU A 42 12.30 9.14 -0.15
CA GLU A 42 13.64 9.34 0.39
C GLU A 42 13.99 8.19 1.34
N TYR A 43 13.13 7.18 1.34
CA TYR A 43 13.38 5.96 2.06
C TYR A 43 14.10 4.98 1.14
N CYS A 44 15.40 4.84 1.35
CA CYS A 44 16.25 4.06 0.44
C CYS A 44 15.84 2.59 0.42
N GLU A 45 15.45 2.08 1.59
CA GLU A 45 14.96 0.71 1.69
C GLU A 45 13.49 0.64 1.32
N GLY A 46 12.82 -0.38 1.80
CA GLY A 46 11.40 -0.52 1.53
C GLY A 46 10.78 -1.61 2.36
N LEU A 47 10.08 -2.50 1.70
CA LEU A 47 9.33 -3.55 2.37
C LEU A 47 8.85 -4.56 1.32
N GLN A 48 9.13 -5.83 1.57
CA GLN A 48 8.78 -6.89 0.63
C GLN A 48 7.52 -7.62 1.08
N PHE A 49 7.13 -8.64 0.31
CA PHE A 49 5.92 -9.41 0.58
C PHE A 49 5.91 -9.98 2.01
N HIS A 50 7.07 -10.40 2.47
CA HIS A 50 7.20 -11.03 3.79
C HIS A 50 7.06 -9.99 4.90
N GLU A 51 7.46 -8.77 4.61
CA GLU A 51 7.44 -7.70 5.61
C GLU A 51 6.08 -7.03 5.64
N LEU A 52 5.26 -7.33 4.64
CA LEU A 52 3.91 -6.78 4.55
C LEU A 52 3.02 -7.45 5.59
N THR A 53 2.90 -6.83 6.75
CA THR A 53 2.13 -7.39 7.84
C THR A 53 1.08 -6.41 8.32
N GLU A 54 0.09 -6.92 9.05
CA GLU A 54 -0.94 -6.07 9.66
C GLU A 54 -0.30 -5.03 10.56
N ASP A 55 0.76 -5.44 11.27
CA ASP A 55 1.43 -4.57 12.23
C ASP A 55 1.91 -3.28 11.57
N PHE A 56 2.49 -3.40 10.37
CA PHE A 56 2.95 -2.23 9.64
C PHE A 56 1.78 -1.31 9.30
N LEU A 57 0.74 -1.89 8.72
CA LEU A 57 -0.45 -1.14 8.33
C LEU A 57 -1.12 -0.51 9.56
N ARG A 58 -1.23 -1.30 10.62
CA ARG A 58 -1.88 -0.88 11.85
C ARG A 58 -1.12 0.26 12.52
N ASP A 59 0.19 0.06 12.68
CA ASP A 59 1.04 1.06 13.31
C ASP A 59 1.10 2.33 12.50
N TYR A 60 1.12 2.18 11.17
CA TYR A 60 1.20 3.33 10.28
C TYR A 60 -0.13 4.10 10.29
N LEU A 61 -1.24 3.36 10.37
CA LEU A 61 -2.56 3.97 10.49
C LEU A 61 -2.61 4.88 11.72
N ILE A 62 -2.23 4.31 12.86
CA ILE A 62 -2.21 5.05 14.11
C ILE A 62 -1.25 6.24 14.00
N TYR A 63 -0.04 5.96 13.52
CA TYR A 63 0.98 7.00 13.38
C TYR A 63 0.47 8.19 12.57
N MET A 64 -0.26 7.89 11.50
CA MET A 64 -0.75 8.92 10.61
C MET A 64 -1.85 9.76 11.26
N LYS A 65 -2.74 9.11 11.99
CA LYS A 65 -3.85 9.82 12.63
C LYS A 65 -3.43 10.43 13.97
N LYS A 66 -2.40 9.86 14.60
CA LYS A 66 -1.96 10.28 15.92
C LYS A 66 -0.84 11.32 15.84
N THR A 67 0.30 10.92 15.29
CA THR A 67 1.47 11.78 15.25
C THR A 67 1.37 12.81 14.12
N LEU A 68 0.84 12.38 13.00
CA LEU A 68 0.67 13.28 11.85
C LEU A 68 -0.68 13.98 11.93
N CYS A 69 -1.56 13.46 12.79
CA CYS A 69 -2.90 14.00 12.98
C CYS A 69 -3.67 14.09 11.65
N ASN A 70 -4.16 12.95 11.19
CA ASN A 70 -4.97 12.92 9.98
C ASN A 70 -6.34 12.32 10.29
N ALA A 71 -7.30 12.55 9.41
CA ALA A 71 -8.63 12.00 9.57
C ALA A 71 -8.67 10.54 9.12
N ASP A 72 -9.69 9.82 9.53
CA ASP A 72 -9.85 8.41 9.17
C ASP A 72 -9.90 8.23 7.66
N SER A 73 -10.71 9.05 7.01
CA SER A 73 -10.88 8.99 5.56
C SER A 73 -9.59 9.38 4.83
N THR A 74 -8.72 10.10 5.52
CA THR A 74 -7.44 10.51 4.94
C THR A 74 -6.42 9.38 5.07
N ALA A 75 -6.32 8.83 6.28
CA ALA A 75 -5.37 7.77 6.56
C ALA A 75 -5.66 6.52 5.73
N GLN A 76 -6.92 6.13 5.71
CA GLN A 76 -7.36 4.97 4.93
C GLN A 76 -7.07 5.17 3.46
N ARG A 77 -7.20 6.40 2.98
CA ARG A 77 -6.96 6.71 1.58
C ARG A 77 -5.49 6.53 1.23
N ASN A 78 -4.62 6.97 2.15
CA ASN A 78 -3.19 6.86 1.94
C ASN A 78 -2.74 5.40 2.02
N LEU A 79 -3.38 4.65 2.92
CA LEU A 79 -3.11 3.23 3.05
C LEU A 79 -3.54 2.47 1.80
N SER A 80 -4.61 2.94 1.17
CA SER A 80 -5.10 2.33 -0.07
C SER A 80 -4.05 2.38 -1.18
N THR A 81 -3.10 3.30 -1.06
CA THR A 81 -2.03 3.41 -2.05
C THR A 81 -1.04 2.25 -1.90
N ILE A 82 -0.69 1.93 -0.66
CA ILE A 82 0.15 0.77 -0.38
C ILE A 82 -0.65 -0.51 -0.64
N LYS A 83 -1.95 -0.42 -0.37
CA LYS A 83 -2.89 -1.49 -0.65
C LYS A 83 -2.81 -1.97 -2.10
N ILE A 84 -2.61 -1.06 -3.04
CA ILE A 84 -2.49 -1.44 -4.44
C ILE A 84 -1.33 -2.42 -4.63
N TYR A 85 -0.25 -2.19 -3.89
CA TYR A 85 0.91 -3.08 -3.93
C TYR A 85 0.55 -4.44 -3.32
N VAL A 86 -0.03 -4.37 -2.12
CA VAL A 86 -0.46 -5.56 -1.40
C VAL A 86 -1.45 -6.38 -2.20
N SER A 87 -2.53 -5.71 -2.59
CA SER A 87 -3.64 -6.35 -3.29
C SER A 87 -3.21 -6.95 -4.62
N ALA A 88 -2.28 -6.32 -5.32
CA ALA A 88 -1.77 -6.85 -6.58
C ALA A 88 -0.93 -8.10 -6.34
N ALA A 89 -0.18 -8.10 -5.24
CA ALA A 89 0.69 -9.22 -4.90
C ALA A 89 -0.11 -10.42 -4.44
N ILE A 90 -1.30 -10.16 -3.91
CA ILE A 90 -2.20 -11.23 -3.49
C ILE A 90 -2.98 -11.77 -4.68
N LYS A 91 -3.29 -10.89 -5.61
CA LYS A 91 -4.14 -11.24 -6.76
C LYS A 91 -3.39 -12.20 -7.68
N LYS A 92 -2.13 -11.88 -7.97
CA LYS A 92 -1.26 -12.77 -8.71
C LYS A 92 0.19 -12.36 -8.51
N GLY A 93 0.68 -12.53 -7.30
CA GLY A 93 2.06 -12.19 -7.02
C GLY A 93 2.76 -13.25 -6.19
N TYR A 94 2.47 -13.27 -4.90
CA TYR A 94 3.15 -14.17 -3.99
C TYR A 94 2.32 -14.43 -2.74
N MET A 95 1.70 -13.38 -2.22
CA MET A 95 0.95 -13.46 -0.97
C MET A 95 -0.36 -14.21 -1.16
N GLU A 96 -0.68 -15.07 -0.20
CA GLU A 96 -1.94 -15.82 -0.26
C GLU A 96 -3.01 -15.14 0.58
N ASN A 97 -2.65 -14.74 1.79
CA ASN A 97 -3.58 -14.08 2.68
C ASN A 97 -3.22 -12.61 2.80
N ASP A 98 -4.19 -11.81 3.20
CA ASP A 98 -4.04 -10.38 3.26
C ASP A 98 -3.99 -9.91 4.72
N PRO A 99 -3.34 -8.76 4.96
CA PRO A 99 -3.21 -8.21 6.32
C PRO A 99 -4.49 -7.56 6.82
N PHE A 100 -5.40 -7.21 5.91
CA PHE A 100 -6.62 -6.51 6.30
C PHE A 100 -7.70 -7.49 6.72
N LYS A 101 -7.40 -8.75 6.56
CA LYS A 101 -8.20 -9.82 7.12
C LYS A 101 -8.21 -9.72 8.64
N ASP A 102 -7.03 -9.46 9.21
CA ASP A 102 -6.85 -9.37 10.65
C ASP A 102 -6.68 -7.91 11.08
N PHE A 103 -6.86 -7.00 10.15
CA PHE A 103 -6.69 -5.57 10.39
C PHE A 103 -7.84 -5.03 11.22
N GLY A 104 -7.68 -5.11 12.52
CA GLY A 104 -8.72 -4.67 13.43
C GLY A 104 -9.58 -5.82 13.85
N LEU A 105 -9.23 -6.99 13.37
CA LEU A 105 -9.94 -8.23 13.68
C LEU A 105 -8.92 -9.35 13.86
N GLU A 106 -8.15 -9.28 14.93
CA GLU A 106 -7.12 -10.27 15.19
C GLU A 106 -7.75 -11.61 15.49
N HIS A 107 -7.70 -12.49 14.48
CA HIS A 107 -8.33 -13.79 14.54
C HIS A 107 -7.37 -14.84 13.96
N HIS A 108 -6.21 -14.37 13.50
CA HIS A 108 -5.18 -15.25 12.95
C HIS A 108 -4.62 -16.16 14.04
N HIS A 109 -5.16 -17.37 14.12
CA HIS A 109 -4.71 -18.34 15.11
C HIS A 109 -5.09 -19.75 14.64
N HIS A 110 -5.44 -19.88 13.36
CA HIS A 110 -5.87 -21.15 12.82
C HIS A 110 -4.66 -22.04 12.50
N HIS A 111 -3.49 -21.41 12.39
CA HIS A 111 -2.26 -22.15 12.16
C HIS A 111 -1.56 -22.43 13.48
N HIS A 112 -1.51 -23.69 13.84
CA HIS A 112 -0.81 -24.12 15.04
C HIS A 112 0.14 -25.27 14.67
N MET A 1 8.66 -10.58 -15.55
CA MET A 1 9.78 -10.53 -14.58
C MET A 1 10.89 -9.61 -15.08
N ASN A 2 10.55 -8.73 -16.01
CA ASN A 2 11.55 -7.84 -16.62
C ASN A 2 12.10 -6.88 -15.59
N ASN A 3 11.23 -6.03 -15.07
CA ASN A 3 11.61 -5.06 -14.05
C ASN A 3 10.61 -5.10 -12.89
N PRO A 4 10.86 -6.00 -11.93
CA PRO A 4 9.95 -6.25 -10.80
C PRO A 4 10.06 -5.19 -9.70
N SER A 5 9.51 -5.52 -8.54
CA SER A 5 9.50 -4.63 -7.38
C SER A 5 10.88 -4.61 -6.69
N ASP A 6 11.93 -4.48 -7.50
CA ASP A 6 13.29 -4.50 -7.00
C ASP A 6 13.81 -3.09 -6.80
N PHE A 7 12.88 -2.15 -6.77
CA PHE A 7 13.19 -0.75 -6.60
C PHE A 7 13.74 -0.46 -5.20
N LYS A 8 14.02 0.81 -4.93
CA LYS A 8 14.55 1.24 -3.64
C LYS A 8 13.66 0.76 -2.49
N SER A 9 12.36 0.80 -2.73
CA SER A 9 11.38 0.43 -1.73
C SER A 9 10.05 0.15 -2.42
N PHE A 10 9.14 -0.48 -1.70
CA PHE A 10 7.85 -0.85 -2.26
C PHE A 10 7.05 0.40 -2.64
N HIS A 11 7.30 1.50 -1.92
CA HIS A 11 6.59 2.76 -2.17
C HIS A 11 6.92 3.30 -3.56
N ASP A 12 8.18 3.15 -3.95
CA ASP A 12 8.65 3.64 -5.25
C ASP A 12 8.06 2.79 -6.37
N PHE A 13 7.92 1.50 -6.09
CA PHE A 13 7.27 0.58 -7.01
C PHE A 13 5.81 0.96 -7.18
N VAL A 14 5.17 1.36 -6.09
CA VAL A 14 3.79 1.84 -6.12
C VAL A 14 3.65 2.98 -7.12
N ALA A 15 4.57 3.95 -7.03
CA ALA A 15 4.56 5.10 -7.94
C ALA A 15 4.70 4.65 -9.38
N SER A 16 5.63 3.72 -9.62
CA SER A 16 5.87 3.20 -10.97
C SER A 16 4.63 2.51 -11.54
N TYR A 17 3.93 1.77 -10.71
CA TYR A 17 2.72 1.08 -11.14
C TYR A 17 1.57 2.08 -11.25
N MET A 18 1.56 3.08 -10.37
CA MET A 18 0.48 4.05 -10.29
C MET A 18 0.41 4.89 -11.55
N LYS A 19 1.56 5.35 -12.05
CA LYS A 19 1.58 6.12 -13.28
C LYS A 19 1.16 5.25 -14.46
N THR A 20 1.31 3.94 -14.31
CA THR A 20 0.94 3.00 -15.36
C THR A 20 -0.57 2.82 -15.42
N TYR A 21 -1.20 2.51 -14.29
CA TYR A 21 -2.65 2.28 -14.27
C TYR A 21 -3.40 3.62 -14.24
N SER A 22 -2.65 4.71 -14.25
CA SER A 22 -3.23 6.05 -14.32
C SER A 22 -4.09 6.21 -15.57
N ARG A 23 -3.79 5.42 -16.59
CA ARG A 23 -4.58 5.43 -17.82
C ARG A 23 -5.98 4.89 -17.58
N ARG A 24 -6.13 4.15 -16.49
CA ARG A 24 -7.42 3.59 -16.11
C ARG A 24 -7.97 4.31 -14.88
N LEU A 25 -7.37 5.43 -14.55
CA LEU A 25 -7.76 6.18 -13.36
C LEU A 25 -8.07 7.62 -13.71
N GLU A 26 -9.09 8.18 -13.08
CA GLU A 26 -9.41 9.58 -13.23
C GLU A 26 -8.26 10.43 -12.72
N ILE A 27 -8.12 11.61 -13.28
CA ILE A 27 -7.02 12.51 -12.92
C ILE A 27 -7.19 13.00 -11.50
N GLY A 28 -8.42 13.34 -11.13
CA GLY A 28 -8.68 13.87 -9.80
C GLY A 28 -8.28 12.92 -8.69
N THR A 29 -8.56 11.63 -8.88
CA THR A 29 -8.23 10.63 -7.87
C THR A 29 -6.74 10.28 -7.93
N PHE A 30 -6.19 10.16 -9.13
CA PHE A 30 -4.74 9.96 -9.30
C PHE A 30 -3.96 11.08 -8.61
N ARG A 31 -4.33 12.31 -8.94
CA ARG A 31 -3.73 13.50 -8.35
C ARG A 31 -3.84 13.48 -6.83
N HIS A 32 -4.94 12.93 -6.34
CA HIS A 32 -5.27 12.97 -4.93
C HIS A 32 -4.32 12.13 -4.08
N HIS A 33 -3.56 11.23 -4.71
CA HIS A 33 -2.66 10.35 -3.97
C HIS A 33 -1.37 10.06 -4.73
N LYS A 34 -0.94 10.98 -5.58
CA LYS A 34 0.26 10.78 -6.37
C LYS A 34 1.50 11.31 -5.65
N SER A 35 1.32 12.39 -4.90
CA SER A 35 2.44 13.07 -4.26
C SER A 35 2.86 12.38 -2.95
N CYS A 36 1.94 11.58 -2.40
CA CYS A 36 2.13 10.98 -1.08
C CYS A 36 3.46 10.24 -0.93
N MET A 37 3.66 9.21 -1.76
CA MET A 37 4.84 8.36 -1.65
C MET A 37 6.12 9.14 -1.89
N ARG A 38 6.05 10.11 -2.81
CA ARG A 38 7.23 10.86 -3.21
C ARG A 38 7.71 11.78 -2.09
N LYS A 39 6.77 12.51 -1.52
CA LYS A 39 7.09 13.48 -0.48
C LYS A 39 7.58 12.79 0.78
N PHE A 40 7.07 11.59 1.01
CA PHE A 40 7.46 10.79 2.15
C PHE A 40 8.95 10.44 2.08
N LYS A 41 9.45 10.29 0.86
CA LYS A 41 10.81 9.81 0.61
C LYS A 41 11.04 8.49 1.32
N GLU A 42 10.75 7.40 0.63
CA GLU A 42 10.72 6.09 1.23
C GLU A 42 12.13 5.56 1.51
N TYR A 43 12.46 5.46 2.80
CA TYR A 43 13.66 4.77 3.23
C TYR A 43 13.26 3.46 3.89
N CYS A 44 12.01 3.08 3.67
CA CYS A 44 11.42 1.86 4.21
C CYS A 44 12.16 0.63 3.69
N GLU A 45 12.92 -0.01 4.57
CA GLU A 45 13.75 -1.15 4.20
C GLU A 45 13.62 -2.25 5.24
N GLY A 46 13.51 -3.49 4.77
CA GLY A 46 13.42 -4.62 5.67
C GLY A 46 12.02 -5.18 5.78
N LEU A 47 11.14 -4.71 4.90
CA LEU A 47 9.77 -5.16 4.89
C LEU A 47 9.64 -6.43 4.07
N GLN A 48 9.35 -7.55 4.73
CA GLN A 48 9.15 -8.81 4.04
C GLN A 48 7.73 -8.92 3.50
N PHE A 49 7.38 -10.08 2.96
CA PHE A 49 6.06 -10.26 2.36
C PHE A 49 5.00 -10.43 3.44
N HIS A 50 5.28 -11.31 4.40
CA HIS A 50 4.32 -11.57 5.47
C HIS A 50 4.40 -10.49 6.54
N GLU A 51 5.26 -9.50 6.33
CA GLU A 51 5.33 -8.37 7.24
C GLU A 51 4.27 -7.33 6.85
N LEU A 52 3.73 -7.48 5.65
CA LEU A 52 2.65 -6.64 5.19
C LEU A 52 1.34 -7.24 5.65
N THR A 53 0.97 -6.96 6.89
CA THR A 53 -0.20 -7.55 7.50
C THR A 53 -1.20 -6.50 7.96
N GLU A 54 -2.31 -6.96 8.51
CA GLU A 54 -3.32 -6.09 9.08
C GLU A 54 -2.72 -5.20 10.16
N ASP A 55 -1.79 -5.75 10.91
CA ASP A 55 -1.15 -5.02 11.99
C ASP A 55 -0.28 -3.90 11.43
N PHE A 56 0.41 -4.18 10.34
CA PHE A 56 1.25 -3.18 9.69
C PHE A 56 0.39 -2.03 9.19
N LEU A 57 -0.71 -2.36 8.52
CA LEU A 57 -1.63 -1.34 8.02
C LEU A 57 -2.13 -0.46 9.15
N ARG A 58 -2.48 -1.09 10.27
CA ARG A 58 -2.99 -0.37 11.42
C ARG A 58 -1.92 0.56 12.01
N ASP A 59 -0.73 0.00 12.25
CA ASP A 59 0.38 0.75 12.82
C ASP A 59 0.82 1.89 11.90
N TYR A 60 0.90 1.59 10.62
CA TYR A 60 1.33 2.57 9.62
C TYR A 60 0.29 3.66 9.47
N LEU A 61 -0.97 3.29 9.59
CA LEU A 61 -2.08 4.25 9.59
C LEU A 61 -1.92 5.25 10.71
N ILE A 62 -1.70 4.72 11.92
CA ILE A 62 -1.50 5.56 13.09
C ILE A 62 -0.29 6.47 12.91
N TYR A 63 0.81 5.91 12.43
CA TYR A 63 2.05 6.67 12.23
C TYR A 63 1.82 7.78 11.21
N MET A 64 1.08 7.47 10.16
CA MET A 64 0.76 8.43 9.10
C MET A 64 -0.05 9.60 9.65
N LYS A 65 -1.05 9.28 10.44
CA LYS A 65 -1.95 10.27 11.00
C LYS A 65 -1.29 11.03 12.16
N LYS A 66 -0.43 10.34 12.90
CA LYS A 66 0.22 10.91 14.08
C LYS A 66 1.41 11.79 13.69
N THR A 67 2.43 11.18 13.11
CA THR A 67 3.68 11.88 12.83
C THR A 67 3.58 12.72 11.56
N LEU A 68 3.04 12.15 10.50
CA LEU A 68 2.97 12.83 9.21
C LEU A 68 1.88 13.91 9.22
N CYS A 69 1.01 13.86 10.23
CA CYS A 69 -0.01 14.87 10.44
C CYS A 69 -1.07 14.81 9.33
N ASN A 70 -1.15 13.67 8.66
CA ASN A 70 -2.17 13.47 7.63
C ASN A 70 -3.49 13.10 8.27
N ALA A 71 -4.58 13.49 7.64
CA ALA A 71 -5.91 13.17 8.13
C ALA A 71 -6.18 11.69 7.99
N ASP A 72 -7.16 11.20 8.74
CA ASP A 72 -7.54 9.79 8.72
C ASP A 72 -7.79 9.32 7.30
N SER A 73 -8.66 10.03 6.59
CA SER A 73 -9.01 9.71 5.23
C SER A 73 -7.80 9.82 4.30
N THR A 74 -6.93 10.78 4.58
CA THR A 74 -5.73 10.98 3.79
C THR A 74 -4.76 9.81 3.98
N ALA A 75 -4.67 9.33 5.21
CA ALA A 75 -3.83 8.19 5.53
C ALA A 75 -4.37 6.92 4.87
N GLN A 76 -5.69 6.85 4.76
CA GLN A 76 -6.36 5.77 4.05
C GLN A 76 -5.95 5.77 2.58
N ARG A 77 -5.80 6.96 2.01
CA ARG A 77 -5.34 7.11 0.64
C ARG A 77 -3.92 6.57 0.51
N ASN A 78 -3.08 6.95 1.46
CA ASN A 78 -1.68 6.54 1.46
C ASN A 78 -1.53 5.03 1.61
N LEU A 79 -2.39 4.44 2.42
CA LEU A 79 -2.37 2.99 2.61
C LEU A 79 -2.90 2.28 1.37
N SER A 80 -3.89 2.89 0.72
CA SER A 80 -4.51 2.31 -0.46
C SER A 80 -3.52 2.20 -1.62
N THR A 81 -2.50 3.04 -1.64
CA THR A 81 -1.50 2.99 -2.70
C THR A 81 -0.75 1.66 -2.67
N ILE A 82 -0.28 1.29 -1.50
CA ILE A 82 0.41 0.03 -1.30
C ILE A 82 -0.54 -1.13 -1.56
N LYS A 83 -1.77 -0.99 -1.10
CA LYS A 83 -2.79 -2.00 -1.27
C LYS A 83 -3.01 -2.32 -2.75
N ILE A 84 -2.85 -1.33 -3.62
CA ILE A 84 -3.03 -1.56 -5.05
C ILE A 84 -2.06 -2.62 -5.57
N TYR A 85 -0.77 -2.46 -5.30
CA TYR A 85 0.22 -3.38 -5.82
C TYR A 85 0.15 -4.71 -5.06
N VAL A 86 -0.14 -4.65 -3.76
CA VAL A 86 -0.28 -5.85 -2.96
C VAL A 86 -1.45 -6.68 -3.45
N SER A 87 -2.58 -6.01 -3.70
CA SER A 87 -3.76 -6.66 -4.24
C SER A 87 -3.45 -7.38 -5.56
N ALA A 88 -2.55 -6.80 -6.33
CA ALA A 88 -2.12 -7.42 -7.59
C ALA A 88 -1.20 -8.61 -7.32
N ALA A 89 -0.34 -8.45 -6.32
CA ALA A 89 0.62 -9.50 -5.96
C ALA A 89 -0.08 -10.71 -5.35
N ILE A 90 -1.25 -10.49 -4.79
CA ILE A 90 -2.05 -11.59 -4.26
C ILE A 90 -2.82 -12.27 -5.38
N LYS A 91 -3.15 -11.50 -6.41
CA LYS A 91 -3.94 -12.01 -7.52
C LYS A 91 -3.10 -12.96 -8.36
N LYS A 92 -1.86 -12.56 -8.63
CA LYS A 92 -0.92 -13.42 -9.33
C LYS A 92 0.49 -12.84 -9.22
N GLY A 93 1.05 -12.92 -8.03
CA GLY A 93 2.41 -12.47 -7.81
C GLY A 93 3.18 -13.40 -6.90
N TYR A 94 2.93 -13.30 -5.61
CA TYR A 94 3.66 -14.09 -4.62
C TYR A 94 2.89 -14.16 -3.30
N MET A 95 2.21 -13.06 -2.96
CA MET A 95 1.44 -12.99 -1.72
C MET A 95 0.27 -13.95 -1.75
N GLU A 96 0.24 -14.85 -0.78
CA GLU A 96 -0.83 -15.83 -0.67
C GLU A 96 -2.03 -15.24 0.04
N ASN A 97 -1.76 -14.48 1.09
CA ASN A 97 -2.79 -14.05 2.00
C ASN A 97 -2.93 -12.54 1.99
N ASP A 98 -4.04 -12.08 2.52
CA ASP A 98 -4.40 -10.67 2.46
C ASP A 98 -3.97 -9.94 3.73
N PRO A 99 -3.55 -8.68 3.58
CA PRO A 99 -3.22 -7.78 4.69
C PRO A 99 -4.47 -7.13 5.26
N PHE A 100 -5.61 -7.43 4.66
CA PHE A 100 -6.89 -6.92 5.13
C PHE A 100 -7.87 -8.05 5.31
N LYS A 101 -7.30 -9.20 5.54
CA LYS A 101 -8.05 -10.43 5.72
C LYS A 101 -8.56 -10.53 7.17
N ASP A 102 -7.73 -10.08 8.11
CA ASP A 102 -8.11 -10.04 9.52
C ASP A 102 -8.41 -8.61 9.95
N PHE A 103 -8.47 -7.71 8.98
CA PHE A 103 -8.57 -6.28 9.26
C PHE A 103 -9.85 -5.95 10.03
N GLY A 104 -10.98 -6.20 9.41
CA GLY A 104 -12.25 -5.94 10.07
C GLY A 104 -13.36 -6.85 9.59
N LEU A 105 -12.98 -7.94 8.93
CA LEU A 105 -13.95 -8.87 8.38
C LEU A 105 -13.62 -10.29 8.81
N GLU A 106 -14.26 -10.73 9.89
CA GLU A 106 -14.02 -12.07 10.42
C GLU A 106 -15.05 -13.05 9.89
N HIS A 107 -15.08 -13.17 8.58
CA HIS A 107 -15.96 -14.12 7.90
C HIS A 107 -15.14 -14.89 6.88
N HIS A 108 -13.85 -14.95 7.14
CA HIS A 108 -12.91 -15.61 6.23
C HIS A 108 -12.52 -16.97 6.78
N HIS A 109 -13.08 -18.01 6.18
CA HIS A 109 -12.73 -19.38 6.56
C HIS A 109 -11.91 -20.03 5.45
N HIS A 110 -11.00 -20.90 5.83
CA HIS A 110 -10.16 -21.60 4.88
C HIS A 110 -10.17 -23.08 5.18
N HIS A 111 -9.82 -23.89 4.20
CA HIS A 111 -9.64 -25.33 4.42
C HIS A 111 -8.17 -25.64 4.68
N HIS A 112 -7.37 -24.58 4.71
CA HIS A 112 -5.97 -24.68 5.08
C HIS A 112 -5.59 -23.43 5.85
N MET A 1 8.02 1.25 -24.26
CA MET A 1 8.63 1.52 -22.95
C MET A 1 7.55 1.89 -21.94
N ASN A 2 7.58 1.26 -20.78
CA ASN A 2 6.64 1.56 -19.70
C ASN A 2 7.27 1.15 -18.37
N ASN A 3 6.71 1.62 -17.28
CA ASN A 3 7.28 1.37 -15.96
C ASN A 3 7.08 -0.09 -15.55
N PRO A 4 8.08 -0.67 -14.88
CA PRO A 4 8.05 -2.06 -14.43
C PRO A 4 7.59 -2.21 -12.99
N SER A 5 7.81 -3.39 -12.44
CA SER A 5 7.45 -3.69 -11.06
C SER A 5 8.69 -4.15 -10.30
N ASP A 6 9.84 -3.63 -10.72
CA ASP A 6 11.14 -4.09 -10.22
C ASP A 6 11.55 -3.35 -8.95
N PHE A 7 10.68 -2.51 -8.47
CA PHE A 7 10.96 -1.71 -7.29
C PHE A 7 10.82 -2.55 -6.03
N LYS A 8 11.65 -2.26 -5.07
CA LYS A 8 11.68 -3.01 -3.82
C LYS A 8 10.88 -2.30 -2.74
N SER A 9 10.70 -1.01 -2.92
CA SER A 9 10.06 -0.21 -1.88
C SER A 9 8.60 0.05 -2.21
N PHE A 10 7.76 0.04 -1.18
CA PHE A 10 6.32 0.22 -1.34
C PHE A 10 5.98 1.56 -2.01
N HIS A 11 6.62 2.63 -1.56
CA HIS A 11 6.33 3.97 -2.10
C HIS A 11 6.82 4.08 -3.54
N ASP A 12 7.75 3.22 -3.92
CA ASP A 12 8.24 3.14 -5.28
C ASP A 12 7.31 2.30 -6.15
N PHE A 13 6.97 1.12 -5.65
CA PHE A 13 6.12 0.19 -6.38
C PHE A 13 4.75 0.82 -6.67
N VAL A 14 4.16 1.43 -5.65
CA VAL A 14 2.85 2.09 -5.80
C VAL A 14 2.91 3.18 -6.85
N ALA A 15 3.99 3.95 -6.86
CA ALA A 15 4.13 5.05 -7.80
C ALA A 15 4.18 4.54 -9.24
N SER A 16 4.85 3.42 -9.43
CA SER A 16 5.00 2.83 -10.75
C SER A 16 3.71 2.17 -11.21
N TYR A 17 3.05 1.46 -10.30
CA TYR A 17 1.80 0.78 -10.62
C TYR A 17 0.70 1.80 -10.85
N MET A 18 0.76 2.90 -10.10
CA MET A 18 -0.19 4.00 -10.27
C MET A 18 -0.04 4.62 -11.65
N LYS A 19 1.20 4.67 -12.13
CA LYS A 19 1.50 5.14 -13.47
C LYS A 19 0.98 4.13 -14.50
N THR A 20 0.99 2.87 -14.13
CA THR A 20 0.58 1.80 -15.03
C THR A 20 -0.91 1.92 -15.42
N TYR A 21 -1.79 1.95 -14.43
CA TYR A 21 -3.22 2.01 -14.72
C TYR A 21 -3.70 3.47 -14.81
N SER A 22 -2.75 4.40 -14.74
CA SER A 22 -3.02 5.81 -14.95
C SER A 22 -3.57 6.08 -16.36
N ARG A 23 -3.51 5.06 -17.21
CA ARG A 23 -4.01 5.16 -18.59
C ARG A 23 -5.47 5.61 -18.64
N ARG A 24 -6.23 5.33 -17.57
CA ARG A 24 -7.62 5.72 -17.52
C ARG A 24 -7.87 6.70 -16.38
N LEU A 25 -6.81 7.34 -15.91
CA LEU A 25 -6.91 8.27 -14.80
C LEU A 25 -6.70 9.70 -15.25
N GLU A 26 -7.61 10.57 -14.86
CA GLU A 26 -7.49 12.00 -15.13
C GLU A 26 -6.37 12.61 -14.30
N ILE A 27 -5.86 13.75 -14.76
CA ILE A 27 -4.83 14.48 -14.03
C ILE A 27 -5.30 14.81 -12.62
N GLY A 28 -6.57 15.18 -12.49
CA GLY A 28 -7.14 15.51 -11.20
C GLY A 28 -6.87 14.46 -10.14
N THR A 29 -7.16 13.21 -10.44
CA THR A 29 -6.92 12.13 -9.49
C THR A 29 -5.44 11.73 -9.50
N PHE A 30 -4.83 11.74 -10.67
CA PHE A 30 -3.46 11.27 -10.82
C PHE A 30 -2.48 12.16 -10.03
N ARG A 31 -2.63 13.47 -10.17
CA ARG A 31 -1.74 14.40 -9.48
C ARG A 31 -2.07 14.48 -8.00
N HIS A 32 -3.32 14.13 -7.66
CA HIS A 32 -3.79 14.19 -6.28
C HIS A 32 -3.06 13.15 -5.42
N HIS A 33 -2.42 12.21 -6.10
CA HIS A 33 -1.58 11.22 -5.45
C HIS A 33 -0.38 10.89 -6.35
N LYS A 34 0.24 11.94 -6.87
CA LYS A 34 1.34 11.78 -7.82
C LYS A 34 2.64 11.42 -7.12
N SER A 35 3.25 12.40 -6.47
CA SER A 35 4.55 12.21 -5.84
C SER A 35 4.42 12.12 -4.33
N CYS A 36 3.19 12.33 -3.86
CA CYS A 36 2.90 12.44 -2.43
C CYS A 36 3.48 11.28 -1.62
N MET A 37 3.06 10.07 -1.94
CA MET A 37 3.47 8.89 -1.18
C MET A 37 4.96 8.63 -1.29
N ARG A 38 5.57 8.98 -2.41
CA ARG A 38 6.97 8.66 -2.63
C ARG A 38 7.87 9.62 -1.85
N LYS A 39 7.52 10.89 -1.88
CA LYS A 39 8.30 11.92 -1.21
C LYS A 39 8.35 11.72 0.30
N PHE A 40 7.20 11.96 0.94
CA PHE A 40 7.11 11.91 2.40
C PHE A 40 7.60 10.57 2.97
N LYS A 41 7.21 9.47 2.33
CA LYS A 41 7.66 8.15 2.76
C LYS A 41 9.04 7.87 2.14
N GLU A 42 10.01 8.67 2.56
CA GLU A 42 11.33 8.71 1.94
C GLU A 42 12.13 7.43 2.17
N TYR A 43 11.83 6.71 3.24
CA TYR A 43 12.62 5.56 3.62
C TYR A 43 12.41 4.38 2.67
N CYS A 44 13.52 3.82 2.21
CA CYS A 44 13.51 2.67 1.32
C CYS A 44 14.12 1.46 2.03
N GLU A 45 13.92 0.27 1.45
CA GLU A 45 14.42 -0.98 2.03
C GLU A 45 13.69 -1.27 3.35
N GLY A 46 13.99 -2.40 3.97
CA GLY A 46 13.35 -2.74 5.22
C GLY A 46 11.91 -3.13 5.03
N LEU A 47 11.64 -3.83 3.94
CA LEU A 47 10.29 -4.24 3.61
C LEU A 47 10.34 -5.60 2.90
N GLN A 48 9.52 -6.52 3.36
CA GLN A 48 9.43 -7.85 2.79
C GLN A 48 7.97 -8.26 2.72
N PHE A 49 7.74 -9.52 2.40
CA PHE A 49 6.37 -10.01 2.23
C PHE A 49 5.75 -10.36 3.57
N HIS A 50 6.57 -10.81 4.50
CA HIS A 50 6.09 -11.12 5.84
C HIS A 50 6.22 -9.90 6.74
N GLU A 51 6.79 -8.83 6.20
CA GLU A 51 6.86 -7.55 6.90
C GLU A 51 5.53 -6.82 6.78
N LEU A 52 4.89 -7.02 5.65
CA LEU A 52 3.62 -6.39 5.37
C LEU A 52 2.49 -7.22 5.99
N THR A 53 2.20 -6.94 7.25
CA THR A 53 1.19 -7.70 7.99
C THR A 53 0.17 -6.78 8.64
N GLU A 54 -0.78 -7.37 9.35
CA GLU A 54 -1.79 -6.62 10.08
C GLU A 54 -1.13 -5.74 11.13
N ASP A 55 -0.13 -6.30 11.82
CA ASP A 55 0.61 -5.57 12.85
C ASP A 55 1.20 -4.29 12.28
N PHE A 56 1.78 -4.42 11.09
CA PHE A 56 2.36 -3.26 10.40
C PHE A 56 1.28 -2.26 10.05
N LEU A 57 0.20 -2.73 9.42
CA LEU A 57 -0.89 -1.86 8.99
C LEU A 57 -1.53 -1.14 10.17
N ARG A 58 -1.74 -1.87 11.26
CA ARG A 58 -2.33 -1.32 12.46
C ARG A 58 -1.49 -0.18 13.01
N ASP A 59 -0.18 -0.38 13.09
CA ASP A 59 0.73 0.65 13.57
C ASP A 59 0.88 1.76 12.53
N TYR A 60 0.89 1.36 11.27
CA TYR A 60 1.12 2.29 10.17
C TYR A 60 -0.06 3.25 10.00
N LEU A 61 -1.25 2.78 10.35
CA LEU A 61 -2.42 3.62 10.36
C LEU A 61 -2.26 4.74 11.38
N ILE A 62 -1.85 4.36 12.58
CA ILE A 62 -1.56 5.32 13.64
C ILE A 62 -0.42 6.23 13.21
N TYR A 63 0.63 5.63 12.65
CA TYR A 63 1.78 6.37 12.14
C TYR A 63 1.34 7.42 11.11
N MET A 64 0.40 7.04 10.27
CA MET A 64 -0.12 7.94 9.25
C MET A 64 -0.82 9.13 9.89
N LYS A 65 -1.71 8.82 10.83
CA LYS A 65 -2.50 9.83 11.52
C LYS A 65 -1.59 10.76 12.34
N LYS A 66 -0.58 10.18 12.97
CA LYS A 66 0.33 10.94 13.83
C LYS A 66 1.37 11.71 13.03
N THR A 67 2.22 10.98 12.34
CA THR A 67 3.41 11.56 11.71
C THR A 67 3.08 12.32 10.43
N LEU A 68 2.16 11.78 9.63
CA LEU A 68 1.77 12.44 8.39
C LEU A 68 0.72 13.51 8.68
N CYS A 69 0.17 13.47 9.89
CA CYS A 69 -0.85 14.42 10.31
C CYS A 69 -2.07 14.33 9.40
N ASN A 70 -2.41 13.11 8.99
CA ASN A 70 -3.56 12.88 8.14
C ASN A 70 -4.72 12.34 8.98
N ALA A 71 -5.94 12.54 8.49
CA ALA A 71 -7.12 11.98 9.12
C ALA A 71 -7.30 10.53 8.67
N ASP A 72 -8.20 9.80 9.32
CA ASP A 72 -8.37 8.38 9.02
C ASP A 72 -8.87 8.20 7.59
N SER A 73 -9.67 9.15 7.12
CA SER A 73 -10.19 9.10 5.78
C SER A 73 -9.06 9.05 4.75
N THR A 74 -8.08 9.92 4.94
CA THR A 74 -6.94 9.99 4.04
C THR A 74 -5.96 8.83 4.32
N ALA A 75 -5.82 8.49 5.60
CA ALA A 75 -4.93 7.41 6.00
C ALA A 75 -5.40 6.08 5.43
N GLN A 76 -6.70 5.83 5.53
CA GLN A 76 -7.28 4.61 5.00
C GLN A 76 -7.17 4.57 3.48
N ARG A 77 -7.31 5.73 2.84
CA ARG A 77 -7.15 5.80 1.39
C ARG A 77 -5.70 5.55 1.00
N ASN A 78 -4.78 6.09 1.79
CA ASN A 78 -3.36 5.88 1.57
C ASN A 78 -3.02 4.39 1.72
N LEU A 79 -3.59 3.77 2.75
CA LEU A 79 -3.42 2.34 2.95
C LEU A 79 -4.08 1.55 1.82
N SER A 80 -5.15 2.11 1.26
CA SER A 80 -5.82 1.47 0.13
C SER A 80 -4.95 1.51 -1.12
N THR A 81 -4.24 2.63 -1.33
CA THR A 81 -3.32 2.71 -2.46
C THR A 81 -2.11 1.81 -2.23
N ILE A 82 -1.79 1.56 -0.97
CA ILE A 82 -0.77 0.60 -0.61
C ILE A 82 -1.29 -0.82 -0.87
N LYS A 83 -2.57 -1.03 -0.57
CA LYS A 83 -3.21 -2.31 -0.83
C LYS A 83 -3.14 -2.66 -2.31
N ILE A 84 -3.14 -1.65 -3.16
CA ILE A 84 -3.08 -1.86 -4.60
C ILE A 84 -1.88 -2.74 -4.97
N TYR A 85 -0.69 -2.39 -4.48
CA TYR A 85 0.50 -3.15 -4.81
C TYR A 85 0.52 -4.49 -4.08
N VAL A 86 -0.04 -4.51 -2.87
CA VAL A 86 -0.13 -5.74 -2.09
C VAL A 86 -1.10 -6.72 -2.75
N SER A 87 -2.26 -6.19 -3.13
CA SER A 87 -3.29 -6.98 -3.79
C SER A 87 -2.80 -7.47 -5.15
N ALA A 88 -2.02 -6.66 -5.85
CA ALA A 88 -1.40 -7.08 -7.09
C ALA A 88 -0.39 -8.19 -6.84
N ALA A 89 0.34 -8.06 -5.73
CA ALA A 89 1.33 -9.05 -5.33
C ALA A 89 0.67 -10.37 -4.96
N ILE A 90 -0.60 -10.31 -4.56
CA ILE A 90 -1.34 -11.52 -4.28
C ILE A 90 -1.54 -12.33 -5.55
N LYS A 91 -1.93 -11.65 -6.62
CA LYS A 91 -2.09 -12.30 -7.93
C LYS A 91 -0.74 -12.71 -8.50
N LYS A 92 0.29 -11.93 -8.18
CA LYS A 92 1.65 -12.25 -8.61
C LYS A 92 2.11 -13.54 -7.91
N GLY A 93 1.69 -13.72 -6.67
CA GLY A 93 2.09 -14.89 -5.91
C GLY A 93 3.12 -14.55 -4.86
N TYR A 94 3.31 -13.26 -4.63
CA TYR A 94 4.26 -12.78 -3.64
C TYR A 94 3.60 -12.73 -2.27
N MET A 95 2.42 -12.13 -2.22
CA MET A 95 1.63 -12.07 -1.02
C MET A 95 0.56 -13.15 -1.05
N GLU A 96 0.41 -13.85 0.07
CA GLU A 96 -0.58 -14.92 0.15
C GLU A 96 -1.98 -14.31 0.25
N ASN A 97 -2.11 -13.30 1.10
CA ASN A 97 -3.35 -12.56 1.26
C ASN A 97 -3.01 -11.13 1.66
N ASP A 98 -4.02 -10.28 1.76
CA ASP A 98 -3.82 -8.92 2.18
C ASP A 98 -3.79 -8.84 3.70
N PRO A 99 -3.15 -7.79 4.25
CA PRO A 99 -3.06 -7.60 5.70
C PRO A 99 -4.39 -7.21 6.33
N PHE A 100 -5.40 -6.97 5.50
CA PHE A 100 -6.70 -6.56 5.98
C PHE A 100 -7.55 -7.77 6.34
N LYS A 101 -7.15 -8.92 5.80
CA LYS A 101 -7.73 -10.20 6.16
C LYS A 101 -7.84 -10.38 7.68
N ASP A 102 -6.74 -10.17 8.37
CA ASP A 102 -6.68 -10.39 9.81
C ASP A 102 -6.55 -9.07 10.55
N PHE A 103 -6.72 -7.98 9.81
CA PHE A 103 -6.57 -6.63 10.34
C PHE A 103 -7.51 -6.39 11.54
N GLY A 104 -8.80 -6.55 11.30
CA GLY A 104 -9.76 -6.37 12.37
C GLY A 104 -10.17 -7.68 12.97
N LEU A 105 -10.73 -8.54 12.14
CA LEU A 105 -11.14 -9.87 12.56
C LEU A 105 -11.33 -10.77 11.34
N GLU A 106 -10.71 -11.94 11.40
CA GLU A 106 -10.90 -12.95 10.38
C GLU A 106 -12.21 -13.68 10.64
N HIS A 107 -12.26 -14.45 11.73
CA HIS A 107 -13.48 -15.14 12.14
C HIS A 107 -13.47 -15.47 13.63
N HIS A 108 -12.26 -15.70 14.18
CA HIS A 108 -12.11 -16.26 15.53
C HIS A 108 -12.72 -17.65 15.57
N HIS A 109 -12.95 -18.18 16.76
CA HIS A 109 -13.56 -19.49 16.88
C HIS A 109 -13.91 -19.80 18.33
N HIS A 110 -15.20 -19.80 18.64
CA HIS A 110 -15.68 -20.16 19.96
C HIS A 110 -15.39 -21.63 20.22
N HIS A 111 -14.57 -21.91 21.23
CA HIS A 111 -14.10 -23.26 21.49
C HIS A 111 -14.25 -23.64 22.97
N HIS A 112 -15.14 -22.96 23.67
CA HIS A 112 -15.44 -23.28 25.05
C HIS A 112 -16.95 -23.33 25.27
N MET A 1 12.83 0.19 -20.05
CA MET A 1 12.17 0.21 -21.38
C MET A 1 10.65 0.04 -21.23
N ASN A 2 10.23 -1.10 -20.65
CA ASN A 2 8.82 -1.37 -20.44
C ASN A 2 8.58 -1.82 -19.01
N ASN A 3 8.50 -0.86 -18.09
CA ASN A 3 8.32 -1.12 -16.66
C ASN A 3 9.33 -2.15 -16.15
N PRO A 4 10.56 -1.69 -15.84
CA PRO A 4 11.63 -2.57 -15.39
C PRO A 4 11.47 -2.94 -13.91
N SER A 5 11.80 -4.18 -13.58
CA SER A 5 11.75 -4.63 -12.21
C SER A 5 12.98 -4.14 -11.46
N ASP A 6 12.95 -2.87 -11.09
CA ASP A 6 14.08 -2.24 -10.44
C ASP A 6 13.61 -1.40 -9.26
N PHE A 7 12.37 -1.62 -8.88
CA PHE A 7 11.76 -0.91 -7.78
C PHE A 7 12.32 -1.39 -6.46
N LYS A 8 12.91 -0.49 -5.72
CA LYS A 8 13.49 -0.80 -4.42
C LYS A 8 12.48 -0.58 -3.30
N SER A 9 11.35 -0.02 -3.67
CA SER A 9 10.30 0.28 -2.70
C SER A 9 8.93 0.07 -3.33
N PHE A 10 7.94 -0.29 -2.51
CA PHE A 10 6.59 -0.44 -3.01
C PHE A 10 6.00 0.92 -3.35
N HIS A 11 6.50 1.96 -2.68
CA HIS A 11 6.10 3.32 -2.99
C HIS A 11 6.42 3.65 -4.44
N ASP A 12 7.56 3.18 -4.93
CA ASP A 12 7.95 3.41 -6.32
C ASP A 12 7.21 2.43 -7.23
N PHE A 13 7.09 1.19 -6.77
CA PHE A 13 6.38 0.15 -7.51
C PHE A 13 4.95 0.56 -7.80
N VAL A 14 4.22 0.96 -6.76
CA VAL A 14 2.83 1.35 -6.91
C VAL A 14 2.70 2.55 -7.84
N ALA A 15 3.62 3.51 -7.71
CA ALA A 15 3.61 4.69 -8.54
C ALA A 15 3.76 4.34 -10.02
N SER A 16 4.59 3.35 -10.30
CA SER A 16 4.82 2.91 -11.67
C SER A 16 3.63 2.12 -12.20
N TYR A 17 3.07 1.26 -11.36
CA TYR A 17 1.91 0.46 -11.75
C TYR A 17 0.68 1.36 -11.91
N MET A 18 0.56 2.35 -11.04
CA MET A 18 -0.52 3.32 -11.13
C MET A 18 -0.33 4.19 -12.35
N LYS A 19 0.93 4.44 -12.68
CA LYS A 19 1.30 5.16 -13.90
C LYS A 19 0.91 4.33 -15.11
N THR A 20 0.96 3.01 -14.96
CA THR A 20 0.63 2.08 -16.03
C THR A 20 -0.81 2.29 -16.51
N TYR A 21 -1.78 2.28 -15.58
CA TYR A 21 -3.16 2.48 -15.98
C TYR A 21 -3.50 3.96 -16.01
N SER A 22 -2.53 4.80 -15.64
CA SER A 22 -2.68 6.25 -15.74
C SER A 22 -2.71 6.69 -17.20
N ARG A 23 -2.39 5.77 -18.09
CA ARG A 23 -2.39 6.07 -19.52
C ARG A 23 -3.80 6.37 -20.02
N ARG A 24 -4.81 5.80 -19.37
CA ARG A 24 -6.17 5.89 -19.87
C ARG A 24 -7.08 6.71 -18.95
N LEU A 25 -6.54 7.29 -17.90
CA LEU A 25 -7.35 8.07 -16.98
C LEU A 25 -7.02 9.56 -17.09
N GLU A 26 -7.96 10.36 -16.64
CA GLU A 26 -7.73 11.77 -16.46
C GLU A 26 -6.81 12.00 -15.27
N ILE A 27 -6.01 13.03 -15.35
CA ILE A 27 -5.00 13.30 -14.33
C ILE A 27 -5.64 13.58 -12.97
N GLY A 28 -6.88 14.06 -12.99
CA GLY A 28 -7.58 14.37 -11.76
C GLY A 28 -7.63 13.23 -10.77
N THR A 29 -7.96 12.03 -11.23
CA THR A 29 -8.06 10.87 -10.34
C THR A 29 -6.68 10.41 -9.90
N PHE A 30 -5.72 10.40 -10.81
CA PHE A 30 -4.34 10.07 -10.49
C PHE A 30 -3.77 11.04 -9.45
N ARG A 31 -3.87 12.33 -9.76
CA ARG A 31 -3.34 13.41 -8.92
C ARG A 31 -4.04 13.46 -7.55
N HIS A 32 -5.28 13.01 -7.52
CA HIS A 32 -6.13 13.05 -6.34
C HIS A 32 -5.44 12.43 -5.12
N HIS A 33 -4.62 11.41 -5.38
CA HIS A 33 -3.89 10.71 -4.31
C HIS A 33 -2.43 10.52 -4.71
N LYS A 34 -1.98 11.38 -5.60
CA LYS A 34 -0.65 11.26 -6.21
C LYS A 34 0.44 11.72 -5.26
N SER A 35 0.18 12.80 -4.55
CA SER A 35 1.19 13.42 -3.69
C SER A 35 1.21 12.76 -2.31
N CYS A 36 0.04 12.26 -1.90
CA CYS A 36 -0.14 11.72 -0.55
C CYS A 36 0.90 10.65 -0.23
N MET A 37 0.87 9.57 -0.99
CA MET A 37 1.72 8.41 -0.71
C MET A 37 3.22 8.74 -0.78
N ARG A 38 3.59 9.65 -1.67
CA ARG A 38 4.99 10.04 -1.84
C ARG A 38 5.44 10.99 -0.74
N LYS A 39 4.51 11.74 -0.17
CA LYS A 39 4.82 12.78 0.79
C LYS A 39 5.30 12.19 2.12
N PHE A 40 5.13 10.88 2.29
CA PHE A 40 5.63 10.19 3.49
C PHE A 40 7.16 10.29 3.54
N LYS A 41 7.76 10.50 2.36
CA LYS A 41 9.20 10.74 2.22
C LYS A 41 10.03 9.49 2.51
N GLU A 42 9.44 8.32 2.28
CA GLU A 42 10.19 7.08 2.38
C GLU A 42 11.05 6.89 1.14
N TYR A 43 12.23 6.32 1.32
CA TYR A 43 13.19 6.18 0.23
C TYR A 43 12.98 4.87 -0.51
N CYS A 44 13.39 3.77 0.11
CA CYS A 44 13.27 2.46 -0.50
C CYS A 44 12.96 1.39 0.55
N GLU A 45 11.69 1.21 0.84
CA GLU A 45 11.28 0.17 1.77
C GLU A 45 11.10 -1.17 1.04
N GLY A 46 11.96 -2.12 1.34
CA GLY A 46 11.90 -3.42 0.68
C GLY A 46 11.58 -4.52 1.66
N LEU A 47 10.35 -4.52 2.15
CA LEU A 47 9.92 -5.50 3.14
C LEU A 47 9.19 -6.68 2.49
N GLN A 48 9.03 -7.77 3.26
CA GLN A 48 8.48 -8.99 2.73
C GLN A 48 7.18 -9.40 3.44
N PHE A 49 6.78 -10.65 3.25
CA PHE A 49 5.46 -11.15 3.65
C PHE A 49 5.15 -10.95 5.13
N HIS A 50 6.11 -11.23 6.00
CA HIS A 50 5.86 -11.16 7.43
C HIS A 50 5.91 -9.71 7.91
N GLU A 51 6.50 -8.84 7.10
CA GLU A 51 6.55 -7.43 7.42
C GLU A 51 5.24 -6.77 6.97
N LEU A 52 4.74 -7.20 5.83
CA LEU A 52 3.47 -6.69 5.33
C LEU A 52 2.33 -7.46 5.97
N THR A 53 1.95 -7.04 7.15
CA THR A 53 0.90 -7.68 7.90
C THR A 53 -0.12 -6.66 8.37
N GLU A 54 -1.21 -7.12 8.98
CA GLU A 54 -2.22 -6.24 9.53
C GLU A 54 -1.58 -5.28 10.54
N ASP A 55 -0.67 -5.82 11.34
CA ASP A 55 0.08 -5.03 12.30
C ASP A 55 0.80 -3.86 11.64
N PHE A 56 1.35 -4.09 10.45
CA PHE A 56 2.06 -3.06 9.71
C PHE A 56 1.09 -1.98 9.23
N LEU A 57 -0.01 -2.40 8.63
CA LEU A 57 -1.05 -1.49 8.17
C LEU A 57 -1.56 -0.65 9.33
N ARG A 58 -1.79 -1.30 10.46
CA ARG A 58 -2.25 -0.63 11.66
C ARG A 58 -1.20 0.35 12.18
N ASP A 59 0.04 -0.12 12.27
CA ASP A 59 1.15 0.69 12.76
C ASP A 59 1.35 1.93 11.89
N TYR A 60 1.31 1.72 10.58
CA TYR A 60 1.50 2.80 9.61
C TYR A 60 0.42 3.85 9.77
N LEU A 61 -0.81 3.38 9.99
CA LEU A 61 -1.96 4.25 10.20
C LEU A 61 -1.82 5.04 11.48
N ILE A 62 -1.48 4.34 12.56
CA ILE A 62 -1.30 4.98 13.87
C ILE A 62 -0.13 5.98 13.82
N TYR A 63 0.99 5.56 13.25
CA TYR A 63 2.18 6.38 13.13
C TYR A 63 1.87 7.68 12.39
N MET A 64 1.01 7.56 11.38
CA MET A 64 0.58 8.69 10.57
C MET A 64 -0.10 9.75 11.45
N LYS A 65 -0.98 9.30 12.32
CA LYS A 65 -1.74 10.20 13.18
C LYS A 65 -0.90 10.66 14.38
N LYS A 66 -0.12 9.74 14.93
CA LYS A 66 0.66 10.03 16.13
C LYS A 66 1.86 10.94 15.82
N THR A 67 2.77 10.45 15.01
CA THR A 67 4.02 11.15 14.73
C THR A 67 3.82 12.26 13.70
N LEU A 68 3.15 11.93 12.61
CA LEU A 68 2.97 12.88 11.52
C LEU A 68 1.79 13.81 11.79
N CYS A 69 0.91 13.40 12.71
CA CYS A 69 -0.26 14.19 13.09
C CYS A 69 -1.22 14.35 11.93
N ASN A 70 -1.23 13.37 11.03
CA ASN A 70 -2.16 13.37 9.90
C ASN A 70 -3.43 12.64 10.27
N ALA A 71 -4.51 12.89 9.54
CA ALA A 71 -5.79 12.25 9.82
C ALA A 71 -5.81 10.83 9.28
N ASP A 72 -6.73 10.02 9.79
CA ASP A 72 -6.88 8.65 9.33
C ASP A 72 -7.26 8.63 7.86
N SER A 73 -8.07 9.58 7.44
CA SER A 73 -8.47 9.72 6.05
C SER A 73 -7.23 9.86 5.16
N THR A 74 -6.31 10.73 5.58
CA THR A 74 -5.07 10.95 4.85
C THR A 74 -4.25 9.66 4.79
N ALA A 75 -4.13 9.00 5.93
CA ALA A 75 -3.38 7.75 6.03
C ALA A 75 -4.00 6.68 5.14
N GLN A 76 -5.33 6.62 5.13
CA GLN A 76 -6.06 5.65 4.34
C GLN A 76 -5.78 5.82 2.84
N ARG A 77 -5.58 7.06 2.41
CA ARG A 77 -5.26 7.33 1.01
C ARG A 77 -3.86 6.82 0.69
N ASN A 78 -2.94 7.04 1.62
CA ASN A 78 -1.59 6.53 1.49
C ASN A 78 -1.59 5.00 1.47
N LEU A 79 -2.34 4.41 2.40
CA LEU A 79 -2.42 2.97 2.52
C LEU A 79 -3.11 2.33 1.31
N SER A 80 -4.04 3.05 0.70
CA SER A 80 -4.79 2.51 -0.43
C SER A 80 -3.89 2.27 -1.64
N THR A 81 -2.75 2.96 -1.70
CA THR A 81 -1.78 2.72 -2.76
C THR A 81 -1.04 1.42 -2.50
N ILE A 82 -0.71 1.19 -1.23
CA ILE A 82 -0.07 -0.06 -0.81
C ILE A 82 -0.97 -1.24 -1.12
N LYS A 83 -2.28 -1.01 -1.05
CA LYS A 83 -3.27 -2.02 -1.41
C LYS A 83 -2.99 -2.61 -2.77
N ILE A 84 -2.67 -1.77 -3.74
CA ILE A 84 -2.35 -2.21 -5.09
C ILE A 84 -1.16 -3.17 -5.07
N TYR A 85 -0.13 -2.81 -4.33
CA TYR A 85 1.09 -3.63 -4.24
C TYR A 85 0.77 -4.96 -3.57
N VAL A 86 0.10 -4.89 -2.44
CA VAL A 86 -0.28 -6.07 -1.69
C VAL A 86 -1.19 -6.96 -2.53
N SER A 87 -2.24 -6.37 -3.07
CA SER A 87 -3.21 -7.08 -3.89
C SER A 87 -2.56 -7.74 -5.11
N ALA A 88 -1.63 -7.03 -5.75
CA ALA A 88 -0.90 -7.59 -6.88
C ALA A 88 -0.04 -8.76 -6.43
N ALA A 89 0.54 -8.62 -5.24
CA ALA A 89 1.38 -9.66 -4.67
C ALA A 89 0.54 -10.86 -4.23
N ILE A 90 -0.72 -10.64 -3.96
CA ILE A 90 -1.62 -11.72 -3.61
C ILE A 90 -2.13 -12.42 -4.87
N LYS A 91 -2.36 -11.65 -5.91
CA LYS A 91 -2.87 -12.18 -7.17
C LYS A 91 -1.81 -13.06 -7.83
N LYS A 92 -0.58 -12.56 -7.86
CA LYS A 92 0.51 -13.32 -8.43
C LYS A 92 1.84 -12.70 -7.99
N GLY A 93 2.11 -12.76 -6.70
CA GLY A 93 3.35 -12.23 -6.18
C GLY A 93 4.01 -13.14 -5.17
N TYR A 94 3.57 -13.02 -3.92
CA TYR A 94 4.22 -13.73 -2.82
C TYR A 94 3.30 -13.80 -1.60
N MET A 95 2.43 -12.80 -1.46
CA MET A 95 1.51 -12.74 -0.34
C MET A 95 0.40 -13.79 -0.50
N GLU A 96 0.25 -14.64 0.51
CA GLU A 96 -0.73 -15.71 0.45
C GLU A 96 -2.12 -15.22 0.88
N ASN A 97 -2.17 -14.41 1.94
CA ASN A 97 -3.45 -13.98 2.49
C ASN A 97 -3.55 -12.46 2.47
N ASP A 98 -4.75 -11.96 2.72
CA ASP A 98 -5.00 -10.53 2.77
C ASP A 98 -4.74 -10.00 4.16
N PRO A 99 -4.17 -8.79 4.27
CA PRO A 99 -3.93 -8.14 5.56
C PRO A 99 -5.17 -7.40 6.07
N PHE A 100 -5.95 -6.84 5.15
CA PHE A 100 -7.10 -6.01 5.53
C PHE A 100 -8.31 -6.87 5.87
N LYS A 101 -8.40 -8.04 5.25
CA LYS A 101 -9.43 -9.01 5.54
C LYS A 101 -9.63 -9.22 7.05
N ASP A 102 -8.52 -9.41 7.75
CA ASP A 102 -8.57 -9.72 9.16
C ASP A 102 -8.06 -8.54 9.98
N PHE A 103 -8.21 -7.35 9.43
CA PHE A 103 -7.79 -6.12 10.11
C PHE A 103 -8.76 -5.83 11.26
N GLY A 104 -8.51 -6.48 12.38
CA GLY A 104 -9.38 -6.34 13.54
C GLY A 104 -10.35 -7.50 13.64
N LEU A 105 -10.48 -8.23 12.55
CA LEU A 105 -11.37 -9.39 12.48
C LEU A 105 -10.65 -10.64 12.94
N GLU A 106 -9.33 -10.57 12.97
CA GLU A 106 -8.51 -11.69 13.37
C GLU A 106 -8.59 -11.87 14.89
N HIS A 107 -8.91 -13.08 15.34
CA HIS A 107 -9.14 -13.34 16.75
C HIS A 107 -7.85 -13.63 17.50
N HIS A 108 -6.82 -12.85 17.19
CA HIS A 108 -5.55 -12.88 17.93
C HIS A 108 -4.76 -14.16 17.69
N HIS A 109 -3.91 -14.11 16.67
CA HIS A 109 -2.89 -15.13 16.46
C HIS A 109 -1.98 -15.17 17.68
N HIS A 110 -1.85 -16.34 18.31
CA HIS A 110 -1.15 -16.47 19.59
C HIS A 110 0.21 -15.78 19.57
N HIS A 111 0.92 -15.91 18.45
CA HIS A 111 2.18 -15.21 18.22
C HIS A 111 2.74 -15.65 16.88
N HIS A 112 3.38 -16.81 16.88
CA HIS A 112 3.83 -17.42 15.65
C HIS A 112 3.37 -18.87 15.62
N MET A 1 9.13 0.93 -20.59
CA MET A 1 8.95 -0.15 -19.59
C MET A 1 7.79 0.19 -18.67
N ASN A 2 6.91 -0.77 -18.45
CA ASN A 2 5.74 -0.57 -17.60
C ASN A 2 5.97 -1.17 -16.23
N ASN A 3 6.16 -2.47 -16.20
CA ASN A 3 6.37 -3.19 -14.94
C ASN A 3 7.49 -4.22 -15.11
N PRO A 4 8.75 -3.78 -14.93
CA PRO A 4 9.92 -4.67 -15.04
C PRO A 4 10.13 -5.54 -13.81
N SER A 5 9.33 -5.31 -12.78
CA SER A 5 9.45 -6.02 -11.51
C SER A 5 10.80 -5.74 -10.86
N ASP A 6 11.37 -4.58 -11.18
CA ASP A 6 12.68 -4.19 -10.67
C ASP A 6 12.53 -3.37 -9.40
N PHE A 7 11.29 -3.23 -8.97
CA PHE A 7 10.97 -2.41 -7.81
C PHE A 7 10.70 -3.26 -6.58
N LYS A 8 11.64 -3.21 -5.65
CA LYS A 8 11.52 -3.89 -4.39
C LYS A 8 11.15 -2.90 -3.31
N SER A 9 11.21 -1.64 -3.68
CA SER A 9 10.87 -0.55 -2.78
C SER A 9 9.44 -0.08 -3.02
N PHE A 10 8.71 0.21 -1.95
CA PHE A 10 7.31 0.63 -2.07
C PHE A 10 7.18 1.89 -2.92
N HIS A 11 8.07 2.86 -2.71
CA HIS A 11 8.02 4.12 -3.44
C HIS A 11 8.29 3.89 -4.93
N ASP A 12 9.06 2.85 -5.22
CA ASP A 12 9.40 2.51 -6.59
C ASP A 12 8.26 1.75 -7.24
N PHE A 13 7.73 0.78 -6.49
CA PHE A 13 6.63 -0.06 -6.94
C PHE A 13 5.44 0.81 -7.34
N VAL A 14 5.05 1.70 -6.43
CA VAL A 14 3.93 2.59 -6.67
C VAL A 14 4.16 3.42 -7.92
N ALA A 15 5.34 4.04 -8.03
CA ALA A 15 5.66 4.91 -9.15
C ALA A 15 5.55 4.17 -10.49
N SER A 16 5.83 2.87 -10.47
CA SER A 16 5.77 2.06 -11.69
C SER A 16 4.35 1.60 -11.96
N TYR A 17 3.72 1.00 -10.95
CA TYR A 17 2.41 0.39 -11.11
C TYR A 17 1.32 1.45 -11.29
N MET A 18 1.53 2.61 -10.68
CA MET A 18 0.56 3.69 -10.76
C MET A 18 0.39 4.16 -12.20
N LYS A 19 1.45 4.02 -13.00
CA LYS A 19 1.39 4.36 -14.42
C LYS A 19 0.35 3.49 -15.12
N THR A 20 0.40 2.19 -14.85
CA THR A 20 -0.54 1.24 -15.42
C THR A 20 -1.97 1.56 -14.98
N TYR A 21 -2.10 2.01 -13.75
CA TYR A 21 -3.41 2.37 -13.20
C TYR A 21 -3.86 3.73 -13.74
N SER A 22 -2.88 4.58 -14.06
CA SER A 22 -3.14 5.92 -14.59
C SER A 22 -3.72 5.85 -16.00
N ARG A 23 -3.71 4.65 -16.59
CA ARG A 23 -4.27 4.46 -17.92
C ARG A 23 -5.79 4.39 -17.85
N ARG A 24 -6.32 4.29 -16.65
CA ARG A 24 -7.75 4.22 -16.44
C ARG A 24 -8.32 5.54 -15.91
N LEU A 25 -7.49 6.36 -15.29
CA LEU A 25 -7.94 7.58 -14.68
C LEU A 25 -7.36 8.81 -15.38
N GLU A 26 -7.87 9.97 -15.00
CA GLU A 26 -7.38 11.23 -15.53
C GLU A 26 -6.04 11.58 -14.90
N ILE A 27 -5.25 12.36 -15.61
CA ILE A 27 -3.94 12.78 -15.13
C ILE A 27 -4.07 13.59 -13.84
N GLY A 28 -5.12 14.38 -13.75
CA GLY A 28 -5.38 15.16 -12.56
C GLY A 28 -5.62 14.29 -11.33
N THR A 29 -6.19 13.12 -11.56
CA THR A 29 -6.45 12.17 -10.49
C THR A 29 -5.13 11.52 -10.05
N PHE A 30 -4.38 11.05 -11.04
CA PHE A 30 -3.07 10.44 -10.82
C PHE A 30 -2.14 11.42 -10.10
N ARG A 31 -2.04 12.61 -10.63
CA ARG A 31 -1.14 13.64 -10.12
C ARG A 31 -1.54 14.09 -8.72
N HIS A 32 -2.84 14.04 -8.43
CA HIS A 32 -3.34 14.56 -7.15
C HIS A 32 -2.75 13.76 -5.99
N HIS A 33 -2.55 12.47 -6.19
CA HIS A 33 -1.87 11.64 -5.20
C HIS A 33 -1.16 10.46 -5.86
N LYS A 34 -0.01 10.74 -6.45
CA LYS A 34 0.80 9.70 -7.06
C LYS A 34 1.87 9.21 -6.10
N SER A 35 2.51 10.14 -5.41
CA SER A 35 3.55 9.81 -4.45
C SER A 35 2.96 9.27 -3.16
N CYS A 36 2.06 10.04 -2.55
CA CYS A 36 1.40 9.70 -1.28
C CYS A 36 2.42 9.38 -0.18
N MET A 37 2.85 8.13 -0.11
CA MET A 37 3.84 7.72 0.87
C MET A 37 5.20 8.29 0.51
N ARG A 38 5.45 8.36 -0.79
CA ARG A 38 6.71 8.91 -1.31
C ARG A 38 6.82 10.38 -0.95
N LYS A 39 5.67 11.03 -0.92
CA LYS A 39 5.56 12.43 -0.59
C LYS A 39 6.07 12.67 0.83
N PHE A 40 5.65 11.80 1.74
CA PHE A 40 6.10 11.87 3.12
C PHE A 40 7.54 11.38 3.24
N LYS A 41 7.83 10.27 2.58
CA LYS A 41 9.15 9.66 2.67
C LYS A 41 9.45 8.85 1.42
N GLU A 42 10.39 9.35 0.64
CA GLU A 42 10.84 8.69 -0.58
C GLU A 42 12.03 7.77 -0.28
N TYR A 43 12.15 7.37 0.98
CA TYR A 43 13.23 6.51 1.42
C TYR A 43 12.76 5.06 1.44
N CYS A 44 13.53 4.20 2.11
CA CYS A 44 13.21 2.79 2.28
C CYS A 44 13.31 2.03 0.94
N GLU A 45 14.45 1.37 0.77
CA GLU A 45 14.71 0.59 -0.43
C GLU A 45 14.83 -0.88 -0.07
N GLY A 46 13.92 -1.68 -0.61
CA GLY A 46 13.93 -3.10 -0.32
C GLY A 46 12.93 -3.48 0.76
N LEU A 47 11.73 -3.85 0.36
CA LEU A 47 10.68 -4.25 1.29
C LEU A 47 10.15 -5.63 0.88
N GLN A 48 10.29 -6.61 1.76
CA GLN A 48 9.87 -7.98 1.46
C GLN A 48 8.48 -8.27 2.01
N PHE A 49 8.04 -9.51 1.80
CA PHE A 49 6.72 -9.96 2.21
C PHE A 49 6.60 -9.98 3.73
N HIS A 50 7.72 -10.25 4.38
CA HIS A 50 7.78 -10.27 5.84
C HIS A 50 7.48 -8.89 6.41
N GLU A 51 7.87 -7.87 5.66
CA GLU A 51 7.68 -6.49 6.09
C GLU A 51 6.24 -6.04 5.83
N LEU A 52 5.75 -6.33 4.63
CA LEU A 52 4.39 -5.95 4.26
C LEU A 52 3.39 -6.82 5.00
N THR A 53 3.00 -6.38 6.18
CA THR A 53 2.11 -7.14 7.03
C THR A 53 1.00 -6.26 7.59
N GLU A 54 -0.02 -6.91 8.14
CA GLU A 54 -1.12 -6.22 8.81
C GLU A 54 -0.60 -5.25 9.88
N ASP A 55 0.43 -5.70 10.59
CA ASP A 55 1.08 -4.89 11.61
C ASP A 55 1.63 -3.59 11.02
N PHE A 56 2.23 -3.69 9.83
CA PHE A 56 2.79 -2.53 9.16
C PHE A 56 1.69 -1.52 8.83
N LEU A 57 0.60 -2.03 8.25
CA LEU A 57 -0.55 -1.20 7.92
C LEU A 57 -1.10 -0.52 9.17
N ARG A 58 -1.18 -1.27 10.26
CA ARG A 58 -1.70 -0.72 11.51
C ARG A 58 -0.75 0.35 12.08
N ASP A 59 0.54 0.06 12.10
CA ASP A 59 1.52 0.97 12.67
C ASP A 59 1.55 2.29 11.92
N TYR A 60 1.44 2.21 10.60
CA TYR A 60 1.43 3.40 9.76
C TYR A 60 0.14 4.19 9.98
N LEU A 61 -0.94 3.47 10.27
CA LEU A 61 -2.22 4.08 10.60
C LEU A 61 -2.13 4.84 11.92
N ILE A 62 -1.55 4.19 12.92
CA ILE A 62 -1.33 4.82 14.22
C ILE A 62 -0.42 6.04 14.06
N TYR A 63 0.67 5.86 13.31
CA TYR A 63 1.60 6.94 13.01
C TYR A 63 0.88 8.10 12.35
N MET A 64 -0.04 7.76 11.44
CA MET A 64 -0.85 8.74 10.73
C MET A 64 -1.69 9.56 11.71
N LYS A 65 -2.25 8.88 12.70
CA LYS A 65 -3.15 9.52 13.65
C LYS A 65 -2.36 10.26 14.73
N LYS A 66 -1.25 9.66 15.15
CA LYS A 66 -0.44 10.21 16.23
C LYS A 66 0.44 11.37 15.74
N THR A 67 1.37 11.04 14.85
CA THR A 67 2.40 11.99 14.44
C THR A 67 1.87 12.98 13.40
N LEU A 68 1.15 12.46 12.41
CA LEU A 68 0.62 13.29 11.34
C LEU A 68 -0.71 13.89 11.75
N CYS A 69 -1.37 13.26 12.72
CA CYS A 69 -2.66 13.71 13.23
C CYS A 69 -3.73 13.75 12.13
N ASN A 70 -4.25 12.57 11.78
CA ASN A 70 -5.31 12.46 10.77
C ASN A 70 -6.30 11.39 11.18
N ALA A 71 -7.51 11.48 10.64
CA ALA A 71 -8.54 10.48 10.91
C ALA A 71 -8.33 9.24 10.04
N ASP A 72 -9.05 8.16 10.36
CA ASP A 72 -8.92 6.91 9.61
C ASP A 72 -9.31 7.12 8.16
N SER A 73 -10.24 8.03 7.92
CA SER A 73 -10.68 8.35 6.56
C SER A 73 -9.49 8.78 5.70
N THR A 74 -8.77 9.79 6.17
CA THR A 74 -7.60 10.30 5.45
C THR A 74 -6.52 9.23 5.34
N ALA A 75 -6.33 8.49 6.42
CA ALA A 75 -5.29 7.45 6.48
C ALA A 75 -5.56 6.32 5.51
N GLN A 76 -6.82 5.90 5.44
CA GLN A 76 -7.20 4.78 4.59
C GLN A 76 -6.96 5.09 3.12
N ARG A 77 -7.09 6.36 2.74
CA ARG A 77 -6.77 6.78 1.38
C ARG A 77 -5.31 6.48 1.05
N ASN A 78 -4.43 6.78 2.00
CA ASN A 78 -3.01 6.50 1.85
C ASN A 78 -2.76 5.00 1.83
N LEU A 79 -3.31 4.32 2.83
CA LEU A 79 -3.13 2.88 2.97
C LEU A 79 -3.73 2.12 1.78
N SER A 80 -4.81 2.66 1.23
CA SER A 80 -5.46 2.06 0.07
C SER A 80 -4.54 2.15 -1.15
N THR A 81 -3.77 3.23 -1.23
CA THR A 81 -2.80 3.39 -2.31
C THR A 81 -1.76 2.28 -2.24
N ILE A 82 -1.32 1.97 -1.02
CA ILE A 82 -0.43 0.84 -0.78
C ILE A 82 -1.16 -0.46 -1.10
N LYS A 83 -2.40 -0.54 -0.66
CA LYS A 83 -3.22 -1.72 -0.85
C LYS A 83 -3.35 -2.07 -2.32
N ILE A 84 -3.36 -1.06 -3.18
CA ILE A 84 -3.48 -1.28 -4.62
C ILE A 84 -2.31 -2.10 -5.16
N TYR A 85 -1.08 -1.65 -4.92
CA TYR A 85 0.07 -2.31 -5.52
C TYR A 85 0.35 -3.65 -4.84
N VAL A 86 -0.01 -3.74 -3.56
CA VAL A 86 0.14 -4.98 -2.82
C VAL A 86 -0.90 -6.00 -3.28
N SER A 87 -2.11 -5.53 -3.50
CA SER A 87 -3.22 -6.38 -3.92
C SER A 87 -2.92 -7.11 -5.21
N ALA A 88 -2.23 -6.45 -6.13
CA ALA A 88 -1.80 -7.10 -7.36
C ALA A 88 -1.00 -8.36 -7.04
N ALA A 89 -0.10 -8.23 -6.08
CA ALA A 89 0.72 -9.34 -5.64
C ALA A 89 -0.09 -10.34 -4.82
N ILE A 90 -1.19 -9.88 -4.24
CA ILE A 90 -2.04 -10.75 -3.45
C ILE A 90 -2.92 -11.64 -4.33
N LYS A 91 -3.52 -11.03 -5.35
CA LYS A 91 -4.47 -11.73 -6.19
C LYS A 91 -3.74 -12.61 -7.19
N LYS A 92 -2.66 -12.10 -7.76
CA LYS A 92 -1.83 -12.89 -8.65
C LYS A 92 -0.38 -12.43 -8.57
N GLY A 93 0.25 -12.73 -7.45
CA GLY A 93 1.66 -12.45 -7.29
C GLY A 93 2.37 -13.41 -6.35
N TYR A 94 2.39 -13.05 -5.07
CA TYR A 94 3.13 -13.81 -4.07
C TYR A 94 2.38 -13.83 -2.74
N MET A 95 1.70 -12.74 -2.44
CA MET A 95 0.95 -12.61 -1.20
C MET A 95 -0.25 -13.55 -1.19
N GLU A 96 -0.36 -14.34 -0.14
CA GLU A 96 -1.40 -15.35 -0.04
C GLU A 96 -2.77 -14.73 0.19
N ASN A 97 -2.84 -13.80 1.14
CA ASN A 97 -4.09 -13.20 1.54
C ASN A 97 -3.91 -11.71 1.73
N ASP A 98 -5.00 -10.96 1.71
CA ASP A 98 -4.96 -9.54 1.92
C ASP A 98 -4.70 -9.23 3.40
N PRO A 99 -3.89 -8.20 3.70
CA PRO A 99 -3.52 -7.85 5.07
C PRO A 99 -4.59 -7.07 5.82
N PHE A 100 -5.48 -6.43 5.08
CA PHE A 100 -6.49 -5.57 5.70
C PHE A 100 -7.64 -6.39 6.26
N LYS A 101 -7.62 -7.67 5.94
CA LYS A 101 -8.65 -8.61 6.33
C LYS A 101 -8.94 -8.56 7.82
N ASP A 102 -7.90 -8.44 8.64
CA ASP A 102 -8.08 -8.38 10.08
C ASP A 102 -7.83 -6.96 10.59
N PHE A 103 -6.83 -6.32 10.00
CA PHE A 103 -6.49 -4.92 10.25
C PHE A 103 -6.46 -4.58 11.75
N GLY A 104 -6.05 -5.55 12.57
CA GLY A 104 -6.02 -5.33 14.00
C GLY A 104 -7.31 -5.76 14.68
N LEU A 105 -7.58 -7.06 14.63
CA LEU A 105 -8.75 -7.66 15.25
C LEU A 105 -10.02 -7.30 14.48
N GLU A 106 -10.34 -8.14 13.50
CA GLU A 106 -11.57 -8.00 12.73
C GLU A 106 -12.76 -8.52 13.54
N HIS A 107 -12.94 -9.83 13.50
CA HIS A 107 -14.01 -10.49 14.23
C HIS A 107 -13.51 -11.86 14.69
N HIS A 108 -12.19 -12.04 14.57
CA HIS A 108 -11.54 -13.31 14.87
C HIS A 108 -12.18 -14.44 14.05
N HIS A 109 -12.07 -14.33 12.73
CA HIS A 109 -12.50 -15.40 11.85
C HIS A 109 -11.30 -16.28 11.52
N HIS A 110 -11.42 -17.57 11.76
CA HIS A 110 -10.33 -18.50 11.49
C HIS A 110 -9.98 -18.46 10.01
N HIS A 111 -8.73 -18.10 9.72
CA HIS A 111 -8.29 -17.82 8.36
C HIS A 111 -8.64 -18.95 7.40
N HIS A 112 -9.30 -18.58 6.31
CA HIS A 112 -9.63 -19.49 5.23
C HIS A 112 -10.32 -18.71 4.12
N MET A 1 7.27 1.38 -25.08
CA MET A 1 6.81 0.84 -23.78
C MET A 1 7.93 0.97 -22.75
N ASN A 2 7.59 0.68 -21.50
CA ASN A 2 8.58 0.70 -20.43
C ASN A 2 8.15 -0.24 -19.31
N ASN A 3 8.97 -1.25 -19.07
CA ASN A 3 8.73 -2.20 -17.98
C ASN A 3 9.68 -1.93 -16.84
N PRO A 4 9.29 -1.04 -15.92
CA PRO A 4 10.19 -0.56 -14.87
C PRO A 4 10.34 -1.55 -13.72
N SER A 5 11.30 -2.44 -13.84
CA SER A 5 11.65 -3.34 -12.76
C SER A 5 12.88 -2.79 -12.04
N ASP A 6 13.11 -1.50 -12.21
CA ASP A 6 14.33 -0.84 -11.73
C ASP A 6 14.22 -0.44 -10.27
N PHE A 7 13.10 -0.81 -9.68
CA PHE A 7 12.88 -0.59 -8.26
C PHE A 7 12.41 -1.88 -7.59
N LYS A 8 13.04 -2.20 -6.47
CA LYS A 8 12.75 -3.43 -5.75
C LYS A 8 11.83 -3.16 -4.58
N SER A 9 11.65 -1.90 -4.29
CA SER A 9 10.88 -1.47 -3.15
C SER A 9 9.39 -1.45 -3.44
N PHE A 10 8.59 -1.82 -2.45
CA PHE A 10 7.15 -1.89 -2.62
C PHE A 10 6.52 -0.52 -2.83
N HIS A 11 6.85 0.45 -1.97
CA HIS A 11 6.25 1.78 -2.08
C HIS A 11 6.74 2.47 -3.36
N ASP A 12 7.88 2.03 -3.83
CA ASP A 12 8.47 2.54 -5.06
C ASP A 12 7.79 1.92 -6.28
N PHE A 13 7.59 0.61 -6.22
CA PHE A 13 6.95 -0.12 -7.30
C PHE A 13 5.50 0.32 -7.47
N VAL A 14 4.79 0.45 -6.34
CA VAL A 14 3.38 0.85 -6.34
C VAL A 14 3.20 2.21 -7.00
N ALA A 15 4.15 3.11 -6.79
CA ALA A 15 4.07 4.45 -7.36
C ALA A 15 4.04 4.41 -8.88
N SER A 16 4.76 3.46 -9.46
CA SER A 16 4.78 3.30 -10.90
C SER A 16 3.57 2.46 -11.35
N TYR A 17 3.20 1.48 -10.54
CA TYR A 17 2.06 0.63 -10.85
C TYR A 17 0.77 1.45 -10.88
N MET A 18 0.63 2.36 -9.92
CA MET A 18 -0.50 3.27 -9.89
C MET A 18 -0.51 4.12 -11.14
N LYS A 19 0.66 4.67 -11.45
CA LYS A 19 0.86 5.48 -12.65
C LYS A 19 0.43 4.72 -13.92
N THR A 20 0.68 3.41 -13.92
CA THR A 20 0.33 2.56 -15.04
C THR A 20 -1.15 2.65 -15.40
N TYR A 21 -2.03 2.52 -14.41
CA TYR A 21 -3.47 2.58 -14.68
C TYR A 21 -3.96 4.02 -14.61
N SER A 22 -3.14 4.91 -14.06
CA SER A 22 -3.48 6.33 -13.99
C SER A 22 -3.48 6.97 -15.38
N ARG A 23 -3.01 6.22 -16.37
CA ARG A 23 -3.03 6.67 -17.76
C ARG A 23 -4.46 6.92 -18.25
N ARG A 24 -5.43 6.28 -17.59
CA ARG A 24 -6.84 6.48 -17.92
C ARG A 24 -7.46 7.54 -17.01
N LEU A 25 -6.63 8.15 -16.18
CA LEU A 25 -7.05 9.20 -15.27
C LEU A 25 -6.44 10.52 -15.69
N GLU A 26 -6.87 11.58 -15.05
CA GLU A 26 -6.21 12.86 -15.16
C GLU A 26 -5.01 12.86 -14.23
N ILE A 27 -4.04 13.71 -14.52
CA ILE A 27 -2.85 13.80 -13.68
C ILE A 27 -3.23 14.35 -12.31
N GLY A 28 -4.24 15.21 -12.28
CA GLY A 28 -4.76 15.73 -11.03
C GLY A 28 -5.28 14.64 -10.11
N THR A 29 -6.08 13.74 -10.67
CA THR A 29 -6.63 12.64 -9.89
C THR A 29 -5.51 11.73 -9.40
N PHE A 30 -4.49 11.58 -10.24
CA PHE A 30 -3.33 10.78 -9.90
C PHE A 30 -2.51 11.44 -8.79
N ARG A 31 -2.13 12.70 -8.98
CA ARG A 31 -1.25 13.39 -8.05
C ARG A 31 -1.88 13.55 -6.67
N HIS A 32 -3.21 13.44 -6.58
CA HIS A 32 -3.89 13.49 -5.27
C HIS A 32 -3.58 12.24 -4.44
N HIS A 33 -3.20 11.17 -5.12
CA HIS A 33 -2.73 9.96 -4.45
C HIS A 33 -1.21 9.96 -4.46
N LYS A 34 -0.67 10.64 -5.45
CA LYS A 34 0.76 10.67 -5.72
C LYS A 34 1.47 11.65 -4.79
N SER A 35 0.72 12.59 -4.23
CA SER A 35 1.28 13.58 -3.32
C SER A 35 1.80 12.92 -2.05
N CYS A 36 1.08 11.91 -1.59
CA CYS A 36 1.50 11.12 -0.44
C CYS A 36 2.81 10.42 -0.74
N MET A 37 2.85 9.77 -1.91
CA MET A 37 4.05 9.08 -2.38
C MET A 37 5.22 10.06 -2.53
N ARG A 38 4.93 11.25 -3.05
CA ARG A 38 5.95 12.28 -3.20
C ARG A 38 6.52 12.72 -1.86
N LYS A 39 5.63 12.87 -0.88
CA LYS A 39 6.03 13.31 0.45
C LYS A 39 6.88 12.25 1.16
N PHE A 40 6.41 11.01 1.10
CA PHE A 40 7.15 9.90 1.69
C PHE A 40 8.44 9.64 0.91
N LYS A 41 8.42 10.02 -0.37
CA LYS A 41 9.58 9.99 -1.25
C LYS A 41 9.94 8.59 -1.70
N GLU A 42 10.02 8.42 -3.01
CA GLU A 42 10.56 7.21 -3.59
C GLU A 42 12.07 7.17 -3.36
N TYR A 43 12.60 5.99 -3.07
CA TYR A 43 14.01 5.86 -2.71
C TYR A 43 14.68 4.79 -3.54
N CYS A 44 14.55 3.55 -3.10
CA CYS A 44 15.23 2.42 -3.71
C CYS A 44 14.84 1.12 -3.00
N GLU A 45 14.61 1.20 -1.70
CA GLU A 45 14.18 0.05 -0.92
C GLU A 45 13.52 0.48 0.38
N GLY A 46 13.24 -0.49 1.24
CA GLY A 46 12.59 -0.21 2.51
C GLY A 46 12.10 -1.48 3.17
N LEU A 47 10.79 -1.59 3.34
CA LEU A 47 10.20 -2.79 3.90
C LEU A 47 9.68 -3.70 2.79
N GLN A 48 9.51 -4.97 3.12
CA GLN A 48 9.12 -5.95 2.13
C GLN A 48 7.80 -6.62 2.51
N PHE A 49 7.40 -7.59 1.70
CA PHE A 49 6.14 -8.31 1.88
C PHE A 49 6.11 -9.03 3.22
N HIS A 50 7.30 -9.42 3.66
CA HIS A 50 7.47 -10.13 4.93
C HIS A 50 6.94 -9.30 6.11
N GLU A 51 6.98 -7.98 5.96
CA GLU A 51 6.53 -7.09 7.03
C GLU A 51 5.17 -6.49 6.71
N LEU A 52 4.72 -6.67 5.47
CA LEU A 52 3.43 -6.14 5.04
C LEU A 52 2.31 -6.95 5.69
N THR A 53 1.94 -6.55 6.90
CA THR A 53 0.99 -7.30 7.69
C THR A 53 0.05 -6.37 8.44
N GLU A 54 -0.85 -6.97 9.24
CA GLU A 54 -1.78 -6.21 10.07
C GLU A 54 -1.06 -5.14 10.88
N ASP A 55 0.02 -5.54 11.55
CA ASP A 55 0.76 -4.65 12.42
C ASP A 55 1.35 -3.48 11.64
N PHE A 56 1.74 -3.73 10.40
CA PHE A 56 2.28 -2.67 9.55
C PHE A 56 1.19 -1.65 9.23
N LEU A 57 0.06 -2.14 8.73
CA LEU A 57 -1.07 -1.29 8.38
C LEU A 57 -1.55 -0.52 9.60
N ARG A 58 -1.63 -1.21 10.73
CA ARG A 58 -2.03 -0.61 11.99
C ARG A 58 -1.07 0.49 12.42
N ASP A 59 0.23 0.22 12.33
CA ASP A 59 1.25 1.17 12.75
C ASP A 59 1.30 2.36 11.81
N TYR A 60 1.21 2.09 10.52
CA TYR A 60 1.30 3.15 9.51
C TYR A 60 0.07 4.04 9.57
N LEU A 61 -1.07 3.44 9.94
CA LEU A 61 -2.29 4.20 10.16
C LEU A 61 -2.06 5.26 11.23
N ILE A 62 -1.54 4.82 12.37
CA ILE A 62 -1.25 5.70 13.49
C ILE A 62 -0.23 6.77 13.08
N TYR A 63 0.86 6.33 12.47
CA TYR A 63 1.93 7.22 12.02
C TYR A 63 1.38 8.30 11.09
N MET A 64 0.51 7.90 10.18
CA MET A 64 -0.07 8.82 9.21
C MET A 64 -1.08 9.76 9.86
N LYS A 65 -1.89 9.21 10.75
CA LYS A 65 -2.92 10.00 11.43
C LYS A 65 -2.28 10.98 12.41
N LYS A 66 -1.28 10.52 13.15
CA LYS A 66 -0.66 11.33 14.18
C LYS A 66 0.53 12.14 13.65
N THR A 67 1.57 11.44 13.21
CA THR A 67 2.82 12.09 12.82
C THR A 67 2.65 12.88 11.52
N LEU A 68 1.95 12.29 10.56
CA LEU A 68 1.70 12.97 9.30
C LEU A 68 0.50 13.90 9.43
N CYS A 69 -0.22 13.76 10.53
CA CYS A 69 -1.37 14.61 10.86
C CYS A 69 -2.44 14.56 9.76
N ASN A 70 -2.66 13.37 9.20
CA ASN A 70 -3.72 13.18 8.22
C ASN A 70 -4.94 12.56 8.90
N ALA A 71 -6.10 12.69 8.27
CA ALA A 71 -7.31 12.08 8.79
C ALA A 71 -7.40 10.62 8.37
N ASP A 72 -8.23 9.85 9.07
CA ASP A 72 -8.40 8.43 8.77
C ASP A 72 -9.00 8.26 7.38
N SER A 73 -9.86 9.20 7.01
CA SER A 73 -10.47 9.23 5.70
C SER A 73 -9.39 9.34 4.62
N THR A 74 -8.34 10.09 4.95
CA THR A 74 -7.21 10.27 4.05
C THR A 74 -6.27 9.08 4.12
N ALA A 75 -6.07 8.58 5.35
CA ALA A 75 -5.17 7.47 5.60
C ALA A 75 -5.61 6.22 4.85
N GLN A 76 -6.90 5.96 4.84
CA GLN A 76 -7.46 4.82 4.13
C GLN A 76 -7.08 4.84 2.66
N ARG A 77 -7.04 6.02 2.07
CA ARG A 77 -6.65 6.16 0.67
C ARG A 77 -5.20 5.73 0.47
N ASN A 78 -4.32 6.19 1.36
CA ASN A 78 -2.91 5.91 1.24
C ASN A 78 -2.60 4.45 1.57
N LEU A 79 -3.31 3.91 2.55
CA LEU A 79 -3.15 2.50 2.92
C LEU A 79 -3.57 1.59 1.77
N SER A 80 -4.56 2.03 1.01
CA SER A 80 -5.08 1.25 -0.09
C SER A 80 -4.10 1.18 -1.26
N THR A 81 -3.14 2.10 -1.32
CA THR A 81 -2.20 2.15 -2.44
C THR A 81 -1.35 0.87 -2.47
N ILE A 82 -0.68 0.60 -1.36
CA ILE A 82 0.12 -0.61 -1.23
C ILE A 82 -0.78 -1.85 -1.28
N LYS A 83 -1.98 -1.70 -0.73
CA LYS A 83 -2.95 -2.78 -0.70
C LYS A 83 -3.31 -3.24 -2.10
N ILE A 84 -3.34 -2.32 -3.06
CA ILE A 84 -3.63 -2.68 -4.45
C ILE A 84 -2.59 -3.68 -4.96
N TYR A 85 -1.32 -3.42 -4.69
CA TYR A 85 -0.26 -4.29 -5.16
C TYR A 85 -0.24 -5.60 -4.38
N VAL A 86 -0.42 -5.50 -3.07
CA VAL A 86 -0.47 -6.68 -2.20
C VAL A 86 -1.66 -7.57 -2.59
N SER A 87 -2.79 -6.94 -2.82
CA SER A 87 -3.99 -7.63 -3.25
C SER A 87 -3.79 -8.28 -4.62
N ALA A 88 -3.09 -7.60 -5.52
CA ALA A 88 -2.77 -8.18 -6.81
C ALA A 88 -1.79 -9.34 -6.67
N ALA A 89 -0.94 -9.24 -5.66
CA ALA A 89 0.04 -10.28 -5.34
C ALA A 89 -0.65 -11.52 -4.81
N ILE A 90 -1.85 -11.37 -4.29
CA ILE A 90 -2.60 -12.51 -3.80
C ILE A 90 -3.11 -13.35 -4.95
N LYS A 91 -3.50 -12.69 -6.04
CA LYS A 91 -4.10 -13.36 -7.18
C LYS A 91 -3.03 -14.06 -8.02
N LYS A 92 -1.92 -13.37 -8.24
CA LYS A 92 -0.83 -13.92 -9.02
C LYS A 92 0.50 -13.41 -8.49
N GLY A 93 0.83 -13.79 -7.26
CA GLY A 93 2.11 -13.41 -6.68
C GLY A 93 2.57 -14.37 -5.60
N TYR A 94 2.41 -13.96 -4.35
CA TYR A 94 2.95 -14.71 -3.23
C TYR A 94 2.01 -14.66 -2.03
N MET A 95 1.48 -13.48 -1.76
CA MET A 95 0.65 -13.25 -0.58
C MET A 95 -0.61 -14.10 -0.65
N GLU A 96 -0.68 -15.09 0.20
CA GLU A 96 -1.80 -16.01 0.20
C GLU A 96 -2.87 -15.52 1.18
N ASN A 97 -2.40 -15.03 2.32
CA ASN A 97 -3.29 -14.50 3.33
C ASN A 97 -3.04 -13.01 3.49
N ASP A 98 -4.03 -12.23 3.08
CA ASP A 98 -3.93 -10.78 3.07
C ASP A 98 -3.96 -10.20 4.48
N PRO A 99 -3.36 -9.01 4.65
CA PRO A 99 -3.24 -8.36 5.96
C PRO A 99 -4.58 -7.90 6.54
N PHE A 100 -5.62 -7.84 5.71
CA PHE A 100 -6.91 -7.36 6.19
C PHE A 100 -7.82 -8.52 6.61
N LYS A 101 -7.46 -9.72 6.17
CA LYS A 101 -8.10 -10.93 6.64
C LYS A 101 -7.70 -11.24 8.07
N ASP A 102 -6.58 -10.67 8.50
CA ASP A 102 -6.08 -10.89 9.85
C ASP A 102 -5.95 -9.55 10.56
N PHE A 103 -6.63 -8.55 10.00
CA PHE A 103 -6.53 -7.18 10.47
C PHE A 103 -7.33 -7.00 11.75
N GLY A 104 -6.71 -7.27 12.87
CA GLY A 104 -7.33 -7.04 14.16
C GLY A 104 -8.09 -8.24 14.65
N LEU A 105 -7.62 -9.42 14.27
CA LEU A 105 -8.22 -10.66 14.71
C LEU A 105 -7.24 -11.44 15.56
N GLU A 106 -7.74 -12.03 16.63
CA GLU A 106 -6.92 -12.88 17.48
C GLU A 106 -6.37 -14.04 16.66
N HIS A 107 -7.27 -14.93 16.27
CA HIS A 107 -6.93 -16.11 15.49
C HIS A 107 -5.83 -16.92 16.17
N HIS A 108 -4.58 -16.66 15.79
CA HIS A 108 -3.42 -17.31 16.37
C HIS A 108 -2.18 -16.92 15.58
N HIS A 109 -1.60 -15.77 15.92
CA HIS A 109 -0.41 -15.28 15.24
C HIS A 109 0.75 -16.22 15.54
N HIS A 110 1.09 -17.07 14.59
CA HIS A 110 2.02 -18.17 14.85
C HIS A 110 3.25 -18.11 13.96
N HIS A 111 4.30 -18.76 14.42
CA HIS A 111 5.55 -18.87 13.66
C HIS A 111 5.33 -19.73 12.42
N HIS A 112 6.21 -19.57 11.45
CA HIS A 112 6.13 -20.34 10.20
C HIS A 112 6.98 -21.59 10.30
N MET A 1 5.90 -11.75 -15.82
CA MET A 1 6.45 -12.61 -14.75
C MET A 1 7.50 -11.87 -13.94
N ASN A 2 8.60 -11.53 -14.60
CA ASN A 2 9.73 -10.93 -13.91
C ASN A 2 9.70 -9.41 -14.02
N ASN A 3 9.19 -8.78 -12.99
CA ASN A 3 9.26 -7.33 -12.87
C ASN A 3 10.63 -6.93 -12.38
N PRO A 4 11.12 -5.73 -12.76
CA PRO A 4 12.49 -5.26 -12.47
C PRO A 4 12.92 -5.51 -11.03
N SER A 5 12.01 -5.27 -10.08
CA SER A 5 12.28 -5.47 -8.65
C SER A 5 13.45 -4.60 -8.20
N ASP A 6 13.68 -3.54 -8.97
CA ASP A 6 14.79 -2.63 -8.72
C ASP A 6 14.28 -1.33 -8.13
N PHE A 7 13.04 -1.39 -7.68
CA PHE A 7 12.34 -0.25 -7.14
C PHE A 7 13.00 0.19 -5.84
N LYS A 8 13.21 1.49 -5.74
CA LYS A 8 13.93 2.08 -4.62
C LYS A 8 13.21 1.83 -3.29
N SER A 9 11.89 1.82 -3.32
CA SER A 9 11.08 1.65 -2.10
C SER A 9 9.65 1.34 -2.49
N PHE A 10 8.76 1.26 -1.49
CA PHE A 10 7.34 1.01 -1.74
C PHE A 10 6.76 2.00 -2.74
N HIS A 11 7.14 3.27 -2.63
CA HIS A 11 6.63 4.31 -3.51
C HIS A 11 6.99 4.03 -4.96
N ASP A 12 8.10 3.33 -5.16
CA ASP A 12 8.63 3.07 -6.48
C ASP A 12 7.86 1.94 -7.14
N PHE A 13 7.55 0.92 -6.34
CA PHE A 13 6.75 -0.20 -6.81
C PHE A 13 5.35 0.29 -7.14
N VAL A 14 4.82 1.14 -6.27
CA VAL A 14 3.49 1.73 -6.46
C VAL A 14 3.40 2.45 -7.80
N ALA A 15 4.36 3.33 -8.05
CA ALA A 15 4.36 4.13 -9.27
C ALA A 15 4.38 3.27 -10.53
N SER A 16 5.06 2.13 -10.44
CA SER A 16 5.18 1.23 -11.57
C SER A 16 3.83 0.57 -11.88
N TYR A 17 3.14 0.09 -10.86
CA TYR A 17 1.85 -0.56 -11.05
C TYR A 17 0.75 0.48 -11.27
N MET A 18 0.92 1.65 -10.67
CA MET A 18 -0.04 2.73 -10.77
C MET A 18 -0.22 3.16 -12.22
N LYS A 19 0.84 3.01 -13.01
CA LYS A 19 0.77 3.31 -14.44
C LYS A 19 -0.32 2.46 -15.11
N THR A 20 -0.46 1.22 -14.65
CA THR A 20 -1.47 0.32 -15.19
C THR A 20 -2.86 0.68 -14.66
N TYR A 21 -2.89 1.27 -13.46
CA TYR A 21 -4.14 1.60 -12.80
C TYR A 21 -4.64 2.99 -13.24
N SER A 22 -3.79 3.73 -13.94
CA SER A 22 -4.09 5.09 -14.36
C SER A 22 -5.20 5.14 -15.41
N ARG A 23 -5.56 3.96 -15.94
CA ARG A 23 -6.55 3.85 -17.00
C ARG A 23 -7.89 4.48 -16.60
N ARG A 24 -8.18 4.51 -15.30
CA ARG A 24 -9.38 5.16 -14.80
C ARG A 24 -9.02 6.27 -13.82
N LEU A 25 -7.85 6.88 -14.02
CA LEU A 25 -7.40 7.96 -13.16
C LEU A 25 -6.95 9.15 -13.98
N GLU A 26 -7.54 10.32 -13.72
CA GLU A 26 -7.10 11.55 -14.33
C GLU A 26 -5.82 12.05 -13.65
N ILE A 27 -5.08 12.90 -14.34
CA ILE A 27 -3.80 13.39 -13.84
C ILE A 27 -3.92 14.01 -12.45
N GLY A 28 -4.98 14.77 -12.24
CA GLY A 28 -5.21 15.43 -10.96
C GLY A 28 -5.22 14.45 -9.80
N THR A 29 -6.06 13.42 -9.88
CA THR A 29 -6.18 12.44 -8.81
C THR A 29 -5.00 11.47 -8.84
N PHE A 30 -4.45 11.23 -10.03
CA PHE A 30 -3.31 10.34 -10.20
C PHE A 30 -2.12 10.83 -9.38
N ARG A 31 -1.73 12.08 -9.58
CA ARG A 31 -0.60 12.65 -8.88
C ARG A 31 -0.99 13.01 -7.44
N HIS A 32 -2.29 13.17 -7.21
CA HIS A 32 -2.80 13.56 -5.90
C HIS A 32 -2.35 12.58 -4.81
N HIS A 33 -2.23 11.31 -5.18
CA HIS A 33 -1.76 10.30 -4.23
C HIS A 33 -0.46 9.68 -4.75
N LYS A 34 0.20 10.41 -5.62
CA LYS A 34 1.47 9.97 -6.19
C LYS A 34 2.64 10.55 -5.40
N SER A 35 2.52 11.84 -5.09
CA SER A 35 3.57 12.58 -4.40
C SER A 35 3.65 12.23 -2.92
N CYS A 36 2.52 11.82 -2.34
CA CYS A 36 2.41 11.58 -0.90
C CYS A 36 3.49 10.63 -0.39
N MET A 37 3.39 9.36 -0.77
CA MET A 37 4.32 8.34 -0.30
C MET A 37 5.73 8.59 -0.85
N ARG A 38 5.80 9.26 -1.98
CA ARG A 38 7.09 9.58 -2.60
C ARG A 38 7.85 10.57 -1.73
N LYS A 39 7.17 11.65 -1.39
CA LYS A 39 7.73 12.71 -0.56
C LYS A 39 8.00 12.20 0.86
N PHE A 40 7.23 11.20 1.28
CA PHE A 40 7.31 10.68 2.64
C PHE A 40 8.52 9.76 2.81
N LYS A 41 9.26 9.54 1.75
CA LYS A 41 10.46 8.72 1.82
C LYS A 41 11.59 9.50 2.49
N GLU A 42 11.50 9.58 3.80
CA GLU A 42 12.55 10.16 4.62
C GLU A 42 13.83 9.33 4.50
N TYR A 43 13.66 8.02 4.56
CA TYR A 43 14.77 7.08 4.43
C TYR A 43 14.35 5.92 3.53
N CYS A 44 15.29 5.06 3.20
CA CYS A 44 15.02 3.94 2.30
C CYS A 44 14.45 2.76 3.07
N GLU A 45 13.35 2.23 2.58
CA GLU A 45 12.73 1.04 3.15
C GLU A 45 12.01 0.28 2.06
N GLY A 46 12.48 -0.92 1.77
CA GLY A 46 11.84 -1.74 0.75
C GLY A 46 10.62 -2.46 1.28
N LEU A 47 10.79 -3.13 2.41
CA LEU A 47 9.72 -3.88 3.08
C LEU A 47 9.32 -5.09 2.24
N GLN A 48 9.66 -6.27 2.71
CA GLN A 48 9.38 -7.50 1.99
C GLN A 48 7.93 -7.94 2.23
N PHE A 49 7.55 -9.05 1.63
CA PHE A 49 6.18 -9.52 1.65
C PHE A 49 5.70 -9.84 3.06
N HIS A 50 6.58 -10.39 3.88
CA HIS A 50 6.20 -10.86 5.21
C HIS A 50 6.10 -9.70 6.21
N GLU A 51 6.56 -8.52 5.81
CA GLU A 51 6.42 -7.33 6.65
C GLU A 51 5.08 -6.65 6.38
N LEU A 52 4.50 -6.94 5.23
CA LEU A 52 3.22 -6.34 4.86
C LEU A 52 2.09 -7.16 5.48
N THR A 53 1.75 -6.83 6.71
CA THR A 53 0.72 -7.55 7.43
C THR A 53 -0.34 -6.58 7.96
N GLU A 54 -1.35 -7.14 8.61
CA GLU A 54 -2.40 -6.36 9.25
C GLU A 54 -1.80 -5.41 10.30
N ASP A 55 -0.71 -5.86 10.91
CA ASP A 55 0.01 -5.05 11.89
C ASP A 55 0.55 -3.79 11.26
N PHE A 56 1.22 -3.93 10.12
CA PHE A 56 1.77 -2.78 9.42
C PHE A 56 0.67 -1.82 9.01
N LEU A 57 -0.43 -2.36 8.50
CA LEU A 57 -1.55 -1.55 8.06
C LEU A 57 -2.11 -0.72 9.21
N ARG A 58 -2.37 -1.36 10.34
CA ARG A 58 -2.96 -0.66 11.48
C ARG A 58 -1.94 0.26 12.16
N ASP A 59 -0.66 -0.09 12.04
CA ASP A 59 0.41 0.72 12.60
C ASP A 59 0.64 1.97 11.78
N TYR A 60 0.66 1.81 10.46
CA TYR A 60 0.90 2.92 9.54
C TYR A 60 -0.23 3.94 9.66
N LEU A 61 -1.42 3.43 9.96
CA LEU A 61 -2.57 4.28 10.25
C LEU A 61 -2.26 5.21 11.42
N ILE A 62 -1.81 4.63 12.53
CA ILE A 62 -1.49 5.40 13.73
C ILE A 62 -0.27 6.28 13.47
N TYR A 63 0.71 5.73 12.78
CA TYR A 63 1.92 6.45 12.41
C TYR A 63 1.56 7.73 11.64
N MET A 64 0.67 7.60 10.68
CA MET A 64 0.22 8.73 9.89
C MET A 64 -0.67 9.67 10.70
N LYS A 65 -1.50 9.07 11.54
CA LYS A 65 -2.41 9.83 12.41
C LYS A 65 -1.60 10.68 13.40
N LYS A 66 -0.54 10.10 13.94
CA LYS A 66 0.29 10.76 14.94
C LYS A 66 1.33 11.68 14.29
N THR A 67 2.23 11.09 13.53
CA THR A 67 3.36 11.81 12.96
C THR A 67 2.92 12.78 11.85
N LEU A 68 1.95 12.38 11.05
CA LEU A 68 1.51 13.20 9.93
C LEU A 68 0.25 13.98 10.27
N CYS A 69 -0.35 13.67 11.42
CA CYS A 69 -1.52 14.38 11.92
C CYS A 69 -2.76 14.16 11.05
N ASN A 70 -2.68 13.24 10.09
CA ASN A 70 -3.79 13.01 9.16
C ASN A 70 -4.83 12.09 9.77
N ALA A 71 -6.08 12.28 9.38
CA ALA A 71 -7.18 11.49 9.91
C ALA A 71 -7.36 10.20 9.12
N ASP A 72 -8.27 9.35 9.60
CA ASP A 72 -8.53 8.05 8.96
C ASP A 72 -8.92 8.24 7.50
N SER A 73 -9.68 9.30 7.23
CA SER A 73 -10.15 9.59 5.89
C SER A 73 -9.00 9.66 4.89
N THR A 74 -7.99 10.43 5.22
CA THR A 74 -6.81 10.55 4.38
C THR A 74 -6.01 9.25 4.42
N ALA A 75 -5.81 8.72 5.63
CA ALA A 75 -5.01 7.53 5.84
C ALA A 75 -5.50 6.34 5.02
N GLN A 76 -6.81 6.16 4.95
CA GLN A 76 -7.42 5.08 4.21
C GLN A 76 -7.08 5.17 2.73
N ARG A 77 -6.97 6.40 2.22
CA ARG A 77 -6.61 6.62 0.83
C ARG A 77 -5.17 6.21 0.57
N ASN A 78 -4.30 6.50 1.53
CA ASN A 78 -2.90 6.11 1.44
C ASN A 78 -2.76 4.60 1.54
N LEU A 79 -3.47 4.01 2.51
CA LEU A 79 -3.46 2.57 2.69
C LEU A 79 -4.08 1.87 1.47
N SER A 80 -5.09 2.52 0.88
CA SER A 80 -5.72 2.01 -0.33
C SER A 80 -4.71 1.94 -1.47
N THR A 81 -3.82 2.92 -1.52
CA THR A 81 -2.78 2.94 -2.53
C THR A 81 -1.78 1.81 -2.28
N ILE A 82 -1.50 1.54 -1.01
CA ILE A 82 -0.62 0.44 -0.63
C ILE A 82 -1.24 -0.91 -1.00
N LYS A 83 -2.50 -1.12 -0.63
CA LYS A 83 -3.19 -2.37 -0.93
C LYS A 83 -3.26 -2.62 -2.42
N ILE A 84 -3.26 -1.57 -3.23
CA ILE A 84 -3.22 -1.71 -4.68
C ILE A 84 -1.98 -2.52 -5.11
N TYR A 85 -0.79 -2.07 -4.71
CA TYR A 85 0.44 -2.72 -5.16
C TYR A 85 0.62 -4.06 -4.45
N VAL A 86 0.17 -4.14 -3.20
CA VAL A 86 0.20 -5.39 -2.45
C VAL A 86 -0.74 -6.40 -3.10
N SER A 87 -1.90 -5.92 -3.51
CA SER A 87 -2.90 -6.75 -4.17
C SER A 87 -2.38 -7.28 -5.50
N ALA A 88 -1.48 -6.54 -6.13
CA ALA A 88 -0.83 -7.02 -7.35
C ALA A 88 0.06 -8.22 -7.04
N ALA A 89 0.65 -8.20 -5.86
CA ALA A 89 1.50 -9.30 -5.39
C ALA A 89 0.67 -10.47 -4.92
N ILE A 90 -0.57 -10.18 -4.54
CA ILE A 90 -1.51 -11.23 -4.17
C ILE A 90 -2.15 -11.84 -5.42
N LYS A 91 -2.28 -11.01 -6.46
CA LYS A 91 -2.92 -11.43 -7.70
C LYS A 91 -2.10 -12.52 -8.38
N LYS A 92 -0.80 -12.30 -8.45
CA LYS A 92 0.12 -13.32 -8.92
C LYS A 92 1.55 -12.91 -8.61
N GLY A 93 1.87 -12.91 -7.33
CA GLY A 93 3.21 -12.62 -6.91
C GLY A 93 3.74 -13.66 -5.94
N TYR A 94 3.43 -13.48 -4.67
CA TYR A 94 3.93 -14.38 -3.63
C TYR A 94 3.09 -14.29 -2.36
N MET A 95 2.35 -13.20 -2.22
CA MET A 95 1.50 -12.99 -1.06
C MET A 95 0.50 -14.13 -0.89
N GLU A 96 0.37 -14.61 0.34
CA GLU A 96 -0.53 -15.71 0.65
C GLU A 96 -1.94 -15.21 0.92
N ASN A 97 -2.03 -14.16 1.73
CA ASN A 97 -3.30 -13.58 2.12
C ASN A 97 -3.22 -12.08 2.01
N ASP A 98 -4.38 -11.43 2.04
CA ASP A 98 -4.42 -9.98 1.98
C ASP A 98 -4.54 -9.42 3.40
N PRO A 99 -3.90 -8.26 3.65
CA PRO A 99 -3.86 -7.66 4.98
C PRO A 99 -5.18 -6.96 5.36
N PHE A 100 -6.00 -6.65 4.37
CA PHE A 100 -7.24 -5.90 4.63
C PHE A 100 -8.37 -6.84 5.02
N LYS A 101 -8.16 -8.11 4.81
CA LYS A 101 -9.10 -9.13 5.25
C LYS A 101 -9.02 -9.28 6.76
N ASP A 102 -7.82 -9.10 7.31
CA ASP A 102 -7.58 -9.21 8.74
C ASP A 102 -7.76 -7.88 9.45
N PHE A 103 -8.01 -6.83 8.66
CA PHE A 103 -8.02 -5.47 9.20
C PHE A 103 -9.30 -5.20 10.00
N GLY A 104 -9.40 -5.83 11.16
CA GLY A 104 -10.51 -5.59 12.07
C GLY A 104 -11.85 -6.09 11.54
N LEU A 105 -11.83 -6.83 10.45
CA LEU A 105 -13.06 -7.30 9.82
C LEU A 105 -13.32 -8.75 10.18
N GLU A 106 -12.48 -9.31 11.03
CA GLU A 106 -12.63 -10.69 11.47
C GLU A 106 -13.38 -10.73 12.80
N HIS A 107 -14.43 -11.52 12.84
CA HIS A 107 -15.23 -11.68 14.06
C HIS A 107 -15.53 -13.16 14.27
N HIS A 108 -14.48 -13.97 14.22
CA HIS A 108 -14.60 -15.40 14.41
C HIS A 108 -14.81 -15.73 15.89
N HIS A 109 -16.06 -15.93 16.26
CA HIS A 109 -16.41 -16.28 17.63
C HIS A 109 -16.83 -17.75 17.70
N HIS A 110 -16.01 -18.55 18.38
CA HIS A 110 -16.26 -19.99 18.54
C HIS A 110 -16.10 -20.73 17.21
N HIS A 111 -15.17 -21.67 17.18
CA HIS A 111 -14.98 -22.51 16.01
C HIS A 111 -16.19 -23.40 15.80
N HIS A 112 -16.75 -23.37 14.60
CA HIS A 112 -17.89 -24.21 14.28
C HIS A 112 -17.43 -25.61 13.90
N MET A 1 21.39 -3.61 -19.01
CA MET A 1 22.58 -3.90 -18.18
C MET A 1 22.29 -3.73 -16.69
N ASN A 2 21.03 -3.49 -16.35
CA ASN A 2 20.64 -3.23 -14.97
C ASN A 2 19.62 -4.25 -14.49
N ASN A 3 19.34 -4.23 -13.20
CA ASN A 3 18.26 -5.02 -12.65
C ASN A 3 16.99 -4.18 -12.65
N PRO A 4 15.82 -4.77 -12.92
CA PRO A 4 14.54 -4.06 -12.90
C PRO A 4 14.12 -3.71 -11.48
N SER A 5 14.82 -2.75 -10.87
CA SER A 5 14.54 -2.34 -9.51
C SER A 5 14.86 -0.87 -9.29
N ASP A 6 13.83 -0.06 -9.18
CA ASP A 6 13.97 1.31 -8.72
C ASP A 6 13.32 1.43 -7.36
N PHE A 7 12.84 0.29 -6.88
CA PHE A 7 12.09 0.23 -5.65
C PHE A 7 12.91 -0.21 -4.47
N LYS A 8 13.02 0.72 -3.54
CA LYS A 8 13.70 0.52 -2.29
C LYS A 8 12.67 0.39 -1.19
N SER A 9 11.50 0.96 -1.45
CA SER A 9 10.41 0.96 -0.50
C SER A 9 9.09 0.62 -1.20
N PHE A 10 8.01 0.47 -0.42
CA PHE A 10 6.70 0.12 -0.95
C PHE A 10 6.21 1.14 -1.98
N HIS A 11 6.48 2.42 -1.72
CA HIS A 11 6.07 3.51 -2.61
C HIS A 11 6.61 3.28 -4.01
N ASP A 12 7.84 2.83 -4.08
CA ASP A 12 8.56 2.73 -5.32
C ASP A 12 8.03 1.57 -6.15
N PHE A 13 7.78 0.46 -5.46
CA PHE A 13 7.28 -0.75 -6.11
C PHE A 13 5.87 -0.51 -6.67
N VAL A 14 5.04 0.18 -5.89
CA VAL A 14 3.70 0.54 -6.33
C VAL A 14 3.76 1.40 -7.59
N ALA A 15 4.72 2.31 -7.60
CA ALA A 15 4.90 3.21 -8.73
C ALA A 15 5.26 2.44 -10.00
N SER A 16 6.10 1.41 -9.87
CA SER A 16 6.51 0.59 -11.01
C SER A 16 5.29 0.00 -11.71
N TYR A 17 4.34 -0.48 -10.94
CA TYR A 17 3.12 -1.06 -11.48
C TYR A 17 2.17 0.02 -11.96
N MET A 18 2.01 1.05 -11.16
CA MET A 18 1.06 2.12 -11.44
C MET A 18 1.44 2.89 -12.71
N LYS A 19 2.73 2.95 -13.03
CA LYS A 19 3.20 3.57 -14.28
C LYS A 19 2.39 3.05 -15.47
N THR A 20 2.36 1.73 -15.63
CA THR A 20 1.64 1.11 -16.73
C THR A 20 0.14 1.12 -16.47
N TYR A 21 -0.22 1.04 -15.19
CA TYR A 21 -1.62 0.91 -14.79
C TYR A 21 -2.37 2.24 -14.90
N SER A 22 -1.62 3.33 -15.07
CA SER A 22 -2.21 4.66 -15.18
C SER A 22 -3.11 4.77 -16.41
N ARG A 23 -2.93 3.85 -17.35
CA ARG A 23 -3.77 3.79 -18.54
C ARG A 23 -5.23 3.56 -18.16
N ARG A 24 -5.44 2.87 -17.04
CA ARG A 24 -6.78 2.53 -16.59
C ARG A 24 -7.21 3.41 -15.43
N LEU A 25 -6.42 4.44 -15.16
CA LEU A 25 -6.70 5.35 -14.07
C LEU A 25 -7.01 6.74 -14.61
N GLU A 26 -8.16 7.27 -14.22
CA GLU A 26 -8.51 8.64 -14.55
C GLU A 26 -7.50 9.59 -13.94
N ILE A 27 -7.33 10.74 -14.57
CA ILE A 27 -6.35 11.71 -14.10
C ILE A 27 -6.72 12.19 -12.70
N GLY A 28 -8.01 12.30 -12.44
CA GLY A 28 -8.49 12.75 -11.14
C GLY A 28 -7.98 11.88 -10.00
N THR A 29 -8.22 10.58 -10.06
CA THR A 29 -7.82 9.68 -8.99
C THR A 29 -6.30 9.65 -8.85
N PHE A 30 -5.60 9.61 -9.98
CA PHE A 30 -4.13 9.61 -9.98
C PHE A 30 -3.59 10.90 -9.35
N ARG A 31 -4.20 12.01 -9.70
CA ARG A 31 -3.73 13.33 -9.27
C ARG A 31 -4.03 13.59 -7.79
N HIS A 32 -5.14 13.03 -7.30
CA HIS A 32 -5.57 13.23 -5.91
C HIS A 32 -4.45 12.93 -4.92
N HIS A 33 -3.76 11.83 -5.14
CA HIS A 33 -2.74 11.39 -4.21
C HIS A 33 -1.37 11.33 -4.89
N LYS A 34 -1.26 12.06 -5.99
CA LYS A 34 -0.08 12.05 -6.86
C LYS A 34 1.16 12.52 -6.10
N SER A 35 1.19 13.81 -5.78
CA SER A 35 2.34 14.41 -5.13
C SER A 35 2.54 13.86 -3.73
N CYS A 36 1.44 13.58 -3.06
CA CYS A 36 1.44 13.09 -1.69
C CYS A 36 2.29 11.84 -1.54
N MET A 37 2.00 10.84 -2.35
CA MET A 37 2.67 9.54 -2.29
C MET A 37 4.19 9.70 -2.38
N ARG A 38 4.64 10.63 -3.22
CA ARG A 38 6.06 10.84 -3.43
C ARG A 38 6.67 11.61 -2.26
N LYS A 39 6.03 12.73 -1.95
CA LYS A 39 6.50 13.64 -0.92
C LYS A 39 6.56 12.94 0.43
N PHE A 40 5.59 12.07 0.69
CA PHE A 40 5.45 11.43 1.99
C PHE A 40 6.60 10.47 2.28
N LYS A 41 7.33 10.07 1.24
CA LYS A 41 8.43 9.14 1.41
C LYS A 41 9.64 9.82 2.03
N GLU A 42 9.60 9.94 3.34
CA GLU A 42 10.72 10.46 4.11
C GLU A 42 11.83 9.42 4.24
N TYR A 43 11.56 8.22 3.70
CA TYR A 43 12.53 7.13 3.67
C TYR A 43 12.84 6.62 5.08
N CYS A 44 11.92 6.87 6.00
CA CYS A 44 12.07 6.41 7.38
C CYS A 44 12.00 4.89 7.46
N GLU A 45 11.22 4.28 6.57
CA GLU A 45 11.03 2.84 6.59
C GLU A 45 10.91 2.29 5.18
N GLY A 46 11.53 1.15 4.95
CA GLY A 46 11.47 0.50 3.66
C GLY A 46 11.17 -0.98 3.80
N LEU A 47 10.06 -1.29 4.45
CA LEU A 47 9.65 -2.66 4.68
C LEU A 47 9.23 -3.34 3.38
N GLN A 48 9.18 -4.67 3.41
CA GLN A 48 8.89 -5.45 2.23
C GLN A 48 7.45 -5.95 2.24
N PHE A 49 6.98 -6.38 1.08
CA PHE A 49 5.55 -6.65 0.89
C PHE A 49 5.09 -7.94 1.58
N HIS A 50 6.02 -8.83 1.88
CA HIS A 50 5.66 -10.03 2.61
C HIS A 50 5.47 -9.70 4.10
N GLU A 51 6.01 -8.55 4.50
CA GLU A 51 5.87 -8.08 5.87
C GLU A 51 4.64 -7.19 6.00
N LEU A 52 4.05 -6.89 4.85
CA LEU A 52 2.86 -6.04 4.78
C LEU A 52 1.65 -6.83 5.26
N THR A 53 1.38 -6.73 6.56
CA THR A 53 0.32 -7.51 7.19
C THR A 53 -0.64 -6.62 7.96
N GLU A 54 -1.71 -7.23 8.49
CA GLU A 54 -2.71 -6.53 9.29
C GLU A 54 -2.03 -5.79 10.43
N ASP A 55 -1.09 -6.46 11.08
CA ASP A 55 -0.34 -5.89 12.18
C ASP A 55 0.36 -4.61 11.77
N PHE A 56 1.06 -4.66 10.64
CA PHE A 56 1.79 -3.50 10.16
C PHE A 56 0.82 -2.37 9.86
N LEU A 57 -0.26 -2.68 9.15
CA LEU A 57 -1.27 -1.69 8.81
C LEU A 57 -1.84 -1.01 10.05
N ARG A 58 -2.15 -1.82 11.06
CA ARG A 58 -2.72 -1.32 12.30
C ARG A 58 -1.75 -0.37 13.01
N ASP A 59 -0.50 -0.79 13.13
CA ASP A 59 0.51 0.02 13.83
C ASP A 59 0.92 1.23 13.01
N TYR A 60 1.06 1.03 11.71
CA TYR A 60 1.50 2.11 10.82
C TYR A 60 0.45 3.19 10.73
N LEU A 61 -0.81 2.80 10.83
CA LEU A 61 -1.91 3.76 10.88
C LEU A 61 -1.69 4.75 12.01
N ILE A 62 -1.43 4.23 13.19
CA ILE A 62 -1.18 5.05 14.36
C ILE A 62 0.12 5.82 14.21
N TYR A 63 1.17 5.11 13.81
CA TYR A 63 2.49 5.70 13.63
C TYR A 63 2.44 6.88 12.66
N MET A 64 1.73 6.69 11.56
CA MET A 64 1.62 7.71 10.51
C MET A 64 0.88 8.95 11.01
N LYS A 65 -0.26 8.74 11.65
CA LYS A 65 -1.08 9.86 12.09
C LYS A 65 -0.49 10.53 13.33
N LYS A 66 0.22 9.77 14.16
CA LYS A 66 0.75 10.31 15.41
C LYS A 66 2.19 10.81 15.24
N THR A 67 3.09 9.88 14.94
CA THR A 67 4.52 10.19 14.91
C THR A 67 4.88 11.04 13.69
N LEU A 68 4.17 10.83 12.59
CA LEU A 68 4.44 11.57 11.37
C LEU A 68 3.51 12.78 11.24
N CYS A 69 2.62 12.93 12.23
CA CYS A 69 1.68 14.05 12.29
C CYS A 69 0.73 14.06 11.10
N ASN A 70 -0.35 13.30 11.21
CA ASN A 70 -1.37 13.24 10.16
C ASN A 70 -2.74 13.03 10.80
N ALA A 71 -3.78 12.99 9.96
CA ALA A 71 -5.12 12.73 10.43
C ALA A 71 -5.62 11.41 9.88
N ASP A 72 -6.80 10.97 10.33
CA ASP A 72 -7.37 9.70 9.93
C ASP A 72 -7.56 9.64 8.42
N SER A 73 -8.16 10.69 7.87
CA SER A 73 -8.41 10.76 6.43
C SER A 73 -7.10 10.67 5.65
N THR A 74 -6.12 11.46 6.05
CA THR A 74 -4.82 11.46 5.39
C THR A 74 -4.20 10.07 5.40
N ALA A 75 -4.25 9.43 6.57
CA ALA A 75 -3.67 8.11 6.74
C ALA A 75 -4.35 7.06 5.86
N GLN A 76 -5.68 7.08 5.86
CA GLN A 76 -6.45 6.12 5.09
C GLN A 76 -6.20 6.27 3.60
N ARG A 77 -6.11 7.51 3.13
CA ARG A 77 -5.86 7.77 1.72
C ARG A 77 -4.47 7.31 1.30
N ASN A 78 -3.53 7.44 2.22
CA ASN A 78 -2.17 6.92 1.99
C ASN A 78 -2.19 5.39 1.85
N LEU A 79 -2.83 4.73 2.81
CA LEU A 79 -2.84 3.27 2.86
C LEU A 79 -3.66 2.66 1.71
N SER A 80 -4.74 3.32 1.32
CA SER A 80 -5.60 2.81 0.27
C SER A 80 -4.89 2.76 -1.09
N THR A 81 -3.81 3.50 -1.22
CA THR A 81 -3.00 3.43 -2.44
C THR A 81 -2.17 2.15 -2.45
N ILE A 82 -1.74 1.72 -1.28
CA ILE A 82 -0.91 0.54 -1.14
C ILE A 82 -1.70 -0.73 -1.47
N LYS A 83 -2.94 -0.78 -0.98
CA LYS A 83 -3.80 -1.95 -1.17
C LYS A 83 -4.02 -2.23 -2.65
N ILE A 84 -3.99 -1.21 -3.48
CA ILE A 84 -4.14 -1.40 -4.92
C ILE A 84 -3.03 -2.32 -5.45
N TYR A 85 -1.78 -2.03 -5.07
CA TYR A 85 -0.67 -2.87 -5.49
C TYR A 85 -0.68 -4.19 -4.72
N VAL A 86 -0.99 -4.13 -3.42
CA VAL A 86 -1.07 -5.34 -2.61
C VAL A 86 -2.09 -6.32 -3.20
N SER A 87 -3.23 -5.77 -3.59
CA SER A 87 -4.28 -6.53 -4.25
C SER A 87 -3.80 -7.11 -5.58
N ALA A 88 -2.97 -6.36 -6.30
CA ALA A 88 -2.39 -6.82 -7.56
C ALA A 88 -1.28 -7.84 -7.30
N ALA A 89 -0.59 -7.70 -6.18
CA ALA A 89 0.50 -8.58 -5.79
C ALA A 89 -0.01 -9.98 -5.50
N ILE A 90 -1.28 -10.07 -5.18
CA ILE A 90 -1.91 -11.37 -4.98
C ILE A 90 -2.17 -12.05 -6.32
N LYS A 91 -2.41 -11.23 -7.34
CA LYS A 91 -2.72 -11.73 -8.67
C LYS A 91 -1.46 -12.20 -9.39
N LYS A 92 -0.41 -11.40 -9.32
CA LYS A 92 0.85 -11.75 -9.91
C LYS A 92 2.00 -11.06 -9.18
N GLY A 93 2.21 -11.46 -7.94
CA GLY A 93 3.29 -10.88 -7.17
C GLY A 93 3.91 -11.88 -6.23
N TYR A 94 3.39 -11.94 -5.01
CA TYR A 94 3.96 -12.80 -3.98
C TYR A 94 2.98 -12.99 -2.83
N MET A 95 2.13 -12.00 -2.61
CA MET A 95 1.17 -12.06 -1.53
C MET A 95 -0.02 -12.93 -1.91
N GLU A 96 -0.67 -13.50 -0.91
CA GLU A 96 -1.82 -14.35 -1.16
C GLU A 96 -3.03 -13.83 -0.42
N ASN A 97 -2.83 -13.39 0.81
CA ASN A 97 -3.90 -12.83 1.61
C ASN A 97 -3.59 -11.38 1.96
N ASP A 98 -4.49 -10.48 1.58
CA ASP A 98 -4.30 -9.07 1.82
C ASP A 98 -4.63 -8.74 3.28
N PRO A 99 -3.97 -7.73 3.84
CA PRO A 99 -4.17 -7.33 5.24
C PRO A 99 -5.58 -6.84 5.52
N PHE A 100 -6.28 -6.42 4.47
CA PHE A 100 -7.63 -5.88 4.60
C PHE A 100 -8.66 -7.00 4.66
N LYS A 101 -8.19 -8.23 4.57
CA LYS A 101 -9.04 -9.40 4.71
C LYS A 101 -9.76 -9.38 6.05
N ASP A 102 -9.00 -9.19 7.12
CA ASP A 102 -9.55 -9.17 8.46
C ASP A 102 -9.78 -7.75 8.95
N PHE A 103 -9.02 -6.82 8.37
CA PHE A 103 -9.09 -5.43 8.77
C PHE A 103 -10.33 -4.77 8.18
N GLY A 104 -11.47 -5.04 8.80
CA GLY A 104 -12.71 -4.44 8.40
C GLY A 104 -13.89 -5.23 8.90
N LEU A 105 -14.73 -5.68 7.98
CA LEU A 105 -15.94 -6.44 8.28
C LEU A 105 -16.82 -5.67 9.27
N GLU A 106 -17.59 -4.73 8.75
CA GLU A 106 -18.48 -3.92 9.57
C GLU A 106 -19.91 -4.45 9.52
N HIS A 107 -20.04 -5.76 9.50
CA HIS A 107 -21.34 -6.41 9.48
C HIS A 107 -21.30 -7.74 10.24
N HIS A 108 -22.47 -8.22 10.63
CA HIS A 108 -22.63 -9.52 11.29
C HIS A 108 -22.04 -9.52 12.71
N HIS A 109 -22.91 -9.34 13.69
CA HIS A 109 -22.51 -9.51 15.08
C HIS A 109 -23.65 -10.14 15.89
N HIS A 110 -24.15 -11.26 15.41
CA HIS A 110 -25.12 -12.05 16.14
C HIS A 110 -24.58 -13.43 16.40
N HIS A 111 -23.56 -13.51 17.25
CA HIS A 111 -22.97 -14.79 17.59
C HIS A 111 -23.61 -15.32 18.85
N HIS A 112 -24.54 -16.23 18.68
CA HIS A 112 -25.25 -16.81 19.80
C HIS A 112 -24.58 -18.11 20.21
N MET A 1 14.58 -9.72 -20.04
CA MET A 1 16.03 -9.50 -20.21
C MET A 1 16.35 -8.01 -20.30
N ASN A 2 15.61 -7.29 -21.14
CA ASN A 2 15.90 -5.88 -21.41
C ASN A 2 15.68 -5.02 -20.17
N ASN A 3 14.46 -5.03 -19.65
CA ASN A 3 14.12 -4.23 -18.49
C ASN A 3 13.33 -5.02 -17.46
N PRO A 4 14.03 -5.72 -16.55
CA PRO A 4 13.43 -6.42 -15.44
C PRO A 4 13.03 -5.45 -14.33
N SER A 5 12.77 -5.97 -13.14
CA SER A 5 12.41 -5.13 -12.01
C SER A 5 13.65 -4.41 -11.49
N ASP A 6 13.90 -3.23 -12.03
CA ASP A 6 15.04 -2.42 -11.64
C ASP A 6 14.59 -1.29 -10.73
N PHE A 7 13.38 -1.44 -10.25
CA PHE A 7 12.76 -0.45 -9.38
C PHE A 7 13.44 -0.44 -8.03
N LYS A 8 13.51 0.75 -7.45
CA LYS A 8 14.17 0.96 -6.17
C LYS A 8 13.60 0.05 -5.08
N SER A 9 12.28 -0.01 -4.98
CA SER A 9 11.63 -0.74 -3.90
C SER A 9 10.18 -1.03 -4.28
N PHE A 10 9.40 -1.50 -3.29
CA PHE A 10 7.97 -1.71 -3.48
C PHE A 10 7.31 -0.40 -3.91
N HIS A 11 7.75 0.71 -3.31
CA HIS A 11 7.19 2.02 -3.61
C HIS A 11 7.40 2.38 -5.08
N ASP A 12 8.56 2.02 -5.59
CA ASP A 12 8.93 2.33 -6.96
C ASP A 12 8.21 1.38 -7.91
N PHE A 13 8.03 0.15 -7.45
CA PHE A 13 7.29 -0.85 -8.21
C PHE A 13 5.81 -0.46 -8.29
N VAL A 14 5.29 0.08 -7.18
CA VAL A 14 3.92 0.58 -7.13
C VAL A 14 3.68 1.59 -8.25
N ALA A 15 4.63 2.49 -8.44
CA ALA A 15 4.53 3.50 -9.50
C ALA A 15 4.39 2.86 -10.87
N SER A 16 5.04 1.72 -11.06
CA SER A 16 4.99 0.99 -12.32
C SER A 16 3.58 0.43 -12.57
N TYR A 17 3.00 -0.19 -11.56
CA TYR A 17 1.66 -0.78 -11.70
C TYR A 17 0.59 0.30 -11.61
N MET A 18 0.85 1.33 -10.82
CA MET A 18 -0.08 2.46 -10.66
C MET A 18 -0.36 3.11 -11.99
N LYS A 19 0.65 3.08 -12.86
CA LYS A 19 0.55 3.59 -14.23
C LYS A 19 -0.70 3.02 -14.92
N THR A 20 -1.03 1.77 -14.62
CA THR A 20 -2.14 1.10 -15.28
C THR A 20 -3.50 1.72 -14.92
N TYR A 21 -3.83 1.78 -13.64
CA TYR A 21 -5.16 2.25 -13.23
C TYR A 21 -5.26 3.78 -13.32
N SER A 22 -4.11 4.46 -13.27
CA SER A 22 -4.09 5.91 -13.34
C SER A 22 -4.50 6.39 -14.74
N ARG A 23 -4.60 5.44 -15.66
CA ARG A 23 -5.06 5.71 -17.01
C ARG A 23 -6.42 6.41 -17.01
N ARG A 24 -7.27 6.04 -16.06
CA ARG A 24 -8.60 6.60 -15.98
C ARG A 24 -8.77 7.44 -14.71
N LEU A 25 -7.65 7.84 -14.14
CA LEU A 25 -7.67 8.66 -12.95
C LEU A 25 -7.50 10.12 -13.32
N GLU A 26 -8.35 10.97 -12.80
CA GLU A 26 -8.25 12.39 -13.04
C GLU A 26 -6.91 12.92 -12.55
N ILE A 27 -6.42 13.93 -13.24
CA ILE A 27 -5.10 14.50 -12.94
C ILE A 27 -5.09 15.08 -11.53
N GLY A 28 -6.24 15.59 -11.10
CA GLY A 28 -6.35 16.19 -9.78
C GLY A 28 -5.98 15.23 -8.67
N THR A 29 -6.66 14.09 -8.60
CA THR A 29 -6.42 13.14 -7.53
C THR A 29 -5.11 12.37 -7.75
N PHE A 30 -4.79 12.08 -9.02
CA PHE A 30 -3.52 11.45 -9.38
C PHE A 30 -2.34 12.25 -8.80
N ARG A 31 -2.35 13.55 -9.02
CA ARG A 31 -1.31 14.42 -8.53
C ARG A 31 -1.44 14.65 -7.03
N HIS A 32 -2.69 14.60 -6.55
CA HIS A 32 -3.02 14.88 -5.16
C HIS A 32 -2.46 13.81 -4.22
N HIS A 33 -2.00 12.68 -4.77
CA HIS A 33 -1.41 11.65 -3.93
C HIS A 33 0.08 11.48 -4.22
N LYS A 34 0.63 12.34 -5.08
CA LYS A 34 2.04 12.26 -5.46
C LYS A 34 2.95 12.60 -4.29
N SER A 35 2.75 13.77 -3.70
CA SER A 35 3.56 14.23 -2.59
C SER A 35 3.36 13.33 -1.36
N CYS A 36 2.18 12.75 -1.27
CA CYS A 36 1.84 11.83 -0.18
C CYS A 36 2.67 10.56 -0.27
N MET A 37 2.73 9.98 -1.45
CA MET A 37 3.51 8.76 -1.67
C MET A 37 5.00 8.99 -1.44
N ARG A 38 5.44 10.23 -1.63
CA ARG A 38 6.87 10.54 -1.59
C ARG A 38 7.43 10.49 -0.18
N LYS A 39 6.69 11.08 0.75
CA LYS A 39 7.19 11.29 2.12
C LYS A 39 7.53 9.99 2.85
N PHE A 40 7.21 8.85 2.26
CA PHE A 40 7.61 7.57 2.85
C PHE A 40 9.14 7.50 2.91
N LYS A 41 9.77 8.15 1.92
CA LYS A 41 11.23 8.22 1.82
C LYS A 41 11.86 6.84 1.68
N GLU A 42 11.97 6.36 0.46
CA GLU A 42 12.73 5.16 0.18
C GLU A 42 13.84 5.48 -0.82
N TYR A 43 14.97 4.81 -0.67
CA TYR A 43 16.15 5.13 -1.45
C TYR A 43 17.10 3.94 -1.51
N CYS A 44 17.20 3.22 -0.40
CA CYS A 44 17.99 2.00 -0.34
C CYS A 44 17.13 0.88 0.22
N GLU A 45 17.12 -0.26 -0.47
CA GLU A 45 16.31 -1.42 -0.08
C GLU A 45 14.83 -1.05 -0.05
N GLY A 46 14.05 -1.79 0.72
CA GLY A 46 12.63 -1.52 0.81
C GLY A 46 11.96 -2.32 1.92
N LEU A 47 10.94 -3.08 1.57
CA LEU A 47 10.21 -3.87 2.55
C LEU A 47 9.98 -5.26 1.98
N GLN A 48 10.09 -6.28 2.84
CA GLN A 48 9.91 -7.66 2.39
C GLN A 48 8.43 -8.04 2.42
N PHE A 49 8.13 -9.23 1.94
CA PHE A 49 6.75 -9.67 1.80
C PHE A 49 6.12 -9.96 3.15
N HIS A 50 6.78 -10.79 3.95
CA HIS A 50 6.22 -11.22 5.24
C HIS A 50 6.36 -10.14 6.31
N GLU A 51 6.79 -8.96 5.90
CA GLU A 51 6.90 -7.83 6.81
C GLU A 51 5.61 -7.01 6.75
N LEU A 52 4.79 -7.31 5.76
CA LEU A 52 3.55 -6.58 5.52
C LEU A 52 2.38 -7.34 6.14
N THR A 53 1.95 -6.88 7.30
CA THR A 53 0.83 -7.50 8.01
C THR A 53 -0.22 -6.47 8.37
N GLU A 54 -1.32 -6.92 8.98
CA GLU A 54 -2.38 -6.03 9.44
C GLU A 54 -1.84 -5.02 10.44
N ASP A 55 -0.90 -5.47 11.26
CA ASP A 55 -0.31 -4.63 12.30
C ASP A 55 0.39 -3.44 11.67
N PHE A 56 1.10 -3.68 10.58
CA PHE A 56 1.78 -2.61 9.84
C PHE A 56 0.78 -1.59 9.33
N LEU A 57 -0.28 -2.07 8.69
CA LEU A 57 -1.33 -1.20 8.15
C LEU A 57 -1.97 -0.38 9.26
N ARG A 58 -2.28 -1.03 10.37
CA ARG A 58 -2.93 -0.36 11.49
C ARG A 58 -2.00 0.66 12.14
N ASP A 59 -0.76 0.27 12.36
CA ASP A 59 0.24 1.14 12.98
C ASP A 59 0.49 2.36 12.09
N TYR A 60 0.61 2.13 10.79
CA TYR A 60 0.87 3.19 9.84
C TYR A 60 -0.34 4.13 9.75
N LEU A 61 -1.53 3.55 9.92
CA LEU A 61 -2.76 4.33 9.98
C LEU A 61 -2.69 5.32 11.13
N ILE A 62 -2.29 4.82 12.29
CA ILE A 62 -2.08 5.67 13.46
C ILE A 62 -1.04 6.75 13.17
N TYR A 63 0.06 6.35 12.53
CA TYR A 63 1.11 7.28 12.11
C TYR A 63 0.53 8.39 11.23
N MET A 64 -0.33 7.99 10.31
CA MET A 64 -0.97 8.92 9.38
C MET A 64 -1.91 9.88 10.12
N LYS A 65 -2.71 9.32 11.01
CA LYS A 65 -3.69 10.10 11.74
C LYS A 65 -3.02 11.01 12.77
N LYS A 66 -2.11 10.44 13.56
CA LYS A 66 -1.51 11.15 14.68
C LYS A 66 -0.35 12.02 14.21
N THR A 67 0.68 11.39 13.65
CA THR A 67 1.91 12.09 13.30
C THR A 67 1.72 13.01 12.09
N LEU A 68 1.02 12.52 11.08
CA LEU A 68 0.78 13.31 9.87
C LEU A 68 -0.43 14.21 10.03
N CYS A 69 -1.29 13.87 10.99
CA CYS A 69 -2.51 14.62 11.26
C CYS A 69 -3.47 14.53 10.07
N ASN A 70 -3.48 13.38 9.42
CA ASN A 70 -4.36 13.15 8.28
C ASN A 70 -5.62 12.40 8.71
N ALA A 71 -6.72 12.66 8.02
CA ALA A 71 -7.98 12.01 8.33
C ALA A 71 -8.04 10.60 7.74
N ASP A 72 -9.09 9.86 8.10
CA ASP A 72 -9.26 8.48 7.67
C ASP A 72 -9.23 8.36 6.16
N SER A 73 -9.99 9.21 5.49
CA SER A 73 -10.10 9.19 4.05
C SER A 73 -8.73 9.34 3.38
N THR A 74 -7.95 10.31 3.86
CA THR A 74 -6.62 10.55 3.33
C THR A 74 -5.70 9.36 3.60
N ALA A 75 -5.81 8.80 4.81
CA ALA A 75 -4.96 7.69 5.22
C ALA A 75 -5.19 6.45 4.35
N GLN A 76 -6.45 6.11 4.15
CA GLN A 76 -6.80 4.91 3.40
C GLN A 76 -6.31 4.97 1.97
N ARG A 77 -6.56 6.09 1.29
CA ARG A 77 -6.16 6.22 -0.12
C ARG A 77 -4.63 6.27 -0.25
N ASN A 78 -3.95 6.69 0.80
CA ASN A 78 -2.49 6.64 0.82
C ASN A 78 -2.02 5.20 1.01
N LEU A 79 -2.70 4.47 1.87
CA LEU A 79 -2.39 3.06 2.12
C LEU A 79 -2.71 2.21 0.91
N SER A 80 -3.68 2.65 0.12
CA SER A 80 -4.07 1.96 -1.10
C SER A 80 -2.88 1.75 -2.06
N THR A 81 -1.86 2.60 -1.95
CA THR A 81 -0.69 2.46 -2.80
C THR A 81 -0.01 1.11 -2.57
N ILE A 82 0.28 0.82 -1.32
CA ILE A 82 0.85 -0.47 -0.93
C ILE A 82 -0.20 -1.57 -1.07
N LYS A 83 -1.46 -1.22 -0.83
CA LYS A 83 -2.57 -2.15 -1.00
C LYS A 83 -2.56 -2.76 -2.39
N ILE A 84 -2.49 -1.93 -3.41
CA ILE A 84 -2.53 -2.41 -4.79
C ILE A 84 -1.32 -3.30 -5.09
N TYR A 85 -0.19 -2.97 -4.48
CA TYR A 85 1.03 -3.72 -4.67
C TYR A 85 0.91 -5.09 -3.99
N VAL A 86 0.58 -5.07 -2.71
CA VAL A 86 0.47 -6.29 -1.93
C VAL A 86 -0.65 -7.16 -2.46
N SER A 87 -1.79 -6.55 -2.74
CA SER A 87 -2.95 -7.27 -3.27
C SER A 87 -2.62 -7.99 -4.58
N ALA A 88 -1.79 -7.37 -5.41
CA ALA A 88 -1.36 -8.01 -6.66
C ALA A 88 -0.39 -9.15 -6.38
N ALA A 89 0.38 -9.01 -5.32
CA ALA A 89 1.34 -10.02 -4.90
C ALA A 89 0.65 -11.18 -4.21
N ILE A 90 -0.54 -10.91 -3.68
CA ILE A 90 -1.32 -11.93 -3.01
C ILE A 90 -1.96 -12.88 -4.03
N LYS A 91 -2.28 -12.36 -5.20
CA LYS A 91 -2.98 -13.15 -6.20
C LYS A 91 -2.05 -14.14 -6.87
N LYS A 92 -0.86 -13.68 -7.24
CA LYS A 92 0.16 -14.55 -7.76
C LYS A 92 1.52 -13.85 -7.72
N GLY A 93 2.04 -13.69 -6.53
CA GLY A 93 3.36 -13.11 -6.37
C GLY A 93 4.16 -13.83 -5.30
N TYR A 94 3.69 -13.73 -4.05
CA TYR A 94 4.32 -14.41 -2.94
C TYR A 94 3.40 -14.40 -1.73
N MET A 95 2.67 -13.30 -1.57
CA MET A 95 1.73 -13.17 -0.47
C MET A 95 0.56 -14.10 -0.67
N GLU A 96 -0.03 -14.55 0.43
CA GLU A 96 -1.13 -15.49 0.39
C GLU A 96 -2.28 -14.97 1.25
N ASN A 97 -1.95 -14.56 2.46
CA ASN A 97 -2.94 -14.00 3.37
C ASN A 97 -2.89 -12.49 3.30
N ASP A 98 -4.01 -11.88 2.94
CA ASP A 98 -4.08 -10.45 2.80
C ASP A 98 -4.17 -9.78 4.17
N PRO A 99 -3.64 -8.56 4.28
CA PRO A 99 -3.62 -7.82 5.53
C PRO A 99 -4.92 -7.03 5.79
N PHE A 100 -5.85 -7.06 4.85
CA PHE A 100 -7.05 -6.24 4.98
C PHE A 100 -8.22 -7.02 5.58
N LYS A 101 -8.24 -8.34 5.38
CA LYS A 101 -9.24 -9.18 5.98
C LYS A 101 -9.30 -8.97 7.49
N ASP A 102 -8.13 -9.00 8.13
CA ASP A 102 -8.07 -8.92 9.58
C ASP A 102 -7.98 -7.49 10.05
N PHE A 103 -7.93 -6.55 9.12
CA PHE A 103 -7.82 -5.14 9.46
C PHE A 103 -9.12 -4.63 10.08
N GLY A 104 -10.25 -5.09 9.53
CA GLY A 104 -11.53 -4.64 10.03
C GLY A 104 -12.64 -5.65 9.86
N LEU A 105 -12.28 -6.91 9.63
CA LEU A 105 -13.27 -7.96 9.47
C LEU A 105 -12.96 -9.11 10.42
N GLU A 106 -13.82 -9.28 11.41
CA GLU A 106 -13.62 -10.27 12.45
C GLU A 106 -13.74 -11.70 11.93
N HIS A 107 -12.86 -12.57 12.40
CA HIS A 107 -12.99 -14.00 12.19
C HIS A 107 -13.63 -14.61 13.43
N HIS A 108 -14.69 -15.36 13.26
CA HIS A 108 -15.39 -15.94 14.40
C HIS A 108 -14.61 -17.09 15.01
N HIS A 109 -13.90 -17.84 14.17
CA HIS A 109 -13.09 -18.96 14.63
C HIS A 109 -11.80 -19.04 13.84
N HIS A 110 -10.71 -18.59 14.45
CA HIS A 110 -9.41 -18.60 13.78
C HIS A 110 -8.75 -19.97 13.96
N HIS A 111 -8.88 -20.79 12.93
CA HIS A 111 -8.41 -22.17 12.95
C HIS A 111 -8.66 -22.80 11.60
N HIS A 112 -7.64 -23.45 11.04
CA HIS A 112 -7.74 -24.05 9.72
C HIS A 112 -7.45 -25.54 9.77
N MET A 1 6.72 3.24 -20.39
CA MET A 1 6.48 2.34 -21.54
C MET A 1 6.89 0.92 -21.19
N ASN A 2 8.10 0.77 -20.69
CA ASN A 2 8.58 -0.52 -20.21
C ASN A 2 8.30 -0.63 -18.71
N ASN A 3 7.94 -1.82 -18.26
CA ASN A 3 7.61 -2.03 -16.86
C ASN A 3 8.29 -3.29 -16.32
N PRO A 4 9.53 -3.16 -15.84
CA PRO A 4 10.25 -4.26 -15.23
C PRO A 4 9.86 -4.45 -13.77
N SER A 5 8.74 -5.12 -13.54
CA SER A 5 8.19 -5.30 -12.21
C SER A 5 9.00 -6.34 -11.41
N ASP A 6 10.23 -5.96 -11.06
CA ASP A 6 11.10 -6.80 -10.24
C ASP A 6 11.84 -5.96 -9.21
N PHE A 7 11.36 -4.75 -9.00
CA PHE A 7 11.97 -3.82 -8.07
C PHE A 7 11.87 -4.34 -6.65
N LYS A 8 12.93 -4.12 -5.89
CA LYS A 8 13.01 -4.56 -4.51
C LYS A 8 12.21 -3.66 -3.58
N SER A 9 12.07 -2.40 -3.97
CA SER A 9 11.44 -1.43 -3.10
C SER A 9 9.99 -1.18 -3.51
N PHE A 10 9.13 -1.03 -2.51
CA PHE A 10 7.72 -0.79 -2.73
C PHE A 10 7.49 0.48 -3.53
N HIS A 11 8.22 1.54 -3.20
CA HIS A 11 8.05 2.83 -3.88
C HIS A 11 8.45 2.72 -5.35
N ASP A 12 9.33 1.77 -5.64
CA ASP A 12 9.82 1.55 -6.99
C ASP A 12 8.81 0.76 -7.80
N PHE A 13 8.27 -0.28 -7.18
CA PHE A 13 7.26 -1.12 -7.82
C PHE A 13 6.00 -0.30 -8.12
N VAL A 14 5.55 0.45 -7.13
CA VAL A 14 4.35 1.27 -7.26
C VAL A 14 4.53 2.32 -8.34
N ALA A 15 5.67 2.99 -8.34
CA ALA A 15 5.94 4.08 -9.28
C ALA A 15 5.87 3.59 -10.73
N SER A 16 6.48 2.44 -10.99
CA SER A 16 6.53 1.89 -12.34
C SER A 16 5.15 1.45 -12.79
N TYR A 17 4.43 0.75 -11.91
CA TYR A 17 3.11 0.23 -12.25
C TYR A 17 2.09 1.35 -12.41
N MET A 18 2.18 2.36 -11.54
CA MET A 18 1.23 3.45 -11.54
C MET A 18 1.31 4.27 -12.83
N LYS A 19 2.50 4.30 -13.44
CA LYS A 19 2.69 4.97 -14.73
C LYS A 19 1.71 4.44 -15.77
N THR A 20 1.41 3.15 -15.69
CA THR A 20 0.47 2.54 -16.61
C THR A 20 -0.92 2.48 -16.00
N TYR A 21 -0.98 2.37 -14.67
CA TYR A 21 -2.26 2.32 -13.95
C TYR A 21 -3.06 3.60 -14.14
N SER A 22 -2.37 4.72 -14.32
CA SER A 22 -3.01 6.01 -14.47
C SER A 22 -3.80 6.12 -15.78
N ARG A 23 -3.61 5.14 -16.66
CA ARG A 23 -4.36 5.08 -17.91
C ARG A 23 -5.82 4.74 -17.65
N ARG A 24 -6.08 4.18 -16.47
CA ARG A 24 -7.43 3.81 -16.07
C ARG A 24 -7.86 4.54 -14.82
N LEU A 25 -7.33 5.74 -14.63
CA LEU A 25 -7.67 6.57 -13.49
C LEU A 25 -7.78 8.03 -13.90
N GLU A 26 -8.73 8.73 -13.31
CA GLU A 26 -8.84 10.16 -13.53
C GLU A 26 -7.63 10.87 -12.96
N ILE A 27 -7.24 11.97 -13.60
CA ILE A 27 -6.08 12.73 -13.17
C ILE A 27 -6.34 13.34 -11.79
N GLY A 28 -7.59 13.73 -11.55
CA GLY A 28 -7.95 14.33 -10.28
C GLY A 28 -7.67 13.41 -9.10
N THR A 29 -8.23 12.22 -9.15
CA THR A 29 -8.03 11.24 -8.10
C THR A 29 -6.57 10.77 -8.07
N PHE A 30 -6.00 10.51 -9.25
CA PHE A 30 -4.59 10.15 -9.36
C PHE A 30 -3.70 11.17 -8.67
N ARG A 31 -3.87 12.45 -9.01
CA ARG A 31 -3.06 13.53 -8.47
C ARG A 31 -3.21 13.64 -6.95
N HIS A 32 -4.42 13.36 -6.47
CA HIS A 32 -4.72 13.51 -5.04
C HIS A 32 -3.90 12.54 -4.20
N HIS A 33 -3.62 11.36 -4.76
CA HIS A 33 -2.80 10.37 -4.05
C HIS A 33 -1.59 10.00 -4.89
N LYS A 34 -1.04 11.00 -5.59
CA LYS A 34 0.08 10.78 -6.48
C LYS A 34 1.41 10.85 -5.74
N SER A 35 1.64 11.95 -5.02
CA SER A 35 2.93 12.23 -4.42
C SER A 35 3.24 11.23 -3.30
N CYS A 36 2.54 11.38 -2.17
CA CYS A 36 2.66 10.50 -1.00
C CYS A 36 4.10 10.14 -0.65
N MET A 37 4.62 9.07 -1.27
CA MET A 37 5.96 8.56 -0.98
C MET A 37 7.01 9.58 -1.36
N ARG A 38 6.71 10.40 -2.36
CA ARG A 38 7.62 11.45 -2.82
C ARG A 38 7.87 12.49 -1.73
N LYS A 39 6.92 12.66 -0.81
CA LYS A 39 7.07 13.61 0.27
C LYS A 39 7.82 12.95 1.42
N PHE A 40 7.62 11.65 1.57
CA PHE A 40 8.21 10.88 2.67
C PHE A 40 9.71 10.69 2.44
N LYS A 41 10.16 11.10 1.26
CA LYS A 41 11.56 10.99 0.85
C LYS A 41 11.89 9.54 0.50
N GLU A 42 11.92 9.26 -0.80
CA GLU A 42 12.10 7.91 -1.29
C GLU A 42 13.54 7.41 -1.08
N TYR A 43 13.80 6.20 -1.56
CA TYR A 43 15.08 5.52 -1.38
C TYR A 43 15.34 5.26 0.09
N CYS A 44 14.85 4.13 0.54
CA CYS A 44 14.87 3.76 1.94
C CYS A 44 14.80 2.24 2.04
N GLU A 45 14.50 1.72 3.23
CA GLU A 45 14.36 0.28 3.43
C GLU A 45 13.37 -0.31 2.43
N GLY A 46 13.84 -1.24 1.63
CA GLY A 46 12.98 -1.91 0.67
C GLY A 46 12.13 -2.98 1.33
N LEU A 47 11.08 -2.54 2.01
CA LEU A 47 10.15 -3.44 2.67
C LEU A 47 9.52 -4.38 1.65
N GLN A 48 9.63 -5.68 1.90
CA GLN A 48 9.17 -6.68 0.96
C GLN A 48 7.65 -6.78 0.95
N PHE A 49 7.13 -7.51 -0.01
CA PHE A 49 5.68 -7.64 -0.21
C PHE A 49 5.04 -8.37 0.96
N HIS A 50 5.64 -9.52 1.32
CA HIS A 50 5.07 -10.39 2.34
C HIS A 50 5.27 -9.80 3.73
N GLU A 51 6.07 -8.76 3.82
CA GLU A 51 6.36 -8.10 5.09
C GLU A 51 5.25 -7.12 5.46
N LEU A 52 4.38 -6.86 4.50
CA LEU A 52 3.26 -5.95 4.71
C LEU A 52 2.15 -6.69 5.46
N THR A 53 2.09 -6.49 6.77
CA THR A 53 1.18 -7.23 7.62
C THR A 53 0.10 -6.32 8.22
N GLU A 54 -0.76 -6.92 9.03
CA GLU A 54 -1.80 -6.18 9.74
C GLU A 54 -1.17 -5.28 10.79
N ASP A 55 -0.12 -5.77 11.43
CA ASP A 55 0.63 -5.00 12.41
C ASP A 55 1.15 -3.72 11.80
N PHE A 56 1.63 -3.82 10.56
CA PHE A 56 2.11 -2.65 9.84
C PHE A 56 0.98 -1.64 9.68
N LEU A 57 -0.16 -2.10 9.18
CA LEU A 57 -1.32 -1.25 8.97
C LEU A 57 -1.75 -0.60 10.28
N ARG A 58 -1.92 -1.40 11.31
CA ARG A 58 -2.40 -0.92 12.61
C ARG A 58 -1.46 0.15 13.17
N ASP A 59 -0.17 -0.15 13.21
CA ASP A 59 0.81 0.74 13.80
C ASP A 59 0.97 2.01 12.95
N TYR A 60 0.99 1.84 11.65
CA TYR A 60 1.19 2.95 10.72
C TYR A 60 -0.03 3.86 10.71
N LEU A 61 -1.20 3.26 10.88
CA LEU A 61 -2.45 4.01 10.97
C LEU A 61 -2.45 4.90 12.19
N ILE A 62 -2.12 4.32 13.33
CA ILE A 62 -2.04 5.08 14.59
C ILE A 62 -1.03 6.24 14.45
N TYR A 63 0.12 5.92 13.90
CA TYR A 63 1.17 6.91 13.65
C TYR A 63 0.65 8.03 12.75
N MET A 64 -0.10 7.64 11.73
CA MET A 64 -0.65 8.58 10.77
C MET A 64 -1.75 9.42 11.41
N LYS A 65 -2.57 8.77 12.20
CA LYS A 65 -3.68 9.41 12.88
C LYS A 65 -3.17 10.46 13.88
N LYS A 66 -2.16 10.09 14.66
CA LYS A 66 -1.63 10.99 15.68
C LYS A 66 -0.67 12.02 15.09
N THR A 67 0.45 11.54 14.56
CA THR A 67 1.53 12.40 14.12
C THR A 67 1.20 13.13 12.82
N LEU A 68 0.63 12.41 11.87
CA LEU A 68 0.31 12.99 10.58
C LEU A 68 -1.07 13.64 10.61
N CYS A 69 -1.82 13.38 11.68
CA CYS A 69 -3.10 14.04 11.93
C CYS A 69 -4.18 13.66 10.91
N ASN A 70 -4.06 12.49 10.31
CA ASN A 70 -5.03 12.04 9.32
C ASN A 70 -6.06 11.11 9.95
N ALA A 71 -7.26 11.09 9.38
CA ALA A 71 -8.33 10.23 9.87
C ALA A 71 -8.34 8.92 9.10
N ASP A 72 -9.30 8.05 9.42
CA ASP A 72 -9.39 6.73 8.79
C ASP A 72 -9.46 6.82 7.27
N SER A 73 -10.46 7.54 6.77
CA SER A 73 -10.65 7.66 5.33
C SER A 73 -9.48 8.37 4.68
N THR A 74 -8.91 9.35 5.38
CA THR A 74 -7.79 10.11 4.86
C THR A 74 -6.54 9.23 4.78
N ALA A 75 -6.36 8.40 5.81
CA ALA A 75 -5.25 7.46 5.84
C ALA A 75 -5.38 6.43 4.74
N GLN A 76 -6.60 5.93 4.56
CA GLN A 76 -6.89 4.96 3.51
C GLN A 76 -6.54 5.51 2.14
N ARG A 77 -6.75 6.81 1.94
CA ARG A 77 -6.41 7.47 0.69
C ARG A 77 -4.90 7.41 0.44
N ASN A 78 -4.13 7.66 1.48
CA ASN A 78 -2.69 7.65 1.42
C ASN A 78 -2.17 6.21 1.31
N LEU A 79 -2.79 5.33 2.09
CA LEU A 79 -2.39 3.92 2.15
C LEU A 79 -2.62 3.20 0.83
N SER A 80 -3.50 3.74 0.01
CA SER A 80 -3.78 3.20 -1.32
C SER A 80 -2.49 2.96 -2.13
N THR A 81 -1.48 3.80 -1.91
CA THR A 81 -0.21 3.66 -2.62
C THR A 81 0.46 2.33 -2.26
N ILE A 82 0.52 2.05 -0.96
CA ILE A 82 1.08 0.79 -0.47
C ILE A 82 0.16 -0.37 -0.83
N LYS A 83 -1.13 -0.11 -0.78
CA LYS A 83 -2.13 -1.09 -1.17
C LYS A 83 -1.87 -1.63 -2.56
N ILE A 84 -1.53 -0.75 -3.49
CA ILE A 84 -1.34 -1.14 -4.89
C ILE A 84 -0.33 -2.27 -5.04
N TYR A 85 0.86 -2.13 -4.45
CA TYR A 85 1.91 -3.10 -4.69
C TYR A 85 1.61 -4.41 -3.97
N VAL A 86 0.89 -4.32 -2.86
CA VAL A 86 0.47 -5.51 -2.13
C VAL A 86 -0.69 -6.19 -2.86
N SER A 87 -1.67 -5.38 -3.24
CA SER A 87 -2.89 -5.86 -3.87
C SER A 87 -2.61 -6.53 -5.21
N ALA A 88 -1.63 -6.04 -5.95
CA ALA A 88 -1.23 -6.66 -7.21
C ALA A 88 -0.67 -8.05 -6.97
N ALA A 89 0.05 -8.20 -5.86
CA ALA A 89 0.66 -9.47 -5.51
C ALA A 89 -0.39 -10.43 -4.97
N ILE A 90 -1.44 -9.89 -4.38
CA ILE A 90 -2.53 -10.71 -3.88
C ILE A 90 -3.26 -11.37 -5.05
N LYS A 91 -3.52 -10.59 -6.08
CA LYS A 91 -4.25 -11.07 -7.24
C LYS A 91 -3.46 -12.15 -7.98
N LYS A 92 -2.17 -11.94 -8.14
CA LYS A 92 -1.33 -12.89 -8.84
C LYS A 92 -1.17 -14.18 -8.04
N GLY A 93 -1.12 -14.04 -6.72
CA GLY A 93 -1.03 -15.22 -5.87
C GLY A 93 0.25 -15.27 -5.06
N TYR A 94 0.93 -14.15 -4.94
CA TYR A 94 2.12 -14.06 -4.12
C TYR A 94 1.73 -13.74 -2.69
N MET A 95 0.86 -12.75 -2.54
CA MET A 95 0.32 -12.40 -1.24
C MET A 95 -0.99 -13.14 -1.03
N GLU A 96 -0.93 -14.15 -0.19
CA GLU A 96 -2.07 -15.03 0.02
C GLU A 96 -3.06 -14.43 1.00
N ASN A 97 -2.54 -13.69 1.98
CA ASN A 97 -3.37 -13.02 2.96
C ASN A 97 -3.16 -11.52 2.89
N ASP A 98 -4.25 -10.78 2.91
CA ASP A 98 -4.21 -9.34 2.85
C ASP A 98 -3.90 -8.73 4.22
N PRO A 99 -3.27 -7.56 4.24
CA PRO A 99 -2.87 -6.88 5.47
C PRO A 99 -4.03 -6.12 6.15
N PHE A 100 -5.17 -6.10 5.49
CA PHE A 100 -6.34 -5.39 6.02
C PHE A 100 -7.40 -6.37 6.48
N LYS A 101 -6.92 -7.57 6.69
CA LYS A 101 -7.72 -8.69 7.16
C LYS A 101 -8.52 -8.37 8.43
N ASP A 102 -8.05 -7.42 9.22
CA ASP A 102 -8.69 -7.09 10.48
C ASP A 102 -9.99 -6.32 10.26
N PHE A 103 -10.15 -5.78 9.05
CA PHE A 103 -11.38 -5.08 8.68
C PHE A 103 -12.50 -6.09 8.45
N GLY A 104 -12.13 -7.32 8.17
CA GLY A 104 -13.12 -8.35 7.95
C GLY A 104 -13.40 -8.56 6.47
N LEU A 105 -12.91 -9.67 5.93
CA LEU A 105 -13.10 -9.96 4.52
C LEU A 105 -14.08 -11.10 4.35
N GLU A 106 -14.64 -11.19 3.17
CA GLU A 106 -15.64 -12.20 2.84
C GLU A 106 -15.04 -13.60 2.94
N HIS A 107 -15.69 -14.47 3.71
CA HIS A 107 -15.23 -15.85 3.84
C HIS A 107 -15.72 -16.70 2.68
N HIS A 108 -15.12 -16.48 1.52
CA HIS A 108 -15.47 -17.21 0.32
C HIS A 108 -14.66 -18.50 0.27
N HIS A 109 -15.02 -19.45 1.13
CA HIS A 109 -14.26 -20.68 1.35
C HIS A 109 -12.94 -20.40 2.05
N HIS A 110 -12.46 -21.40 2.77
CA HIS A 110 -11.16 -21.29 3.42
C HIS A 110 -10.11 -21.93 2.51
N HIS A 111 -10.59 -22.65 1.52
CA HIS A 111 -9.75 -23.35 0.55
C HIS A 111 -10.55 -23.49 -0.76
N HIS A 112 -9.86 -23.37 -1.89
CA HIS A 112 -10.54 -23.55 -3.17
C HIS A 112 -10.42 -25.01 -3.62
N MET A 1 17.81 -13.94 0.62
CA MET A 1 16.96 -12.78 0.94
C MET A 1 16.99 -11.75 -0.20
N ASN A 2 15.90 -11.66 -0.95
CA ASN A 2 15.76 -10.64 -1.98
C ASN A 2 14.37 -10.04 -1.94
N ASN A 3 13.36 -10.91 -1.86
CA ASN A 3 11.95 -10.52 -1.95
C ASN A 3 11.60 -10.10 -3.38
N PRO A 4 10.35 -10.31 -3.80
CA PRO A 4 9.89 -9.92 -5.14
C PRO A 4 9.91 -8.42 -5.34
N SER A 5 10.98 -7.92 -5.96
CA SER A 5 11.14 -6.50 -6.23
C SER A 5 12.02 -6.28 -7.46
N ASP A 6 11.38 -5.87 -8.55
CA ASP A 6 12.11 -5.63 -9.81
C ASP A 6 12.42 -4.15 -9.95
N PHE A 7 12.13 -3.41 -8.91
CA PHE A 7 12.37 -1.99 -8.85
C PHE A 7 13.18 -1.65 -7.61
N LYS A 8 13.59 -0.39 -7.47
CA LYS A 8 14.35 0.05 -6.32
C LYS A 8 13.56 -0.20 -5.03
N SER A 9 12.28 0.13 -5.06
CA SER A 9 11.41 -0.04 -3.91
C SER A 9 9.95 -0.14 -4.35
N PHE A 10 9.06 -0.28 -3.37
CA PHE A 10 7.63 -0.37 -3.63
C PHE A 10 7.13 0.83 -4.43
N HIS A 11 7.61 2.02 -4.08
CA HIS A 11 7.12 3.25 -4.70
C HIS A 11 7.41 3.29 -6.19
N ASP A 12 8.42 2.54 -6.62
CA ASP A 12 8.79 2.49 -8.03
C ASP A 12 7.82 1.62 -8.80
N PHE A 13 7.52 0.45 -8.24
CA PHE A 13 6.61 -0.48 -8.89
C PHE A 13 5.19 0.09 -8.89
N VAL A 14 4.78 0.66 -7.77
CA VAL A 14 3.45 1.27 -7.65
C VAL A 14 3.29 2.40 -8.66
N ALA A 15 4.35 3.19 -8.84
CA ALA A 15 4.32 4.30 -9.78
C ALA A 15 4.08 3.80 -11.20
N SER A 16 4.75 2.72 -11.57
CA SER A 16 4.63 2.15 -12.90
C SER A 16 3.26 1.48 -13.07
N TYR A 17 2.77 0.83 -12.02
CA TYR A 17 1.48 0.17 -12.07
C TYR A 17 0.36 1.21 -12.11
N MET A 18 0.51 2.26 -11.30
CA MET A 18 -0.47 3.33 -11.25
C MET A 18 -0.46 4.09 -12.57
N LYS A 19 0.72 4.22 -13.15
CA LYS A 19 0.89 4.82 -14.47
C LYS A 19 0.02 4.09 -15.50
N THR A 20 -0.14 2.79 -15.30
CA THR A 20 -0.89 1.96 -16.22
C THR A 20 -2.39 2.28 -16.16
N TYR A 21 -2.98 2.26 -14.98
CA TYR A 21 -4.42 2.47 -14.85
C TYR A 21 -4.75 3.95 -14.67
N SER A 22 -3.74 4.80 -14.73
CA SER A 22 -3.92 6.25 -14.60
C SER A 22 -4.80 6.79 -15.72
N ARG A 23 -5.04 5.96 -16.71
CA ARG A 23 -5.90 6.29 -17.84
C ARG A 23 -7.35 6.50 -17.37
N ARG A 24 -7.73 5.77 -16.32
CA ARG A 24 -9.07 5.87 -15.77
C ARG A 24 -9.07 6.71 -14.49
N LEU A 25 -7.88 7.04 -13.99
CA LEU A 25 -7.76 7.72 -12.72
C LEU A 25 -7.80 9.22 -12.93
N GLU A 26 -8.67 9.89 -12.18
CA GLU A 26 -8.72 11.33 -12.17
C GLU A 26 -7.38 11.88 -11.67
N ILE A 27 -7.04 13.07 -12.13
CA ILE A 27 -5.77 13.67 -11.79
C ILE A 27 -5.72 14.03 -10.32
N GLY A 28 -6.86 14.38 -9.76
CA GLY A 28 -6.93 14.78 -8.36
C GLY A 28 -6.30 13.76 -7.42
N THR A 29 -6.74 12.50 -7.50
CA THR A 29 -6.21 11.46 -6.65
C THR A 29 -4.75 11.16 -7.00
N PHE A 30 -4.47 10.91 -8.28
CA PHE A 30 -3.12 10.63 -8.75
C PHE A 30 -2.12 11.68 -8.26
N ARG A 31 -2.47 12.96 -8.46
CA ARG A 31 -1.59 14.08 -8.16
C ARG A 31 -1.19 14.17 -6.69
N HIS A 32 -1.99 13.58 -5.81
CA HIS A 32 -1.74 13.71 -4.37
C HIS A 32 -0.75 12.67 -3.87
N HIS A 33 -1.11 11.39 -3.96
CA HIS A 33 -0.30 10.33 -3.35
C HIS A 33 0.87 9.90 -4.23
N LYS A 34 1.14 10.66 -5.29
CA LYS A 34 2.32 10.43 -6.11
C LYS A 34 3.55 11.04 -5.45
N SER A 35 3.33 12.16 -4.77
CA SER A 35 4.39 12.88 -4.09
C SER A 35 4.80 12.17 -2.80
N CYS A 36 3.83 11.54 -2.16
CA CYS A 36 4.05 10.81 -0.92
C CYS A 36 5.14 9.75 -1.08
N MET A 37 4.97 8.91 -2.09
CA MET A 37 5.88 7.82 -2.38
C MET A 37 7.30 8.32 -2.66
N ARG A 38 7.41 9.54 -3.16
CA ARG A 38 8.71 10.14 -3.45
C ARG A 38 9.38 10.62 -2.17
N LYS A 39 8.59 11.17 -1.27
CA LYS A 39 9.09 11.82 -0.08
C LYS A 39 9.61 10.81 0.96
N PHE A 40 8.79 9.82 1.26
CA PHE A 40 9.04 8.90 2.37
C PHE A 40 10.24 7.97 2.15
N LYS A 41 10.94 8.12 1.04
CA LYS A 41 12.05 7.21 0.73
C LYS A 41 13.34 7.64 1.40
N GLU A 42 13.27 8.65 2.26
CA GLU A 42 14.46 9.23 2.86
C GLU A 42 15.22 8.23 3.73
N TYR A 43 14.48 7.34 4.39
CA TYR A 43 15.11 6.36 5.28
C TYR A 43 15.73 5.23 4.48
N CYS A 44 15.36 5.15 3.20
CA CYS A 44 15.86 4.11 2.32
C CYS A 44 15.52 2.72 2.85
N GLU A 45 14.35 2.61 3.48
CA GLU A 45 13.88 1.34 4.01
C GLU A 45 12.70 0.85 3.22
N GLY A 46 12.63 -0.46 3.01
CA GLY A 46 11.47 -1.06 2.41
C GLY A 46 10.70 -1.87 3.42
N LEU A 47 10.23 -3.03 3.01
CA LEU A 47 9.45 -3.89 3.89
C LEU A 47 9.34 -5.27 3.27
N GLN A 48 9.54 -6.30 4.08
CA GLN A 48 9.44 -7.67 3.58
C GLN A 48 7.99 -8.11 3.55
N PHE A 49 7.76 -9.23 2.90
CA PHE A 49 6.41 -9.75 2.70
C PHE A 49 5.74 -10.09 4.02
N HIS A 50 6.49 -10.69 4.92
CA HIS A 50 5.96 -11.13 6.20
C HIS A 50 5.81 -9.95 7.17
N GLU A 51 6.38 -8.81 6.81
CA GLU A 51 6.24 -7.62 7.64
C GLU A 51 4.94 -6.90 7.34
N LEU A 52 4.49 -7.02 6.09
CA LEU A 52 3.23 -6.41 5.68
C LEU A 52 2.07 -7.19 6.29
N THR A 53 1.54 -6.66 7.38
CA THR A 53 0.49 -7.33 8.13
C THR A 53 -0.58 -6.33 8.56
N GLU A 54 -1.67 -6.84 9.10
CA GLU A 54 -2.72 -6.00 9.66
C GLU A 54 -2.14 -5.05 10.70
N ASP A 55 -1.24 -5.59 11.52
CA ASP A 55 -0.51 -4.82 12.52
C ASP A 55 0.14 -3.58 11.90
N PHE A 56 0.80 -3.78 10.77
CA PHE A 56 1.45 -2.68 10.07
C PHE A 56 0.44 -1.63 9.64
N LEU A 57 -0.65 -2.07 9.02
CA LEU A 57 -1.71 -1.17 8.58
C LEU A 57 -2.26 -0.36 9.73
N ARG A 58 -2.47 -1.01 10.87
CA ARG A 58 -2.99 -0.34 12.07
C ARG A 58 -2.00 0.70 12.56
N ASP A 59 -0.78 0.26 12.80
CA ASP A 59 0.27 1.12 13.32
C ASP A 59 0.53 2.33 12.41
N TYR A 60 0.60 2.07 11.10
CA TYR A 60 0.87 3.12 10.14
C TYR A 60 -0.31 4.09 10.05
N LEU A 61 -1.52 3.54 10.16
CA LEU A 61 -2.73 4.36 10.18
C LEU A 61 -2.69 5.34 11.34
N ILE A 62 -2.38 4.83 12.52
CA ILE A 62 -2.26 5.65 13.71
C ILE A 62 -1.22 6.75 13.50
N TYR A 63 -0.06 6.37 13.00
CA TYR A 63 1.03 7.32 12.73
C TYR A 63 0.55 8.42 11.78
N MET A 64 -0.20 8.04 10.78
CA MET A 64 -0.68 8.97 9.76
C MET A 64 -1.71 9.93 10.33
N LYS A 65 -2.57 9.44 11.21
CA LYS A 65 -3.60 10.30 11.79
C LYS A 65 -3.07 11.07 13.01
N LYS A 66 -2.02 10.55 13.64
CA LYS A 66 -1.46 11.17 14.83
C LYS A 66 -0.38 12.17 14.47
N THR A 67 0.69 11.69 13.84
CA THR A 67 1.81 12.55 13.49
C THR A 67 1.47 13.45 12.31
N LEU A 68 0.90 12.86 11.27
CA LEU A 68 0.56 13.60 10.06
C LEU A 68 -0.80 14.29 10.21
N CYS A 69 -1.58 13.83 11.18
CA CYS A 69 -2.88 14.43 11.51
C CYS A 69 -3.88 14.29 10.36
N ASN A 70 -3.74 13.23 9.57
CA ASN A 70 -4.68 13.00 8.47
C ASN A 70 -5.85 12.15 8.94
N ALA A 71 -7.01 12.38 8.35
CA ALA A 71 -8.21 11.65 8.73
C ALA A 71 -8.26 10.30 8.04
N ASP A 72 -9.20 9.44 8.45
CA ASP A 72 -9.35 8.13 7.83
C ASP A 72 -9.65 8.26 6.35
N SER A 73 -10.54 9.18 6.01
CA SER A 73 -10.91 9.41 4.63
C SER A 73 -9.68 9.82 3.80
N THR A 74 -8.69 10.39 4.46
CA THR A 74 -7.43 10.74 3.81
C THR A 74 -6.47 9.55 3.82
N ALA A 75 -6.23 9.01 5.01
CA ALA A 75 -5.24 7.97 5.24
C ALA A 75 -5.56 6.69 4.47
N GLN A 76 -6.83 6.30 4.47
CA GLN A 76 -7.29 5.10 3.80
C GLN A 76 -6.96 5.12 2.31
N ARG A 77 -7.01 6.32 1.71
CA ARG A 77 -6.73 6.46 0.29
C ARG A 77 -5.23 6.41 0.03
N ASN A 78 -4.45 6.85 1.00
CA ASN A 78 -3.01 6.77 0.91
C ASN A 78 -2.55 5.33 1.10
N LEU A 79 -3.13 4.66 2.09
CA LEU A 79 -2.83 3.26 2.34
C LEU A 79 -3.18 2.42 1.12
N SER A 80 -4.21 2.85 0.39
CA SER A 80 -4.61 2.16 -0.83
C SER A 80 -3.50 2.15 -1.87
N THR A 81 -2.59 3.12 -1.84
CA THR A 81 -1.51 3.19 -2.83
C THR A 81 -0.51 2.05 -2.57
N ILE A 82 -0.28 1.75 -1.30
CA ILE A 82 0.57 0.63 -0.92
C ILE A 82 -0.18 -0.69 -1.12
N LYS A 83 -1.50 -0.63 -0.92
CA LYS A 83 -2.36 -1.79 -1.10
C LYS A 83 -2.23 -2.35 -2.50
N ILE A 84 -2.08 -1.47 -3.48
CA ILE A 84 -1.90 -1.90 -4.87
C ILE A 84 -0.67 -2.79 -5.01
N TYR A 85 0.41 -2.41 -4.31
CA TYR A 85 1.65 -3.17 -4.35
C TYR A 85 1.46 -4.50 -3.62
N VAL A 86 0.89 -4.42 -2.43
CA VAL A 86 0.63 -5.61 -1.63
C VAL A 86 -0.29 -6.57 -2.35
N SER A 87 -1.40 -6.03 -2.85
CA SER A 87 -2.39 -6.80 -3.58
C SER A 87 -1.81 -7.42 -4.85
N ALA A 88 -0.95 -6.69 -5.54
CA ALA A 88 -0.26 -7.22 -6.71
C ALA A 88 0.67 -8.36 -6.29
N ALA A 89 1.30 -8.20 -5.13
CA ALA A 89 2.17 -9.22 -4.58
C ALA A 89 1.39 -10.45 -4.14
N ILE A 90 0.11 -10.27 -3.87
CA ILE A 90 -0.75 -11.38 -3.53
C ILE A 90 -1.18 -12.12 -4.80
N LYS A 91 -1.44 -11.36 -5.85
CA LYS A 91 -1.96 -11.91 -7.09
C LYS A 91 -0.84 -12.59 -7.90
N LYS A 92 0.30 -11.92 -8.02
CA LYS A 92 1.37 -12.43 -8.86
C LYS A 92 2.74 -12.20 -8.22
N GLY A 93 2.80 -12.22 -6.89
CA GLY A 93 4.05 -12.00 -6.20
C GLY A 93 4.45 -13.17 -5.32
N TYR A 94 4.15 -13.06 -4.04
CA TYR A 94 4.54 -14.07 -3.06
C TYR A 94 3.50 -14.17 -1.95
N MET A 95 2.88 -13.04 -1.62
CA MET A 95 1.91 -12.97 -0.53
C MET A 95 0.83 -14.02 -0.69
N GLU A 96 0.57 -14.74 0.40
CA GLU A 96 -0.40 -15.82 0.37
C GLU A 96 -1.82 -15.27 0.44
N ASN A 97 -2.05 -14.33 1.33
CA ASN A 97 -3.35 -13.71 1.50
C ASN A 97 -3.20 -12.23 1.77
N ASP A 98 -4.31 -11.53 1.79
CA ASP A 98 -4.34 -10.11 2.07
C ASP A 98 -4.41 -9.87 3.58
N PRO A 99 -3.73 -8.80 4.04
CA PRO A 99 -3.60 -8.52 5.49
C PRO A 99 -4.86 -7.92 6.12
N PHE A 100 -5.86 -7.63 5.30
CA PHE A 100 -7.09 -7.02 5.81
C PHE A 100 -8.20 -8.04 5.95
N LYS A 101 -7.89 -9.26 5.58
CA LYS A 101 -8.79 -10.38 5.73
C LYS A 101 -9.24 -10.52 7.19
N ASP A 102 -8.28 -10.41 8.10
CA ASP A 102 -8.52 -10.58 9.53
C ASP A 102 -8.48 -9.23 10.23
N PHE A 103 -8.61 -8.17 9.42
CA PHE A 103 -8.49 -6.80 9.92
C PHE A 103 -9.53 -6.50 11.01
N GLY A 104 -10.75 -6.99 10.84
CA GLY A 104 -11.78 -6.72 11.83
C GLY A 104 -13.07 -7.47 11.57
N LEU A 105 -13.74 -7.15 10.47
CA LEU A 105 -15.05 -7.72 10.15
C LEU A 105 -14.96 -9.25 10.07
N GLU A 106 -13.94 -9.75 9.40
CA GLU A 106 -13.74 -11.18 9.31
C GLU A 106 -12.53 -11.59 10.12
N HIS A 107 -12.69 -12.63 10.93
CA HIS A 107 -11.60 -13.16 11.74
C HIS A 107 -11.44 -14.64 11.50
N HIS A 108 -10.20 -15.11 11.57
CA HIS A 108 -9.87 -16.53 11.40
C HIS A 108 -10.26 -16.99 10.00
N HIS A 109 -9.89 -16.18 9.01
CA HIS A 109 -10.15 -16.49 7.60
C HIS A 109 -11.65 -16.45 7.28
N HIS A 110 -12.46 -16.07 8.28
CA HIS A 110 -13.92 -16.05 8.15
C HIS A 110 -14.46 -17.48 8.09
N HIS A 111 -15.44 -17.78 8.96
CA HIS A 111 -16.04 -19.11 9.00
C HIS A 111 -16.60 -19.48 7.64
N HIS A 112 -15.99 -20.47 7.01
CA HIS A 112 -16.37 -20.87 5.67
C HIS A 112 -17.29 -22.08 5.74
N MET A 1 20.28 -1.11 -22.07
CA MET A 1 19.43 -0.72 -20.93
C MET A 1 18.57 -1.89 -20.48
N ASN A 2 18.70 -2.25 -19.21
CA ASN A 2 17.99 -3.38 -18.65
C ASN A 2 17.99 -3.26 -17.12
N ASN A 3 17.79 -4.39 -16.43
CA ASN A 3 17.76 -4.41 -14.97
C ASN A 3 16.55 -3.63 -14.45
N PRO A 4 15.37 -4.29 -14.39
CA PRO A 4 14.12 -3.64 -14.01
C PRO A 4 13.91 -3.56 -12.50
N SER A 5 14.75 -4.27 -11.75
CA SER A 5 14.62 -4.31 -10.29
C SER A 5 15.20 -3.05 -9.65
N ASP A 6 14.78 -1.90 -10.16
CA ASP A 6 15.32 -0.62 -9.73
C ASP A 6 14.46 -0.01 -8.63
N PHE A 7 13.44 -0.74 -8.23
CA PHE A 7 12.58 -0.32 -7.15
C PHE A 7 13.10 -0.89 -5.85
N LYS A 8 13.36 -0.03 -4.89
CA LYS A 8 13.90 -0.45 -3.62
C LYS A 8 12.79 -0.78 -2.63
N SER A 9 11.65 -0.14 -2.79
CA SER A 9 10.63 -0.16 -1.75
C SER A 9 9.22 -0.20 -2.33
N PHE A 10 8.23 -0.30 -1.45
CA PHE A 10 6.83 -0.34 -1.84
C PHE A 10 6.44 0.91 -2.62
N HIS A 11 6.96 2.07 -2.19
CA HIS A 11 6.60 3.34 -2.85
C HIS A 11 7.10 3.34 -4.30
N ASP A 12 8.12 2.55 -4.56
CA ASP A 12 8.65 2.41 -5.91
C ASP A 12 7.78 1.45 -6.72
N PHE A 13 7.50 0.30 -6.12
CA PHE A 13 6.71 -0.74 -6.76
C PHE A 13 5.29 -0.24 -7.06
N VAL A 14 4.66 0.35 -6.06
CA VAL A 14 3.30 0.86 -6.20
C VAL A 14 3.27 2.01 -7.20
N ALA A 15 4.34 2.80 -7.24
CA ALA A 15 4.40 3.92 -8.16
C ALA A 15 4.38 3.44 -9.61
N SER A 16 5.09 2.35 -9.88
CA SER A 16 5.14 1.79 -11.23
C SER A 16 3.78 1.21 -11.61
N TYR A 17 3.18 0.47 -10.69
CA TYR A 17 1.84 -0.10 -10.91
C TYR A 17 0.83 1.01 -11.11
N MET A 18 0.93 2.04 -10.27
CA MET A 18 0.07 3.21 -10.34
C MET A 18 0.22 3.91 -11.70
N LYS A 19 1.47 4.10 -12.09
CA LYS A 19 1.82 4.71 -13.36
C LYS A 19 1.22 3.91 -14.53
N THR A 20 1.22 2.60 -14.40
CA THR A 20 0.75 1.71 -15.45
C THR A 20 -0.71 1.96 -15.81
N TYR A 21 -1.60 1.98 -14.82
CA TYR A 21 -3.01 2.17 -15.09
C TYR A 21 -3.34 3.65 -15.20
N SER A 22 -2.42 4.51 -14.77
CA SER A 22 -2.58 5.95 -14.87
C SER A 22 -2.59 6.42 -16.33
N ARG A 23 -2.23 5.53 -17.24
CA ARG A 23 -2.20 5.85 -18.66
C ARG A 23 -3.60 6.17 -19.19
N ARG A 24 -4.61 5.69 -18.48
CA ARG A 24 -5.99 5.92 -18.88
C ARG A 24 -6.52 7.24 -18.31
N LEU A 25 -6.19 7.52 -17.06
CA LEU A 25 -6.75 8.66 -16.36
C LEU A 25 -5.89 9.91 -16.52
N GLU A 26 -6.41 11.02 -16.03
CA GLU A 26 -5.71 12.28 -16.06
C GLU A 26 -4.82 12.45 -14.83
N ILE A 27 -3.96 13.46 -14.88
CA ILE A 27 -3.06 13.73 -13.76
C ILE A 27 -3.85 14.19 -12.54
N GLY A 28 -4.98 14.83 -12.78
CA GLY A 28 -5.81 15.34 -11.70
C GLY A 28 -6.18 14.29 -10.66
N THR A 29 -6.71 13.17 -11.11
CA THR A 29 -7.09 12.09 -10.22
C THR A 29 -5.87 11.29 -9.78
N PHE A 30 -4.93 11.10 -10.70
CA PHE A 30 -3.67 10.43 -10.40
C PHE A 30 -2.95 11.09 -9.22
N ARG A 31 -2.76 12.39 -9.30
CA ARG A 31 -2.01 13.13 -8.29
C ARG A 31 -2.76 13.15 -6.96
N HIS A 32 -4.08 13.00 -7.02
CA HIS A 32 -4.92 13.08 -5.83
C HIS A 32 -4.54 11.99 -4.83
N HIS A 33 -4.14 10.84 -5.32
CA HIS A 33 -3.71 9.75 -4.43
C HIS A 33 -2.21 9.51 -4.56
N LYS A 34 -1.55 10.37 -5.34
CA LYS A 34 -0.11 10.28 -5.55
C LYS A 34 0.64 11.20 -4.60
N SER A 35 0.12 12.42 -4.44
CA SER A 35 0.85 13.51 -3.80
C SER A 35 1.18 13.19 -2.33
N CYS A 36 0.34 12.41 -1.69
CA CYS A 36 0.56 12.04 -0.29
C CYS A 36 1.87 11.30 -0.11
N MET A 37 1.97 10.14 -0.75
CA MET A 37 3.15 9.29 -0.66
C MET A 37 4.34 9.95 -1.37
N ARG A 38 4.05 10.74 -2.38
CA ARG A 38 5.10 11.40 -3.18
C ARG A 38 5.89 12.39 -2.34
N LYS A 39 5.16 13.18 -1.55
CA LYS A 39 5.76 14.22 -0.73
C LYS A 39 6.80 13.66 0.24
N PHE A 40 6.35 12.88 1.19
CA PHE A 40 7.23 12.34 2.23
C PHE A 40 8.15 11.27 1.66
N LYS A 41 7.73 10.66 0.54
CA LYS A 41 8.47 9.59 -0.15
C LYS A 41 8.96 8.52 0.82
N GLU A 42 8.14 8.26 1.83
CA GLU A 42 8.48 7.34 2.90
C GLU A 42 8.64 5.90 2.41
N TYR A 43 9.47 5.14 3.12
CA TYR A 43 9.79 3.77 2.74
C TYR A 43 10.22 2.97 3.96
N CYS A 44 9.77 1.73 4.04
CA CYS A 44 10.20 0.82 5.09
C CYS A 44 11.29 -0.09 4.55
N GLU A 45 12.40 0.55 4.11
CA GLU A 45 13.52 -0.16 3.49
C GLU A 45 13.15 -0.70 2.12
N GLY A 46 12.30 -1.72 2.11
CA GLY A 46 11.83 -2.29 0.87
C GLY A 46 10.37 -2.64 0.97
N LEU A 47 10.03 -3.87 0.58
CA LEU A 47 8.70 -4.41 0.80
C LEU A 47 8.60 -5.85 0.33
N GLN A 48 8.44 -6.71 1.30
CA GLN A 48 8.25 -8.13 1.07
C GLN A 48 6.98 -8.57 1.80
N PHE A 49 6.65 -9.84 1.75
CA PHE A 49 5.44 -10.32 2.39
C PHE A 49 5.53 -10.17 3.90
N HIS A 50 6.74 -10.36 4.42
CA HIS A 50 6.97 -10.25 5.87
C HIS A 50 6.94 -8.79 6.33
N GLU A 51 6.87 -7.86 5.38
CA GLU A 51 6.87 -6.44 5.70
C GLU A 51 5.50 -5.82 5.41
N LEU A 52 4.55 -6.66 5.05
CA LEU A 52 3.19 -6.20 4.79
C LEU A 52 2.21 -7.04 5.60
N THR A 53 1.97 -6.64 6.83
CA THR A 53 1.14 -7.40 7.75
C THR A 53 0.10 -6.52 8.42
N GLU A 54 -0.72 -7.13 9.29
CA GLU A 54 -1.64 -6.39 10.12
C GLU A 54 -0.88 -5.39 10.98
N ASP A 55 0.20 -5.86 11.58
CA ASP A 55 1.02 -5.04 12.46
C ASP A 55 1.58 -3.84 11.70
N PHE A 56 1.94 -4.06 10.44
CA PHE A 56 2.42 -2.99 9.58
C PHE A 56 1.33 -1.93 9.38
N LEU A 57 0.14 -2.38 8.99
CA LEU A 57 -1.00 -1.49 8.79
C LEU A 57 -1.37 -0.78 10.10
N ARG A 58 -1.32 -1.53 11.18
CA ARG A 58 -1.62 -1.01 12.50
C ARG A 58 -0.66 0.12 12.88
N ASP A 59 0.64 -0.16 12.78
CA ASP A 59 1.66 0.83 13.11
C ASP A 59 1.63 2.00 12.14
N TYR A 60 1.38 1.70 10.87
CA TYR A 60 1.40 2.71 9.83
C TYR A 60 0.19 3.64 9.96
N LEU A 61 -0.91 3.13 10.49
CA LEU A 61 -2.07 3.96 10.78
C LEU A 61 -1.72 4.99 11.84
N ILE A 62 -1.11 4.51 12.91
CA ILE A 62 -0.63 5.40 13.97
C ILE A 62 0.38 6.39 13.41
N TYR A 63 1.36 5.86 12.68
CA TYR A 63 2.38 6.67 12.01
C TYR A 63 1.75 7.73 11.10
N MET A 64 0.68 7.35 10.43
CA MET A 64 -0.02 8.23 9.50
C MET A 64 -0.60 9.45 10.22
N LYS A 65 -1.27 9.21 11.33
CA LYS A 65 -1.96 10.26 12.05
C LYS A 65 -1.00 11.01 12.96
N LYS A 66 -0.15 10.26 13.64
CA LYS A 66 0.78 10.81 14.60
C LYS A 66 1.93 11.56 13.92
N THR A 67 2.69 10.84 13.12
CA THR A 67 3.90 11.39 12.52
C THR A 67 3.60 12.24 11.29
N LEU A 68 2.76 11.73 10.39
CA LEU A 68 2.57 12.40 9.10
C LEU A 68 1.59 13.57 9.24
N CYS A 69 0.29 13.30 9.09
CA CYS A 69 -0.74 14.33 9.00
C CYS A 69 -2.13 13.72 8.96
N ASN A 70 -2.28 12.73 8.09
CA ASN A 70 -3.61 12.24 7.70
C ASN A 70 -4.38 11.66 8.89
N ALA A 71 -5.67 11.94 8.90
CA ALA A 71 -6.58 11.37 9.88
C ALA A 71 -7.02 9.98 9.42
N ASP A 72 -7.89 9.34 10.20
CA ASP A 72 -8.33 7.97 9.92
C ASP A 72 -8.79 7.81 8.48
N SER A 73 -9.77 8.61 8.09
CA SER A 73 -10.35 8.54 6.76
C SER A 73 -9.30 8.72 5.67
N THR A 74 -8.44 9.72 5.82
CA THR A 74 -7.42 10.01 4.82
C THR A 74 -6.33 8.93 4.82
N ALA A 75 -6.03 8.42 6.02
CA ALA A 75 -5.06 7.34 6.17
C ALA A 75 -5.51 6.13 5.38
N GLN A 76 -6.81 5.88 5.40
CA GLN A 76 -7.41 4.77 4.68
C GLN A 76 -7.11 4.87 3.19
N ARG A 77 -7.06 6.09 2.68
CA ARG A 77 -6.77 6.33 1.27
C ARG A 77 -5.31 6.02 0.95
N ASN A 78 -4.40 6.50 1.79
CA ASN A 78 -2.98 6.33 1.58
C ASN A 78 -2.58 4.86 1.79
N LEU A 79 -3.40 4.13 2.53
CA LEU A 79 -3.19 2.70 2.71
C LEU A 79 -3.86 1.92 1.58
N SER A 80 -4.96 2.44 1.07
CA SER A 80 -5.70 1.80 0.00
C SER A 80 -4.87 1.72 -1.28
N THR A 81 -4.02 2.72 -1.51
CA THR A 81 -3.16 2.73 -2.68
C THR A 81 -2.22 1.53 -2.66
N ILE A 82 -1.58 1.32 -1.51
CA ILE A 82 -0.72 0.17 -1.32
C ILE A 82 -1.53 -1.12 -1.41
N LYS A 83 -2.73 -1.10 -0.85
CA LYS A 83 -3.61 -2.26 -0.82
C LYS A 83 -3.93 -2.73 -2.23
N ILE A 84 -4.06 -1.81 -3.17
CA ILE A 84 -4.36 -2.17 -4.55
C ILE A 84 -3.26 -3.07 -5.12
N TYR A 85 -2.02 -2.75 -4.78
CA TYR A 85 -0.89 -3.54 -5.24
C TYR A 85 -0.83 -4.88 -4.50
N VAL A 86 -1.04 -4.82 -3.19
CA VAL A 86 -1.05 -6.01 -2.35
C VAL A 86 -2.19 -6.95 -2.75
N SER A 87 -3.39 -6.40 -2.83
CA SER A 87 -4.58 -7.15 -3.22
C SER A 87 -4.40 -7.81 -4.59
N ALA A 88 -3.71 -7.12 -5.50
CA ALA A 88 -3.44 -7.68 -6.83
C ALA A 88 -2.38 -8.77 -6.76
N ALA A 89 -1.44 -8.60 -5.85
CA ALA A 89 -0.37 -9.58 -5.66
C ALA A 89 -0.91 -10.89 -5.11
N ILE A 90 -2.03 -10.81 -4.41
CA ILE A 90 -2.67 -12.02 -3.90
C ILE A 90 -3.28 -12.81 -5.05
N LYS A 91 -3.87 -12.10 -6.00
CA LYS A 91 -4.44 -12.71 -7.19
C LYS A 91 -3.31 -13.31 -8.03
N LYS A 92 -2.19 -12.59 -8.08
CA LYS A 92 -1.03 -13.04 -8.84
C LYS A 92 -0.41 -14.29 -8.20
N GLY A 93 -0.50 -14.38 -6.89
CA GLY A 93 0.06 -15.51 -6.18
C GLY A 93 1.36 -15.16 -5.47
N TYR A 94 1.52 -13.89 -5.14
CA TYR A 94 2.71 -13.41 -4.45
C TYR A 94 2.51 -13.46 -2.95
N MET A 95 1.35 -12.99 -2.50
CA MET A 95 1.01 -13.01 -1.09
C MET A 95 -0.10 -14.02 -0.83
N GLU A 96 -0.07 -14.61 0.36
CA GLU A 96 -1.02 -15.66 0.74
C GLU A 96 -2.39 -15.07 1.09
N ASN A 97 -2.38 -13.90 1.71
CA ASN A 97 -3.61 -13.30 2.21
C ASN A 97 -3.49 -11.79 2.33
N ASP A 98 -4.63 -11.11 2.31
CA ASP A 98 -4.69 -9.68 2.53
C ASP A 98 -4.36 -9.35 3.99
N PRO A 99 -3.68 -8.22 4.22
CA PRO A 99 -3.47 -7.71 5.58
C PRO A 99 -4.79 -7.31 6.21
N PHE A 100 -5.74 -6.94 5.35
CA PHE A 100 -7.08 -6.56 5.78
C PHE A 100 -7.78 -7.72 6.50
N LYS A 101 -7.42 -8.94 6.12
CA LYS A 101 -8.00 -10.14 6.71
C LYS A 101 -7.52 -10.34 8.13
N ASP A 102 -6.21 -10.19 8.33
CA ASP A 102 -5.59 -10.44 9.63
C ASP A 102 -5.71 -9.21 10.53
N PHE A 103 -6.12 -8.09 9.92
CA PHE A 103 -6.27 -6.82 10.63
C PHE A 103 -7.44 -6.89 11.62
N GLY A 104 -8.32 -7.85 11.43
CA GLY A 104 -9.47 -7.98 12.30
C GLY A 104 -9.75 -9.43 12.65
N LEU A 105 -11.00 -9.82 12.53
CA LEU A 105 -11.43 -11.15 12.91
C LEU A 105 -12.65 -11.57 12.08
N GLU A 106 -12.47 -12.56 11.23
CA GLU A 106 -13.59 -13.13 10.50
C GLU A 106 -14.18 -14.30 11.27
N HIS A 107 -13.46 -15.41 11.23
CA HIS A 107 -13.91 -16.64 11.90
C HIS A 107 -12.68 -17.47 12.23
N HIS A 108 -12.53 -17.85 13.49
CA HIS A 108 -11.42 -18.71 13.89
C HIS A 108 -11.63 -20.11 13.32
N HIS A 109 -10.63 -20.62 12.61
CA HIS A 109 -10.72 -21.93 11.97
C HIS A 109 -11.12 -23.00 12.98
N HIS A 110 -12.13 -23.78 12.64
CA HIS A 110 -12.60 -24.82 13.55
C HIS A 110 -11.64 -26.00 13.59
N HIS A 111 -11.76 -26.91 12.63
CA HIS A 111 -10.96 -28.13 12.60
C HIS A 111 -11.46 -29.06 11.50
N HIS A 112 -10.56 -29.80 10.89
CA HIS A 112 -10.93 -30.77 9.86
C HIS A 112 -11.27 -32.12 10.51
N MET A 1 6.82 -13.81 -15.22
CA MET A 1 7.37 -12.49 -14.86
C MET A 1 7.64 -11.66 -16.10
N ASN A 2 7.63 -10.35 -15.95
CA ASN A 2 7.86 -9.45 -17.07
C ASN A 2 8.86 -8.38 -16.67
N ASN A 3 8.48 -7.57 -15.68
CA ASN A 3 9.35 -6.51 -15.18
C ASN A 3 10.20 -7.03 -14.03
N PRO A 4 11.45 -6.56 -13.93
CA PRO A 4 12.34 -6.91 -12.84
C PRO A 4 11.98 -6.17 -11.55
N SER A 5 12.53 -6.63 -10.43
CA SER A 5 12.29 -5.99 -9.15
C SER A 5 13.09 -4.69 -9.05
N ASP A 6 12.58 -3.65 -9.71
CA ASP A 6 13.26 -2.35 -9.75
C ASP A 6 12.63 -1.39 -8.75
N PHE A 7 11.68 -1.92 -8.00
CA PHE A 7 10.96 -1.12 -7.03
C PHE A 7 11.68 -1.16 -5.69
N LYS A 8 12.07 0.01 -5.21
CA LYS A 8 12.82 0.12 -3.98
C LYS A 8 11.91 -0.03 -2.76
N SER A 9 10.64 0.31 -2.94
CA SER A 9 9.70 0.34 -1.83
C SER A 9 8.26 0.22 -2.31
N PHE A 10 7.33 0.37 -1.37
CA PHE A 10 5.90 0.28 -1.65
C PHE A 10 5.47 1.28 -2.72
N HIS A 11 6.00 2.51 -2.65
CA HIS A 11 5.53 3.57 -3.54
C HIS A 11 6.05 3.35 -4.96
N ASP A 12 7.15 2.62 -5.10
CA ASP A 12 7.72 2.36 -6.41
C ASP A 12 6.91 1.32 -7.15
N PHE A 13 6.49 0.29 -6.42
CA PHE A 13 5.64 -0.75 -6.99
C PHE A 13 4.31 -0.13 -7.44
N VAL A 14 3.77 0.74 -6.59
CA VAL A 14 2.54 1.47 -6.88
C VAL A 14 2.66 2.26 -8.18
N ALA A 15 3.67 3.12 -8.26
CA ALA A 15 3.83 4.00 -9.43
C ALA A 15 3.91 3.22 -10.73
N SER A 16 4.41 2.00 -10.67
CA SER A 16 4.55 1.16 -11.86
C SER A 16 3.21 0.53 -12.26
N TYR A 17 2.48 0.00 -11.28
CA TYR A 17 1.21 -0.67 -11.56
C TYR A 17 0.11 0.36 -11.80
N MET A 18 0.14 1.41 -11.00
CA MET A 18 -0.81 2.51 -11.10
C MET A 18 -0.69 3.24 -12.43
N LYS A 19 0.51 3.19 -13.02
CA LYS A 19 0.76 3.77 -14.34
C LYS A 19 -0.28 3.27 -15.36
N THR A 20 -0.75 2.04 -15.17
CA THR A 20 -1.71 1.43 -16.08
C THR A 20 -2.99 2.26 -16.21
N TYR A 21 -3.65 2.54 -15.07
CA TYR A 21 -4.91 3.25 -15.10
C TYR A 21 -4.69 4.76 -15.02
N SER A 22 -3.44 5.17 -14.78
CA SER A 22 -3.08 6.58 -14.75
C SER A 22 -3.42 7.28 -16.07
N ARG A 23 -3.56 6.50 -17.14
CA ARG A 23 -3.96 7.05 -18.44
C ARG A 23 -5.40 7.54 -18.40
N ARG A 24 -6.18 7.01 -17.47
CA ARG A 24 -7.59 7.31 -17.39
C ARG A 24 -7.89 8.10 -16.12
N LEU A 25 -6.85 8.61 -15.49
CA LEU A 25 -6.99 9.37 -14.25
C LEU A 25 -6.27 10.70 -14.39
N GLU A 26 -6.88 11.75 -13.87
CA GLU A 26 -6.26 13.05 -13.85
C GLU A 26 -5.02 13.05 -12.97
N ILE A 27 -4.01 13.78 -13.40
CA ILE A 27 -2.75 13.86 -12.66
C ILE A 27 -3.00 14.46 -11.28
N GLY A 28 -3.94 15.40 -11.22
CA GLY A 28 -4.28 16.05 -9.95
C GLY A 28 -4.69 15.05 -8.89
N THR A 29 -5.58 14.13 -9.24
CA THR A 29 -6.07 13.15 -8.28
C THR A 29 -5.06 12.01 -8.09
N PHE A 30 -4.48 11.54 -9.20
CA PHE A 30 -3.46 10.49 -9.15
C PHE A 30 -2.29 10.88 -8.24
N ARG A 31 -1.82 12.12 -8.35
CA ARG A 31 -0.65 12.55 -7.60
C ARG A 31 -0.93 12.65 -6.11
N HIS A 32 -2.22 12.74 -5.74
CA HIS A 32 -2.61 12.81 -4.33
C HIS A 32 -2.07 11.61 -3.55
N HIS A 33 -1.81 10.52 -4.26
CA HIS A 33 -1.20 9.34 -3.65
C HIS A 33 0.26 9.24 -4.04
N LYS A 34 0.49 9.14 -5.36
CA LYS A 34 1.82 8.93 -5.93
C LYS A 34 2.84 9.95 -5.42
N SER A 35 2.54 11.23 -5.55
CA SER A 35 3.49 12.28 -5.21
C SER A 35 3.63 12.45 -3.70
N CYS A 36 2.61 12.05 -2.97
CA CYS A 36 2.63 12.16 -1.51
C CYS A 36 3.43 11.03 -0.87
N MET A 37 3.20 9.81 -1.34
CA MET A 37 3.90 8.65 -0.82
C MET A 37 5.41 8.74 -1.08
N ARG A 38 5.78 9.48 -2.12
CA ARG A 38 7.18 9.73 -2.42
C ARG A 38 7.78 10.82 -1.53
N LYS A 39 6.92 11.71 -1.05
CA LYS A 39 7.33 12.93 -0.37
C LYS A 39 8.30 12.71 0.78
N PHE A 40 7.85 11.99 1.80
CA PHE A 40 8.62 11.81 3.04
C PHE A 40 10.08 11.45 2.75
N LYS A 41 10.27 10.43 1.91
CA LYS A 41 11.60 10.01 1.43
C LYS A 41 12.64 9.87 2.56
N GLU A 42 12.82 8.65 3.07
CA GLU A 42 13.91 8.37 3.98
C GLU A 42 15.14 7.92 3.19
N TYR A 43 15.19 6.63 2.90
CA TYR A 43 16.27 6.06 2.09
C TYR A 43 15.71 5.49 0.79
N CYS A 44 14.47 5.88 0.50
CA CYS A 44 13.69 5.34 -0.63
C CYS A 44 13.24 3.92 -0.32
N GLU A 45 13.62 3.44 0.85
CA GLU A 45 13.21 2.13 1.36
C GLU A 45 12.04 2.36 2.30
N GLY A 46 11.15 1.38 2.42
CA GLY A 46 10.00 1.52 3.28
C GLY A 46 9.04 0.35 3.20
N LEU A 47 9.14 -0.56 4.17
CA LEU A 47 8.18 -1.65 4.36
C LEU A 47 8.37 -2.75 3.32
N GLN A 48 8.51 -3.97 3.79
CA GLN A 48 8.64 -5.13 2.92
C GLN A 48 7.42 -6.04 3.06
N PHE A 49 7.46 -7.17 2.40
CA PHE A 49 6.27 -8.00 2.25
C PHE A 49 6.00 -8.91 3.45
N HIS A 50 7.02 -9.21 4.24
CA HIS A 50 6.84 -10.10 5.39
C HIS A 50 6.47 -9.29 6.63
N GLU A 51 6.92 -8.05 6.64
CA GLU A 51 6.62 -7.13 7.73
C GLU A 51 5.30 -6.40 7.45
N LEU A 52 4.71 -6.66 6.30
CA LEU A 52 3.41 -6.12 5.96
C LEU A 52 2.33 -6.96 6.61
N THR A 53 1.72 -6.42 7.64
CA THR A 53 0.69 -7.14 8.39
C THR A 53 -0.50 -6.21 8.67
N GLU A 54 -1.55 -6.78 9.24
CA GLU A 54 -2.68 -6.00 9.73
C GLU A 54 -2.17 -5.00 10.77
N ASP A 55 -1.22 -5.46 11.59
CA ASP A 55 -0.59 -4.60 12.59
C ASP A 55 0.09 -3.41 11.91
N PHE A 56 0.76 -3.66 10.79
CA PHE A 56 1.42 -2.58 10.07
C PHE A 56 0.41 -1.60 9.50
N LEU A 57 -0.66 -2.11 8.90
CA LEU A 57 -1.74 -1.27 8.40
C LEU A 57 -2.26 -0.36 9.51
N ARG A 58 -2.41 -0.94 10.69
CA ARG A 58 -2.82 -0.21 11.88
C ARG A 58 -1.74 0.80 12.32
N ASP A 59 -0.48 0.37 12.30
CA ASP A 59 0.62 1.21 12.75
C ASP A 59 0.86 2.38 11.80
N TYR A 60 0.81 2.09 10.50
CA TYR A 60 1.02 3.11 9.48
C TYR A 60 -0.12 4.12 9.52
N LEU A 61 -1.31 3.64 9.87
CA LEU A 61 -2.47 4.51 10.07
C LEU A 61 -2.17 5.52 11.17
N ILE A 62 -1.68 5.02 12.30
CA ILE A 62 -1.31 5.87 13.42
C ILE A 62 -0.18 6.82 13.02
N TYR A 63 0.84 6.28 12.36
CA TYR A 63 1.98 7.06 11.88
C TYR A 63 1.50 8.18 10.95
N MET A 64 0.50 7.88 10.14
CA MET A 64 -0.09 8.83 9.21
C MET A 64 -0.70 10.01 9.97
N LYS A 65 -1.40 9.70 11.04
CA LYS A 65 -2.09 10.71 11.83
C LYS A 65 -1.11 11.46 12.74
N LYS A 66 -0.18 10.71 13.33
CA LYS A 66 0.76 11.27 14.28
C LYS A 66 1.84 12.09 13.57
N THR A 67 2.65 11.42 12.77
CA THR A 67 3.80 12.06 12.13
C THR A 67 3.39 12.85 10.89
N LEU A 68 2.63 12.21 10.00
CA LEU A 68 2.28 12.82 8.72
C LEU A 68 1.17 13.86 8.89
N CYS A 69 0.50 13.81 10.05
CA CYS A 69 -0.51 14.81 10.41
C CYS A 69 -1.73 14.75 9.48
N ASN A 70 -2.00 13.57 8.93
CA ASN A 70 -3.15 13.41 8.05
C ASN A 70 -4.27 12.67 8.76
N ALA A 71 -5.49 12.96 8.34
CA ALA A 71 -6.68 12.39 8.96
C ALA A 71 -6.91 10.94 8.51
N ASP A 72 -7.79 10.25 9.23
CA ASP A 72 -8.11 8.85 8.95
C ASP A 72 -8.59 8.68 7.51
N SER A 73 -9.38 9.63 7.03
CA SER A 73 -9.94 9.56 5.69
C SER A 73 -8.83 9.50 4.64
N THR A 74 -7.78 10.29 4.84
CA THR A 74 -6.65 10.32 3.93
C THR A 74 -5.82 9.05 4.07
N ALA A 75 -5.62 8.63 5.31
CA ALA A 75 -4.85 7.43 5.61
C ALA A 75 -5.49 6.19 5.01
N GLN A 76 -6.80 6.06 5.22
CA GLN A 76 -7.56 4.94 4.70
C GLN A 76 -7.44 4.85 3.19
N ARG A 77 -7.47 5.99 2.52
CA ARG A 77 -7.37 6.03 1.07
C ARG A 77 -5.97 5.66 0.61
N ASN A 78 -4.96 6.10 1.33
CA ASN A 78 -3.58 5.74 1.00
C ASN A 78 -3.37 4.24 1.20
N LEU A 79 -3.97 3.71 2.26
CA LEU A 79 -3.91 2.29 2.54
C LEU A 79 -4.70 1.50 1.49
N SER A 80 -5.77 2.10 1.00
CA SER A 80 -6.60 1.49 -0.03
C SER A 80 -5.80 1.28 -1.33
N THR A 81 -4.86 2.18 -1.61
CA THR A 81 -3.99 2.01 -2.77
C THR A 81 -2.92 0.94 -2.49
N ILE A 82 -2.58 0.79 -1.21
CA ILE A 82 -1.61 -0.22 -0.80
C ILE A 82 -2.14 -1.63 -1.03
N LYS A 83 -3.37 -1.88 -0.63
CA LYS A 83 -3.99 -3.19 -0.81
C LYS A 83 -4.03 -3.58 -2.28
N ILE A 84 -4.10 -2.59 -3.17
CA ILE A 84 -4.10 -2.87 -4.60
C ILE A 84 -2.80 -3.57 -5.02
N TYR A 85 -1.65 -3.00 -4.68
CA TYR A 85 -0.38 -3.57 -5.12
C TYR A 85 -0.06 -4.85 -4.34
N VAL A 86 -0.48 -4.89 -3.09
CA VAL A 86 -0.33 -6.09 -2.27
C VAL A 86 -1.15 -7.22 -2.87
N SER A 87 -2.41 -6.92 -3.15
CA SER A 87 -3.31 -7.87 -3.78
C SER A 87 -2.76 -8.34 -5.13
N ALA A 88 -2.14 -7.44 -5.88
CA ALA A 88 -1.52 -7.78 -7.15
C ALA A 88 -0.34 -8.74 -6.96
N ALA A 89 0.36 -8.57 -5.85
CA ALA A 89 1.49 -9.45 -5.52
C ALA A 89 0.98 -10.79 -5.02
N ILE A 90 -0.19 -10.80 -4.43
CA ILE A 90 -0.75 -12.04 -3.91
C ILE A 90 -1.16 -12.97 -5.04
N LYS A 91 -1.77 -12.43 -6.09
CA LYS A 91 -2.21 -13.26 -7.22
C LYS A 91 -1.02 -13.87 -7.94
N LYS A 92 0.09 -13.15 -8.00
CA LYS A 92 1.28 -13.63 -8.71
C LYS A 92 2.18 -14.42 -7.77
N GLY A 93 1.77 -14.51 -6.51
CA GLY A 93 2.45 -15.37 -5.56
C GLY A 93 3.72 -14.75 -4.98
N TYR A 94 3.84 -13.44 -5.11
CA TYR A 94 4.97 -12.74 -4.50
C TYR A 94 4.65 -12.46 -3.04
N MET A 95 3.35 -12.31 -2.77
CA MET A 95 2.84 -12.21 -1.42
C MET A 95 2.05 -13.47 -1.13
N GLU A 96 2.40 -14.17 -0.07
CA GLU A 96 1.89 -15.51 0.19
C GLU A 96 0.52 -15.51 0.84
N ASN A 97 0.27 -14.58 1.74
CA ASN A 97 -0.94 -14.64 2.54
C ASN A 97 -1.55 -13.26 2.70
N ASP A 98 -2.88 -13.23 2.79
CA ASP A 98 -3.59 -11.96 2.92
C ASP A 98 -3.50 -11.42 4.33
N PRO A 99 -3.31 -10.10 4.46
CA PRO A 99 -3.40 -9.40 5.72
C PRO A 99 -4.79 -8.79 5.93
N PHE A 100 -5.49 -8.53 4.83
CA PHE A 100 -6.78 -7.85 4.88
C PHE A 100 -7.89 -8.83 5.15
N LYS A 101 -7.60 -10.11 4.99
CA LYS A 101 -8.55 -11.15 5.34
C LYS A 101 -8.81 -11.13 6.84
N ASP A 102 -7.75 -10.89 7.61
CA ASP A 102 -7.87 -10.75 9.05
C ASP A 102 -8.21 -9.32 9.43
N PHE A 103 -7.77 -8.38 8.59
CA PHE A 103 -8.06 -6.97 8.78
C PHE A 103 -9.56 -6.74 8.73
N GLY A 104 -10.25 -7.50 7.88
CA GLY A 104 -11.69 -7.49 7.88
C GLY A 104 -12.24 -8.22 9.09
N LEU A 105 -12.06 -9.54 9.10
CA LEU A 105 -12.48 -10.38 10.22
C LEU A 105 -12.18 -11.84 9.91
N GLU A 106 -11.77 -12.60 10.92
CA GLU A 106 -11.53 -14.02 10.76
C GLU A 106 -12.87 -14.76 10.74
N HIS A 107 -13.42 -14.93 9.54
CA HIS A 107 -14.73 -15.51 9.38
C HIS A 107 -14.64 -17.04 9.38
N HIS A 108 -15.23 -17.65 10.39
CA HIS A 108 -15.22 -19.10 10.53
C HIS A 108 -16.16 -19.75 9.53
N HIS A 109 -15.72 -19.79 8.28
CA HIS A 109 -16.42 -20.51 7.24
C HIS A 109 -16.05 -21.99 7.32
N HIS A 110 -16.99 -22.82 7.79
CA HIS A 110 -16.74 -24.25 7.96
C HIS A 110 -15.61 -24.42 8.98
N HIS A 111 -14.71 -25.38 8.74
CA HIS A 111 -13.51 -25.55 9.58
C HIS A 111 -13.87 -26.05 10.98
N HIS A 112 -15.07 -26.55 11.14
CA HIS A 112 -15.52 -27.10 12.41
C HIS A 112 -15.72 -28.60 12.30
N MET A 1 18.22 0.38 -21.06
CA MET A 1 18.25 -1.03 -21.49
C MET A 1 18.47 -1.95 -20.29
N ASN A 2 19.54 -1.70 -19.56
CA ASN A 2 19.87 -2.52 -18.41
C ASN A 2 19.10 -2.04 -17.19
N ASN A 3 18.90 -2.93 -16.22
CA ASN A 3 18.05 -2.66 -15.07
C ASN A 3 16.62 -2.33 -15.55
N PRO A 4 15.84 -3.36 -15.88
CA PRO A 4 14.49 -3.18 -16.43
C PRO A 4 13.54 -2.53 -15.42
N SER A 5 13.51 -3.08 -14.22
CA SER A 5 12.68 -2.54 -13.16
C SER A 5 13.42 -1.44 -12.40
N ASP A 6 12.96 -0.20 -12.57
CA ASP A 6 13.58 0.95 -11.91
C ASP A 6 13.00 1.15 -10.53
N PHE A 7 12.17 0.21 -10.13
CA PHE A 7 11.49 0.29 -8.85
C PHE A 7 11.88 -0.85 -7.93
N LYS A 8 12.66 -0.52 -6.92
CA LYS A 8 13.00 -1.46 -5.86
C LYS A 8 12.03 -1.29 -4.70
N SER A 9 11.33 -0.17 -4.71
CA SER A 9 10.52 0.23 -3.58
C SER A 9 9.05 -0.04 -3.84
N PHE A 10 8.32 -0.41 -2.78
CA PHE A 10 6.89 -0.63 -2.87
C PHE A 10 6.18 0.59 -3.44
N HIS A 11 6.58 1.79 -2.97
CA HIS A 11 5.95 3.02 -3.42
C HIS A 11 6.21 3.29 -4.89
N ASP A 12 7.37 2.88 -5.38
CA ASP A 12 7.72 3.07 -6.78
C ASP A 12 7.08 2.00 -7.66
N PHE A 13 6.95 0.80 -7.12
CA PHE A 13 6.26 -0.28 -7.82
C PHE A 13 4.81 0.12 -8.08
N VAL A 14 4.16 0.61 -7.02
CA VAL A 14 2.78 1.08 -7.13
C VAL A 14 2.67 2.20 -8.15
N ALA A 15 3.60 3.15 -8.08
CA ALA A 15 3.62 4.30 -8.99
C ALA A 15 3.78 3.85 -10.43
N SER A 16 4.65 2.88 -10.68
CA SER A 16 4.90 2.38 -12.01
C SER A 16 3.69 1.62 -12.54
N TYR A 17 3.10 0.78 -11.71
CA TYR A 17 1.89 0.05 -12.07
C TYR A 17 0.74 1.04 -12.29
N MET A 18 0.76 2.10 -11.49
CA MET A 18 -0.27 3.12 -11.55
C MET A 18 -0.15 3.96 -12.82
N LYS A 19 1.05 4.05 -13.38
CA LYS A 19 1.25 4.76 -14.65
C LYS A 19 0.27 4.28 -15.72
N THR A 20 0.15 2.96 -15.87
CA THR A 20 -0.79 2.38 -16.82
C THR A 20 -2.22 2.60 -16.34
N TYR A 21 -2.40 2.58 -15.04
CA TYR A 21 -3.70 2.82 -14.41
C TYR A 21 -4.13 4.28 -14.63
N SER A 22 -3.15 5.16 -14.72
CA SER A 22 -3.39 6.59 -14.89
C SER A 22 -3.90 6.89 -16.29
N ARG A 23 -3.78 5.93 -17.20
CA ARG A 23 -4.36 6.06 -18.52
C ARG A 23 -5.88 6.16 -18.41
N ARG A 24 -6.42 5.49 -17.40
CA ARG A 24 -7.85 5.49 -17.15
C ARG A 24 -8.18 6.37 -15.95
N LEU A 25 -7.22 7.17 -15.53
CA LEU A 25 -7.37 8.01 -14.35
C LEU A 25 -7.10 9.47 -14.70
N GLU A 26 -7.85 10.37 -14.11
CA GLU A 26 -7.61 11.79 -14.25
C GLU A 26 -6.33 12.18 -13.53
N ILE A 27 -5.72 13.27 -13.98
CA ILE A 27 -4.51 13.79 -13.35
C ILE A 27 -4.83 14.29 -11.94
N GLY A 28 -6.03 14.83 -11.78
CA GLY A 28 -6.46 15.34 -10.49
C GLY A 28 -6.39 14.28 -9.40
N THR A 29 -7.11 13.19 -9.59
CA THR A 29 -7.12 12.10 -8.63
C THR A 29 -5.73 11.44 -8.54
N PHE A 30 -5.09 11.21 -9.69
CA PHE A 30 -3.74 10.65 -9.73
C PHE A 30 -2.79 11.43 -8.83
N ARG A 31 -2.73 12.74 -9.00
CA ARG A 31 -1.77 13.57 -8.26
C ARG A 31 -2.18 13.69 -6.79
N HIS A 32 -3.46 13.44 -6.49
CA HIS A 32 -3.96 13.52 -5.13
C HIS A 32 -3.33 12.42 -4.27
N HIS A 33 -2.91 11.35 -4.93
CA HIS A 33 -2.22 10.26 -4.26
C HIS A 33 -0.97 9.90 -5.05
N LYS A 34 -0.32 10.94 -5.56
CA LYS A 34 0.84 10.78 -6.43
C LYS A 34 2.06 10.30 -5.65
N SER A 35 2.61 11.17 -4.81
CA SER A 35 3.80 10.83 -4.07
C SER A 35 3.46 10.26 -2.70
N CYS A 36 2.98 11.13 -1.81
CA CYS A 36 2.60 10.77 -0.43
C CYS A 36 3.62 9.85 0.26
N MET A 37 3.48 8.55 0.05
CA MET A 37 4.37 7.56 0.65
C MET A 37 5.76 7.61 0.00
N ARG A 38 5.81 8.05 -1.25
CA ARG A 38 7.07 8.17 -1.98
C ARG A 38 7.84 9.38 -1.48
N LYS A 39 7.07 10.36 -1.04
CA LYS A 39 7.62 11.61 -0.53
C LYS A 39 8.03 11.48 0.93
N PHE A 40 7.26 10.72 1.69
CA PHE A 40 7.55 10.50 3.09
C PHE A 40 8.76 9.57 3.23
N LYS A 41 8.93 8.71 2.25
CA LYS A 41 10.02 7.74 2.26
C LYS A 41 10.64 7.59 0.87
N GLU A 42 11.76 8.25 0.67
CA GLU A 42 12.52 8.13 -0.57
C GLU A 42 13.03 6.70 -0.71
N TYR A 43 13.96 6.35 0.16
CA TYR A 43 14.51 5.01 0.25
C TYR A 43 14.31 4.48 1.65
N CYS A 44 13.70 3.31 1.76
CA CYS A 44 13.32 2.77 3.05
C CYS A 44 13.41 1.25 3.05
N GLU A 45 12.32 0.59 2.60
CA GLU A 45 12.24 -0.87 2.53
C GLU A 45 12.79 -1.55 3.78
N GLY A 46 13.25 -2.79 3.62
CA GLY A 46 13.75 -3.53 4.75
C GLY A 46 12.67 -4.37 5.40
N LEU A 47 11.42 -4.08 5.03
CA LEU A 47 10.30 -4.86 5.50
C LEU A 47 10.06 -6.06 4.61
N GLN A 48 9.43 -7.08 5.15
CA GLN A 48 9.26 -8.34 4.46
C GLN A 48 7.82 -8.58 4.08
N PHE A 49 7.58 -9.73 3.46
CA PHE A 49 6.27 -10.09 2.95
C PHE A 49 5.26 -10.32 4.08
N HIS A 50 5.61 -11.17 5.02
CA HIS A 50 4.70 -11.52 6.10
C HIS A 50 4.83 -10.50 7.23
N GLU A 51 5.66 -9.50 6.99
CA GLU A 51 5.78 -8.38 7.91
C GLU A 51 4.65 -7.39 7.64
N LEU A 52 4.23 -7.34 6.38
CA LEU A 52 3.12 -6.49 5.96
C LEU A 52 1.81 -7.13 6.45
N THR A 53 1.45 -6.82 7.68
CA THR A 53 0.30 -7.44 8.33
C THR A 53 -0.57 -6.40 9.02
N GLU A 54 -1.63 -6.86 9.68
CA GLU A 54 -2.53 -6.01 10.44
C GLU A 54 -1.75 -5.13 11.41
N ASP A 55 -0.78 -5.74 12.09
CA ASP A 55 0.06 -5.05 13.06
C ASP A 55 0.78 -3.87 12.41
N PHE A 56 1.23 -4.05 11.17
CA PHE A 56 1.94 -3.01 10.44
C PHE A 56 0.99 -1.87 10.08
N LEU A 57 -0.12 -2.23 9.44
CA LEU A 57 -1.12 -1.26 9.01
C LEU A 57 -1.65 -0.48 10.21
N ARG A 58 -1.79 -1.18 11.33
CA ARG A 58 -2.27 -0.58 12.57
C ARG A 58 -1.35 0.56 13.01
N ASP A 59 -0.06 0.27 13.09
CA ASP A 59 0.92 1.24 13.56
C ASP A 59 1.13 2.37 12.55
N TYR A 60 1.22 2.00 11.27
CA TYR A 60 1.47 2.97 10.23
C TYR A 60 0.29 3.94 10.12
N LEU A 61 -0.91 3.41 10.30
CA LEU A 61 -2.12 4.23 10.32
C LEU A 61 -2.03 5.26 11.44
N ILE A 62 -1.75 4.77 12.64
CA ILE A 62 -1.63 5.64 13.82
C ILE A 62 -0.54 6.69 13.64
N TYR A 63 0.61 6.27 13.11
CA TYR A 63 1.72 7.18 12.86
C TYR A 63 1.31 8.27 11.87
N MET A 64 0.61 7.86 10.84
CA MET A 64 0.18 8.76 9.78
C MET A 64 -0.88 9.74 10.28
N LYS A 65 -1.83 9.22 11.05
CA LYS A 65 -2.93 10.05 11.54
C LYS A 65 -2.50 10.98 12.67
N LYS A 66 -1.34 10.71 13.27
CA LYS A 66 -0.81 11.57 14.32
C LYS A 66 0.25 12.52 13.77
N THR A 67 1.34 11.95 13.28
CA THR A 67 2.50 12.73 12.89
C THR A 67 2.29 13.44 11.55
N LEU A 68 1.71 12.74 10.59
CA LEU A 68 1.56 13.29 9.24
C LEU A 68 0.38 14.27 9.17
N CYS A 69 -0.29 14.46 10.31
CA CYS A 69 -1.32 15.48 10.46
C CYS A 69 -2.50 15.26 9.52
N ASN A 70 -2.74 14.01 9.16
CA ASN A 70 -3.89 13.67 8.33
C ASN A 70 -4.78 12.68 9.07
N ALA A 71 -6.07 12.71 8.78
CA ALA A 71 -7.01 11.82 9.43
C ALA A 71 -6.97 10.44 8.81
N ASP A 72 -7.58 9.47 9.49
CA ASP A 72 -7.65 8.09 9.01
C ASP A 72 -8.33 8.02 7.65
N SER A 73 -9.32 8.88 7.44
CA SER A 73 -10.03 8.94 6.16
C SER A 73 -9.06 9.18 5.01
N THR A 74 -8.06 10.02 5.24
CA THR A 74 -7.04 10.30 4.25
C THR A 74 -5.99 9.18 4.25
N ALA A 75 -5.60 8.76 5.45
CA ALA A 75 -4.57 7.74 5.63
C ALA A 75 -4.96 6.42 4.97
N GLN A 76 -6.24 6.09 5.00
CA GLN A 76 -6.75 4.88 4.41
C GLN A 76 -6.50 4.85 2.90
N ARG A 77 -6.53 6.02 2.27
CA ARG A 77 -6.21 6.12 0.85
C ARG A 77 -4.74 5.83 0.61
N ASN A 78 -3.89 6.30 1.53
CA ASN A 78 -2.46 6.08 1.45
C ASN A 78 -2.14 4.60 1.73
N LEU A 79 -3.03 3.95 2.45
CA LEU A 79 -2.90 2.52 2.71
C LEU A 79 -3.41 1.72 1.51
N SER A 80 -4.43 2.25 0.85
CA SER A 80 -5.05 1.59 -0.28
C SER A 80 -4.10 1.53 -1.50
N THR A 81 -3.14 2.44 -1.55
CA THR A 81 -2.14 2.40 -2.62
C THR A 81 -1.16 1.25 -2.39
N ILE A 82 -0.83 1.01 -1.13
CA ILE A 82 0.00 -0.12 -0.75
C ILE A 82 -0.75 -1.42 -1.02
N LYS A 83 -2.08 -1.37 -0.88
CA LYS A 83 -2.93 -2.52 -1.15
C LYS A 83 -2.81 -2.94 -2.61
N ILE A 84 -2.55 -1.99 -3.49
CA ILE A 84 -2.32 -2.30 -4.90
C ILE A 84 -1.04 -3.13 -5.06
N TYR A 85 -0.02 -2.80 -4.28
CA TYR A 85 1.24 -3.52 -4.28
C TYR A 85 1.04 -4.92 -3.70
N VAL A 86 0.41 -4.97 -2.53
CA VAL A 86 0.15 -6.22 -1.84
C VAL A 86 -0.73 -7.13 -2.70
N SER A 87 -1.78 -6.58 -3.27
CA SER A 87 -2.70 -7.32 -4.12
C SER A 87 -2.00 -7.94 -5.32
N ALA A 88 -1.06 -7.20 -5.92
CA ALA A 88 -0.28 -7.72 -7.04
C ALA A 88 0.56 -8.92 -6.57
N ALA A 89 1.09 -8.80 -5.36
CA ALA A 89 1.88 -9.87 -4.76
C ALA A 89 1.01 -11.05 -4.36
N ILE A 90 -0.28 -10.80 -4.19
CA ILE A 90 -1.20 -11.87 -3.85
C ILE A 90 -1.46 -12.77 -5.05
N LYS A 91 -1.64 -12.17 -6.23
CA LYS A 91 -1.99 -12.95 -7.42
C LYS A 91 -0.82 -13.78 -7.90
N LYS A 92 0.34 -13.14 -8.00
CA LYS A 92 1.56 -13.80 -8.40
C LYS A 92 2.77 -13.07 -7.83
N GLY A 93 2.90 -13.11 -6.52
CA GLY A 93 4.04 -12.49 -5.87
C GLY A 93 4.61 -13.33 -4.76
N TYR A 94 4.02 -13.23 -3.58
CA TYR A 94 4.55 -13.89 -2.39
C TYR A 94 3.56 -13.82 -1.24
N MET A 95 2.58 -12.94 -1.36
CA MET A 95 1.56 -12.75 -0.34
C MET A 95 0.47 -13.79 -0.47
N GLU A 96 0.04 -14.32 0.67
CA GLU A 96 -1.03 -15.30 0.71
C GLU A 96 -2.37 -14.58 0.56
N ASN A 97 -2.54 -13.54 1.37
CA ASN A 97 -3.71 -12.67 1.29
C ASN A 97 -3.30 -11.27 1.69
N ASP A 98 -4.24 -10.34 1.64
CA ASP A 98 -3.97 -8.97 2.01
C ASP A 98 -4.22 -8.77 3.49
N PRO A 99 -3.44 -7.90 4.13
CA PRO A 99 -3.61 -7.58 5.56
C PRO A 99 -4.94 -6.89 5.83
N PHE A 100 -5.54 -6.36 4.78
CA PHE A 100 -6.83 -5.66 4.89
C PHE A 100 -7.97 -6.66 5.03
N LYS A 101 -7.71 -7.90 4.65
CA LYS A 101 -8.66 -8.98 4.81
C LYS A 101 -8.83 -9.28 6.30
N ASP A 102 -7.73 -9.18 7.01
CA ASP A 102 -7.70 -9.52 8.43
C ASP A 102 -7.68 -8.26 9.27
N PHE A 103 -7.83 -7.12 8.61
CA PHE A 103 -7.79 -5.82 9.27
C PHE A 103 -9.14 -5.52 9.89
N GLY A 104 -9.36 -6.11 11.05
CA GLY A 104 -10.61 -5.93 11.76
C GLY A 104 -11.34 -7.25 11.93
N LEU A 105 -12.12 -7.63 10.91
CA LEU A 105 -12.85 -8.90 10.89
C LEU A 105 -13.73 -9.07 12.13
N GLU A 106 -14.97 -8.62 12.06
CA GLU A 106 -15.89 -8.74 13.17
C GLU A 106 -16.33 -10.20 13.32
N HIS A 107 -17.01 -10.50 14.43
CA HIS A 107 -17.30 -11.87 14.84
C HIS A 107 -15.99 -12.62 15.08
N HIS A 108 -15.36 -12.32 16.20
CA HIS A 108 -14.14 -13.01 16.61
C HIS A 108 -14.17 -13.23 18.11
N HIS A 109 -13.59 -14.34 18.56
CA HIS A 109 -13.64 -14.76 19.97
C HIS A 109 -15.05 -15.25 20.31
N HIS A 110 -15.29 -15.49 21.60
CA HIS A 110 -16.60 -15.96 22.07
C HIS A 110 -16.96 -17.32 21.50
N HIS A 111 -16.04 -18.28 21.65
CA HIS A 111 -16.33 -19.66 21.29
C HIS A 111 -17.19 -20.27 22.38
N HIS A 112 -16.88 -19.87 23.60
CA HIS A 112 -17.69 -20.20 24.77
C HIS A 112 -17.44 -19.15 25.83
N MET A 1 13.19 -15.11 -7.47
CA MET A 1 11.85 -15.59 -7.05
C MET A 1 11.08 -14.45 -6.37
N ASN A 2 10.91 -13.36 -7.12
CA ASN A 2 10.34 -12.12 -6.58
C ASN A 2 11.29 -11.50 -5.57
N ASN A 3 12.20 -10.68 -6.07
CA ASN A 3 13.22 -10.08 -5.22
C ASN A 3 12.60 -9.06 -4.28
N PRO A 4 13.10 -8.99 -3.04
CA PRO A 4 12.68 -7.99 -2.07
C PRO A 4 13.13 -6.60 -2.49
N SER A 5 12.20 -5.82 -3.03
CA SER A 5 12.48 -4.51 -3.57
C SER A 5 13.37 -4.60 -4.81
N ASP A 6 12.75 -4.96 -5.95
CA ASP A 6 13.46 -4.97 -7.22
C ASP A 6 13.45 -3.57 -7.81
N PHE A 7 12.90 -2.67 -7.03
CA PHE A 7 12.90 -1.26 -7.30
C PHE A 7 13.47 -0.56 -6.06
N LYS A 8 14.06 0.61 -6.25
CA LYS A 8 14.68 1.33 -5.15
C LYS A 8 13.66 1.80 -4.12
N SER A 9 12.42 1.93 -4.56
CA SER A 9 11.33 2.28 -3.65
C SER A 9 10.08 1.49 -4.00
N PHE A 10 9.24 1.25 -3.00
CA PHE A 10 7.95 0.60 -3.25
C PHE A 10 7.07 1.50 -4.09
N HIS A 11 7.29 2.81 -3.96
CA HIS A 11 6.59 3.79 -4.80
C HIS A 11 6.83 3.50 -6.28
N ASP A 12 8.06 3.12 -6.58
CA ASP A 12 8.46 2.81 -7.96
C ASP A 12 7.78 1.55 -8.45
N PHE A 13 7.64 0.57 -7.57
CA PHE A 13 6.97 -0.67 -7.90
C PHE A 13 5.47 -0.42 -8.07
N VAL A 14 4.89 0.32 -7.12
CA VAL A 14 3.47 0.66 -7.16
C VAL A 14 3.14 1.43 -8.43
N ALA A 15 3.96 2.44 -8.74
CA ALA A 15 3.71 3.31 -9.89
C ALA A 15 3.62 2.53 -11.18
N SER A 16 4.38 1.44 -11.28
CA SER A 16 4.39 0.60 -12.46
C SER A 16 2.99 0.02 -12.71
N TYR A 17 2.36 -0.50 -11.67
CA TYR A 17 1.00 -0.99 -11.79
C TYR A 17 0.01 0.17 -11.79
N MET A 18 0.31 1.17 -10.97
CA MET A 18 -0.57 2.32 -10.77
C MET A 18 -0.86 3.06 -12.08
N LYS A 19 0.17 3.23 -12.91
CA LYS A 19 0.03 3.99 -14.15
C LYS A 19 -0.99 3.36 -15.10
N THR A 20 -1.24 2.06 -14.91
CA THR A 20 -2.17 1.34 -15.77
C THR A 20 -3.56 1.97 -15.74
N TYR A 21 -4.17 2.03 -14.56
CA TYR A 21 -5.51 2.57 -14.44
C TYR A 21 -5.47 4.09 -14.33
N SER A 22 -4.34 4.62 -13.84
CA SER A 22 -4.18 6.07 -13.71
C SER A 22 -4.06 6.73 -15.09
N ARG A 23 -3.76 5.92 -16.10
CA ARG A 23 -3.70 6.40 -17.47
C ARG A 23 -5.09 6.85 -17.91
N ARG A 24 -6.11 6.30 -17.28
CA ARG A 24 -7.49 6.65 -17.60
C ARG A 24 -8.10 7.53 -16.53
N LEU A 25 -7.23 8.20 -15.77
CA LEU A 25 -7.67 9.15 -14.77
C LEU A 25 -7.48 10.56 -15.29
N GLU A 26 -8.09 11.51 -14.63
CA GLU A 26 -7.86 12.90 -14.91
C GLU A 26 -6.58 13.37 -14.23
N ILE A 27 -6.10 14.52 -14.64
CA ILE A 27 -4.89 15.10 -14.05
C ILE A 27 -5.08 15.31 -12.56
N GLY A 28 -6.25 15.83 -12.17
CA GLY A 28 -6.54 16.06 -10.78
C GLY A 28 -6.61 14.77 -9.98
N THR A 29 -7.12 13.72 -10.61
CA THR A 29 -7.26 12.43 -9.97
C THR A 29 -5.90 11.71 -9.87
N PHE A 30 -5.16 11.72 -10.97
CA PHE A 30 -3.81 11.16 -10.99
C PHE A 30 -2.95 11.85 -9.94
N ARG A 31 -2.96 13.19 -9.97
CA ARG A 31 -2.15 13.99 -9.06
C ARG A 31 -2.62 13.84 -7.61
N HIS A 32 -3.87 13.42 -7.44
CA HIS A 32 -4.46 13.25 -6.12
C HIS A 32 -3.67 12.23 -5.29
N HIS A 33 -2.95 11.36 -5.97
CA HIS A 33 -2.10 10.37 -5.29
C HIS A 33 -0.71 10.34 -5.91
N LYS A 34 -0.19 11.52 -6.25
CA LYS A 34 1.16 11.67 -6.77
C LYS A 34 2.16 11.95 -5.65
N SER A 35 2.08 13.16 -5.09
CA SER A 35 3.07 13.65 -4.14
C SER A 35 2.95 12.95 -2.78
N CYS A 36 1.79 12.37 -2.52
CA CYS A 36 1.54 11.70 -1.24
C CYS A 36 2.61 10.64 -0.96
N MET A 37 2.74 9.68 -1.86
CA MET A 37 3.72 8.60 -1.68
C MET A 37 5.14 9.13 -1.77
N ARG A 38 5.31 10.25 -2.47
CA ARG A 38 6.63 10.81 -2.74
C ARG A 38 7.28 11.35 -1.47
N LYS A 39 6.50 12.06 -0.66
CA LYS A 39 7.04 12.72 0.52
C LYS A 39 7.16 11.74 1.70
N PHE A 40 6.54 10.57 1.57
CA PHE A 40 6.52 9.59 2.64
C PHE A 40 7.80 8.77 2.68
N LYS A 41 8.75 9.11 1.83
CA LYS A 41 9.99 8.37 1.76
C LYS A 41 10.99 8.94 2.74
N GLU A 42 11.02 8.37 3.91
CA GLU A 42 12.11 8.55 4.84
C GLU A 42 13.07 7.37 4.71
N TYR A 43 12.58 6.20 5.07
CA TYR A 43 13.36 4.97 4.96
C TYR A 43 12.52 3.83 4.42
N CYS A 44 12.83 3.39 3.22
CA CYS A 44 12.21 2.20 2.66
C CYS A 44 13.05 0.98 3.01
N GLU A 45 12.87 0.52 4.24
CA GLU A 45 13.69 -0.55 4.81
C GLU A 45 13.39 -1.89 4.14
N GLY A 46 14.10 -2.93 4.57
CA GLY A 46 13.92 -4.25 4.03
C GLY A 46 12.65 -4.89 4.51
N LEU A 47 11.55 -4.59 3.83
CA LEU A 47 10.27 -5.15 4.16
C LEU A 47 10.08 -6.51 3.47
N GLN A 48 10.10 -7.57 4.27
CA GLN A 48 9.86 -8.91 3.75
C GLN A 48 8.35 -9.18 3.65
N PHE A 49 8.01 -10.35 3.12
CA PHE A 49 6.61 -10.72 2.90
C PHE A 49 5.81 -10.70 4.20
N HIS A 50 6.40 -11.17 5.28
CA HIS A 50 5.71 -11.25 6.56
C HIS A 50 5.93 -9.96 7.38
N GLU A 51 6.53 -8.96 6.75
CA GLU A 51 6.68 -7.67 7.39
C GLU A 51 5.46 -6.81 7.07
N LEU A 52 4.83 -7.11 5.95
CA LEU A 52 3.59 -6.45 5.56
C LEU A 52 2.41 -7.19 6.17
N THR A 53 2.04 -6.81 7.39
CA THR A 53 1.00 -7.51 8.13
C THR A 53 -0.12 -6.56 8.54
N GLU A 54 -1.15 -7.10 9.17
CA GLU A 54 -2.21 -6.30 9.75
C GLU A 54 -1.65 -5.38 10.82
N ASP A 55 -0.68 -5.89 11.57
CA ASP A 55 0.00 -5.12 12.59
C ASP A 55 0.69 -3.92 11.96
N PHE A 56 1.37 -4.17 10.83
CA PHE A 56 2.05 -3.11 10.11
C PHE A 56 1.05 -2.03 9.67
N LEU A 57 -0.02 -2.46 9.02
CA LEU A 57 -1.06 -1.54 8.55
C LEU A 57 -1.65 -0.76 9.72
N ARG A 58 -1.90 -1.45 10.82
CA ARG A 58 -2.49 -0.85 12.01
C ARG A 58 -1.56 0.19 12.62
N ASP A 59 -0.31 -0.19 12.82
CA ASP A 59 0.66 0.69 13.46
C ASP A 59 1.02 1.86 12.55
N TYR A 60 1.13 1.59 11.26
CA TYR A 60 1.45 2.61 10.28
C TYR A 60 0.31 3.62 10.21
N LEU A 61 -0.91 3.12 10.35
CA LEU A 61 -2.11 3.95 10.40
C LEU A 61 -2.05 4.88 11.61
N ILE A 62 -1.81 4.30 12.78
CA ILE A 62 -1.72 5.07 14.02
C ILE A 62 -0.60 6.11 13.95
N TYR A 63 0.55 5.69 13.44
CA TYR A 63 1.70 6.59 13.28
C TYR A 63 1.33 7.77 12.39
N MET A 64 0.67 7.47 11.28
CA MET A 64 0.26 8.49 10.33
C MET A 64 -0.76 9.44 10.96
N LYS A 65 -1.77 8.85 11.56
CA LYS A 65 -2.83 9.60 12.24
C LYS A 65 -2.25 10.49 13.34
N LYS A 66 -1.44 9.91 14.22
CA LYS A 66 -0.95 10.64 15.40
C LYS A 66 0.23 11.54 15.08
N THR A 67 1.35 10.95 14.68
CA THR A 67 2.60 11.69 14.52
C THR A 67 2.57 12.59 13.29
N LEU A 68 2.06 12.06 12.18
CA LEU A 68 2.01 12.83 10.95
C LEU A 68 0.77 13.72 10.91
N CYS A 69 -0.17 13.43 11.80
CA CYS A 69 -1.41 14.20 11.95
C CYS A 69 -2.24 14.14 10.66
N ASN A 70 -2.32 12.96 10.07
CA ASN A 70 -3.17 12.75 8.91
C ASN A 70 -4.55 12.28 9.34
N ALA A 71 -5.56 12.68 8.60
CA ALA A 71 -6.93 12.28 8.89
C ALA A 71 -7.18 10.85 8.47
N ASP A 72 -8.30 10.30 8.93
CA ASP A 72 -8.67 8.91 8.62
C ASP A 72 -8.68 8.66 7.12
N SER A 73 -9.39 9.48 6.38
CA SER A 73 -9.51 9.30 4.94
C SER A 73 -8.17 9.51 4.24
N THR A 74 -7.34 10.37 4.82
CA THR A 74 -6.01 10.62 4.29
C THR A 74 -5.12 9.40 4.48
N ALA A 75 -5.25 8.76 5.64
CA ALA A 75 -4.48 7.56 5.94
C ALA A 75 -4.98 6.39 5.12
N GLN A 76 -6.30 6.28 5.00
CA GLN A 76 -6.95 5.21 4.26
C GLN A 76 -6.48 5.21 2.79
N ARG A 77 -6.47 6.38 2.17
CA ARG A 77 -6.10 6.48 0.76
C ARG A 77 -4.62 6.17 0.56
N ASN A 78 -3.81 6.44 1.57
CA ASN A 78 -2.39 6.11 1.52
C ASN A 78 -2.19 4.61 1.61
N LEU A 79 -2.84 4.00 2.60
CA LEU A 79 -2.77 2.56 2.78
C LEU A 79 -3.36 1.83 1.58
N SER A 80 -4.32 2.48 0.92
CA SER A 80 -4.92 1.94 -0.30
C SER A 80 -3.87 1.63 -1.35
N THR A 81 -2.95 2.57 -1.60
CA THR A 81 -1.92 2.37 -2.62
C THR A 81 -1.03 1.17 -2.28
N ILE A 82 -0.77 1.00 -0.99
CA ILE A 82 0.01 -0.12 -0.50
C ILE A 82 -0.73 -1.44 -0.70
N LYS A 83 -1.97 -1.50 -0.23
CA LYS A 83 -2.75 -2.72 -0.33
C LYS A 83 -3.01 -3.08 -1.79
N ILE A 84 -3.06 -2.09 -2.66
CA ILE A 84 -3.21 -2.36 -4.09
C ILE A 84 -2.01 -3.17 -4.63
N TYR A 85 -0.79 -2.70 -4.35
CA TYR A 85 0.39 -3.38 -4.89
C TYR A 85 0.62 -4.70 -4.16
N VAL A 86 0.32 -4.73 -2.87
CA VAL A 86 0.41 -5.96 -2.09
C VAL A 86 -0.59 -6.98 -2.62
N SER A 87 -1.80 -6.51 -2.87
CA SER A 87 -2.86 -7.35 -3.41
C SER A 87 -2.49 -7.90 -4.80
N ALA A 88 -1.81 -7.08 -5.61
CA ALA A 88 -1.33 -7.51 -6.90
C ALA A 88 -0.25 -8.59 -6.72
N ALA A 89 0.56 -8.42 -5.70
CA ALA A 89 1.61 -9.37 -5.36
C ALA A 89 1.04 -10.69 -4.86
N ILE A 90 -0.20 -10.64 -4.39
CA ILE A 90 -0.88 -11.84 -3.94
C ILE A 90 -1.40 -12.65 -5.12
N LYS A 91 -1.74 -11.95 -6.20
CA LYS A 91 -2.32 -12.61 -7.37
C LYS A 91 -1.29 -13.47 -8.08
N LYS A 92 -0.09 -12.96 -8.25
CA LYS A 92 0.98 -13.71 -8.90
C LYS A 92 2.33 -13.16 -8.49
N GLY A 93 2.60 -13.22 -7.20
CA GLY A 93 3.88 -12.77 -6.70
C GLY A 93 4.45 -13.68 -5.64
N TYR A 94 4.28 -13.30 -4.39
CA TYR A 94 4.90 -14.03 -3.28
C TYR A 94 4.04 -13.94 -2.03
N MET A 95 3.31 -12.83 -1.89
CA MET A 95 2.43 -12.62 -0.75
C MET A 95 1.34 -13.67 -0.71
N GLU A 96 1.21 -14.35 0.42
CA GLU A 96 0.21 -15.41 0.61
C GLU A 96 -1.19 -14.87 0.40
N ASN A 97 -1.45 -13.80 1.11
CA ASN A 97 -2.81 -13.42 1.43
C ASN A 97 -2.80 -12.00 1.96
N ASP A 98 -3.93 -11.31 1.93
CA ASP A 98 -3.94 -9.91 2.29
C ASP A 98 -3.99 -9.71 3.79
N PRO A 99 -3.26 -8.69 4.27
CA PRO A 99 -3.33 -8.25 5.67
C PRO A 99 -4.50 -7.30 5.87
N PHE A 100 -5.18 -7.02 4.77
CA PHE A 100 -6.31 -6.12 4.73
C PHE A 100 -7.61 -6.91 4.89
N LYS A 101 -7.45 -8.18 5.21
CA LYS A 101 -8.53 -9.13 5.36
C LYS A 101 -9.68 -8.57 6.22
N ASP A 102 -9.33 -8.08 7.40
CA ASP A 102 -10.34 -7.61 8.37
C ASP A 102 -10.75 -6.17 8.08
N PHE A 103 -9.93 -5.48 7.32
CA PHE A 103 -10.25 -4.12 6.92
C PHE A 103 -11.36 -4.15 5.87
N GLY A 104 -11.39 -5.24 5.11
CA GLY A 104 -12.50 -5.48 4.21
C GLY A 104 -13.64 -6.17 4.96
N LEU A 105 -13.38 -7.42 5.36
CA LEU A 105 -14.29 -8.21 6.20
C LEU A 105 -15.68 -8.32 5.57
N GLU A 106 -15.92 -9.40 4.86
CA GLU A 106 -17.22 -9.63 4.24
C GLU A 106 -18.07 -10.57 5.09
N HIS A 107 -19.28 -10.12 5.41
CA HIS A 107 -20.23 -10.95 6.12
C HIS A 107 -21.10 -11.69 5.12
N HIS A 108 -20.99 -13.01 5.13
CA HIS A 108 -21.69 -13.85 4.17
C HIS A 108 -23.18 -13.96 4.53
N HIS A 109 -23.98 -14.38 3.57
CA HIS A 109 -25.41 -14.53 3.77
C HIS A 109 -25.78 -16.01 3.78
N HIS A 110 -26.37 -16.48 4.87
CA HIS A 110 -26.68 -17.90 4.99
C HIS A 110 -27.77 -18.31 4.00
N HIS A 111 -27.54 -19.41 3.31
CA HIS A 111 -28.51 -19.95 2.35
C HIS A 111 -29.60 -20.67 3.11
N HIS A 112 -29.20 -21.57 3.99
CA HIS A 112 -30.12 -22.29 4.85
C HIS A 112 -29.51 -22.41 6.24
#